data_1P1R
#
_entry.id   1P1R
#
_cell.length_a   50.095
_cell.length_b   180.340
_cell.length_c   87.000
_cell.angle_alpha   90.00
_cell.angle_beta   106.36
_cell.angle_gamma   90.00
#
_symmetry.space_group_name_H-M   'P 1 21 1'
#
loop_
_entity.id
_entity.type
_entity.pdbx_description
1 polymer 'Alcohol dehydrogenase E chain'
2 non-polymer 'ZINC ION'
3 non-polymer '1,4-DIHYDRONICOTINAMIDE ADENINE DINUCLEOTIDE'
4 non-polymer (R)-N-(1-METHYL-HEXYL)-FORMAMIDE
5 non-polymer (4S)-2-METHYL-2,4-PENTANEDIOL
6 water water
#
_entity_poly.entity_id   1
_entity_poly.type   'polypeptide(L)'
_entity_poly.pdbx_seq_one_letter_code
;STAGKVIKCKAAVLWEEKKPFSIEEVEVAPPKAHEVRIKMVATGICRSDDHVVSGTLVTPLPVIAGHEAAGIVESIGEGV
TTVRPGDKVIPLFTPQCGKCRVCKHPEGNFCLKNDLSMPRGTMQDGTSRFTCRGKPIHHFLGTSTFSQYTVVDEISVAKI
DAASPLEKVCLIGCGFSTGYGSAVKVAKVTQGSTCAVFGLGGVGLSVIMGCKAAGAARIIGVDINKDKFAKAKEVGATEC
VNPQDYKKPIQEVLTEMSNGGVDFSFEVIGRLDTMVTALSCCQEAYGVSVIVGVPPDSQNLSMNPMLLLSGRTWKGAIFG
GFKSKDSVPKLVADFMAKKFALDPLITHVLPFEKINEGFDLLRSGESIRTILTF
;
_entity_poly.pdbx_strand_id   A,B,C,D
#
# COMPACT_ATOMS: atom_id res chain seq x y z
N SER A 1 2.86 35.64 46.95
CA SER A 1 1.47 35.57 47.50
C SER A 1 0.56 34.50 46.93
N THR A 2 0.75 34.11 45.66
CA THR A 2 -0.04 33.03 45.08
C THR A 2 0.67 31.66 45.15
N ALA A 3 1.90 31.61 45.64
CA ALA A 3 2.66 30.37 45.62
C ALA A 3 1.90 29.27 46.35
N GLY A 4 1.85 28.08 45.78
CA GLY A 4 1.19 26.96 46.46
C GLY A 4 -0.32 26.98 46.45
N LYS A 5 -0.91 27.96 45.77
CA LYS A 5 -2.35 28.11 45.73
C LYS A 5 -2.82 27.99 44.30
N VAL A 6 -4.08 27.56 44.17
CA VAL A 6 -4.81 27.60 42.92
C VAL A 6 -5.03 29.06 42.58
N ILE A 7 -4.70 29.44 41.34
CA ILE A 7 -4.97 30.79 40.84
C ILE A 7 -6.26 30.80 40.01
N LYS A 8 -7.14 31.76 40.33
CA LYS A 8 -8.26 32.01 39.46
C LYS A 8 -7.93 33.20 38.53
N CYS A 9 -8.01 32.97 37.23
CA CYS A 9 -7.66 34.00 36.26
C CYS A 9 -8.45 33.86 34.97
N LYS A 10 -8.26 34.79 34.06
CA LYS A 10 -8.93 34.72 32.76
C LYS A 10 -8.07 33.97 31.76
N ALA A 11 -8.74 33.18 30.94
CA ALA A 11 -8.09 32.54 29.80
C ALA A 11 -9.04 32.51 28.63
N ALA A 12 -8.50 32.31 27.44
CA ALA A 12 -9.29 32.15 26.24
C ALA A 12 -9.43 30.66 26.02
N VAL A 13 -10.60 30.12 26.30
CA VAL A 13 -10.83 28.69 26.14
C VAL A 13 -11.47 28.42 24.78
N LEU A 14 -10.98 27.39 24.09
CA LEU A 14 -11.61 26.98 22.84
C LEU A 14 -12.41 25.72 23.15
N TRP A 15 -13.74 25.83 23.16
CA TRP A 15 -14.58 24.71 23.53
C TRP A 15 -14.86 23.78 22.37
N GLU A 16 -14.93 24.35 21.17
CA GLU A 16 -15.29 23.62 19.97
C GLU A 16 -14.56 24.21 18.77
N GLU A 17 -14.31 23.37 17.75
CA GLU A 17 -13.80 23.85 16.47
C GLU A 17 -14.69 24.89 15.84
N LYS A 18 -14.06 25.84 15.13
CA LYS A 18 -14.75 26.79 14.25
C LYS A 18 -15.67 27.76 15.01
N LYS A 19 -15.26 28.05 16.24
CA LYS A 19 -15.96 28.95 17.13
C LYS A 19 -15.00 29.99 17.70
N PRO A 20 -15.51 31.16 18.11
CA PRO A 20 -14.67 32.14 18.78
C PRO A 20 -14.11 31.58 20.07
N PHE A 21 -12.94 32.09 20.48
CA PHE A 21 -12.47 31.82 21.85
C PHE A 21 -13.46 32.42 22.85
N SER A 22 -13.61 31.74 23.97
CA SER A 22 -14.41 32.21 25.08
C SER A 22 -13.51 32.70 26.18
N ILE A 23 -13.55 34.00 26.47
CA ILE A 23 -12.72 34.55 27.54
C ILE A 23 -13.44 34.33 28.84
N GLU A 24 -12.95 33.41 29.66
CA GLU A 24 -13.61 33.17 30.93
C GLU A 24 -12.67 32.82 32.06
N GLU A 25 -13.23 32.65 33.25
CA GLU A 25 -12.46 32.32 34.43
C GLU A 25 -12.05 30.87 34.38
N VAL A 26 -10.75 30.63 34.59
CA VAL A 26 -10.21 29.28 34.78
C VAL A 26 -9.50 29.18 36.11
N GLU A 27 -9.26 27.94 36.57
CA GLU A 27 -8.47 27.70 37.77
C GLU A 27 -7.18 27.03 37.31
N VAL A 28 -6.05 27.59 37.74
CA VAL A 28 -4.75 27.12 37.35
C VAL A 28 -4.09 26.53 38.59
N ALA A 29 -3.81 25.23 38.57
CA ALA A 29 -3.25 24.57 39.73
C ALA A 29 -1.81 25.04 39.98
N PRO A 30 -1.29 24.92 41.20
CA PRO A 30 0.12 25.20 41.43
C PRO A 30 1.01 24.13 40.77
N PRO A 31 2.25 24.48 40.47
CA PRO A 31 3.17 23.55 39.80
C PRO A 31 3.54 22.38 40.71
N LYS A 32 3.56 21.19 40.11
CA LYS A 32 4.04 20.00 40.78
C LYS A 32 5.55 19.89 40.55
N ALA A 33 6.16 18.78 40.99
CA ALA A 33 7.60 18.61 40.82
C ALA A 33 8.02 18.87 39.37
N HIS A 34 9.10 19.62 39.22
CA HIS A 34 9.70 19.93 37.90
C HIS A 34 8.73 20.64 36.95
N GLU A 35 7.80 21.40 37.52
CA GLU A 35 6.93 22.29 36.75
C GLU A 35 7.10 23.74 37.16
N VAL A 36 6.66 24.63 36.27
CA VAL A 36 6.90 26.07 36.43
C VAL A 36 5.60 26.80 36.08
N ARG A 37 5.11 27.63 37.00
CA ARG A 37 3.94 28.44 36.73
C ARG A 37 4.37 29.84 36.33
N ILE A 38 3.82 30.30 35.20
CA ILE A 38 4.24 31.56 34.55
C ILE A 38 3.08 32.53 34.47
N LYS A 39 3.36 33.76 34.87
CA LYS A 39 2.45 34.88 34.61
C LYS A 39 2.74 35.43 33.21
N MET A 40 1.76 35.34 32.30
CA MET A 40 2.00 35.72 30.92
C MET A 40 2.09 37.22 30.81
N VAL A 41 3.02 37.68 29.99
CA VAL A 41 3.14 39.13 29.70
C VAL A 41 2.68 39.46 28.29
N ALA A 42 3.07 38.63 27.32
CA ALA A 42 2.70 38.90 25.94
C ALA A 42 2.61 37.58 25.16
N THR A 43 1.67 37.52 24.22
CA THR A 43 1.60 36.33 23.37
C THR A 43 1.20 36.71 21.96
N GLY A 44 1.87 36.10 20.97
CA GLY A 44 1.55 36.33 19.58
C GLY A 44 0.44 35.41 19.09
N ILE A 45 -0.22 35.86 18.02
CA ILE A 45 -1.22 35.04 17.33
C ILE A 45 -0.57 34.45 16.10
N CYS A 46 -0.26 33.16 16.19
CA CYS A 46 0.41 32.45 15.10
C CYS A 46 -0.64 31.71 14.29
N ARG A 47 -0.39 31.53 12.98
CA ARG A 47 -1.35 30.78 12.19
C ARG A 47 -1.63 29.36 12.77
N SER A 48 -0.64 28.74 13.40
CA SER A 48 -0.89 27.42 14.02
C SER A 48 -1.98 27.43 15.11
N ASP A 49 -2.15 28.55 15.83
CA ASP A 49 -3.25 28.62 16.78
C ASP A 49 -4.57 28.63 16.01
N ASP A 50 -4.62 29.36 14.89
CA ASP A 50 -5.79 29.35 14.03
C ASP A 50 -6.07 27.96 13.44
N HIS A 51 -5.02 27.19 13.14
CA HIS A 51 -5.20 25.82 12.67
C HIS A 51 -5.90 24.94 13.72
N VAL A 52 -5.71 25.24 15.01
CA VAL A 52 -6.44 24.50 16.04
C VAL A 52 -7.93 24.83 15.93
N VAL A 53 -8.24 26.10 15.71
CA VAL A 53 -9.64 26.49 15.55
C VAL A 53 -10.29 25.86 14.31
N SER A 54 -9.58 25.86 13.18
CA SER A 54 -10.11 25.37 11.93
C SER A 54 -10.11 23.84 11.80
N GLY A 55 -9.44 23.14 12.72
CA GLY A 55 -9.25 21.70 12.62
C GLY A 55 -8.17 21.26 11.63
N THR A 56 -7.41 22.22 11.11
CA THR A 56 -6.23 21.89 10.32
C THR A 56 -5.19 21.14 11.15
N LEU A 57 -4.98 21.63 12.38
CA LEU A 57 -4.08 20.99 13.33
C LEU A 57 -4.92 20.39 14.44
N VAL A 58 -4.84 19.07 14.57
CA VAL A 58 -5.71 18.35 15.50
C VAL A 58 -5.05 18.19 16.85
N THR A 59 -5.74 18.65 17.88
CA THR A 59 -5.25 18.48 19.24
C THR A 59 -6.49 18.39 20.13
N PRO A 60 -6.44 17.69 21.25
CA PRO A 60 -7.66 17.54 22.05
C PRO A 60 -8.33 18.82 22.50
N LEU A 61 -9.66 18.87 22.36
CA LEU A 61 -10.48 19.99 22.84
C LEU A 61 -11.31 19.49 24.04
N PRO A 62 -11.76 20.38 24.92
CA PRO A 62 -11.51 21.82 24.88
C PRO A 62 -10.06 22.11 25.24
N VAL A 63 -9.59 23.27 24.84
CA VAL A 63 -8.14 23.55 24.99
C VAL A 63 -7.88 25.02 25.27
N ILE A 64 -6.79 25.29 25.99
CA ILE A 64 -6.18 26.63 26.01
C ILE A 64 -5.05 26.61 25.00
N ALA A 65 -5.28 27.28 23.86
CA ALA A 65 -4.26 27.33 22.81
C ALA A 65 -3.25 28.43 23.14
N GLY A 66 -2.47 28.87 22.14
CA GLY A 66 -1.41 29.82 22.40
C GLY A 66 -0.10 29.11 22.71
N HIS A 67 0.93 29.49 21.97
CA HIS A 67 2.25 28.84 22.15
C HIS A 67 3.45 29.75 21.92
N GLU A 68 3.19 30.96 21.44
CA GLU A 68 4.25 31.93 21.10
C GLU A 68 4.14 33.03 22.13
N ALA A 69 4.99 33.02 23.15
CA ALA A 69 4.75 33.89 24.29
C ALA A 69 6.01 34.17 25.14
N ALA A 70 5.85 35.12 26.06
CA ALA A 70 6.86 35.37 27.09
C ALA A 70 6.18 35.81 28.34
N GLY A 71 6.79 35.49 29.47
CA GLY A 71 6.21 35.86 30.76
C GLY A 71 7.25 35.85 31.87
N ILE A 72 6.76 35.91 33.09
CA ILE A 72 7.61 35.95 34.30
C ILE A 72 7.20 34.80 35.20
N VAL A 73 8.20 34.08 35.71
CA VAL A 73 7.91 32.94 36.57
C VAL A 73 7.23 33.43 37.87
N GLU A 74 6.07 32.86 38.16
CA GLU A 74 5.34 33.16 39.40
C GLU A 74 5.81 32.21 40.51
N SER A 75 5.98 30.92 40.17
CA SER A 75 6.46 29.95 41.17
C SER A 75 7.02 28.70 40.50
N ILE A 76 7.79 27.93 41.26
CA ILE A 76 8.39 26.69 40.74
C ILE A 76 8.05 25.53 41.66
N GLY A 77 7.90 24.36 41.03
CA GLY A 77 7.69 23.12 41.78
C GLY A 77 9.00 22.60 42.31
N GLU A 78 8.89 21.58 43.15
CA GLU A 78 10.05 20.96 43.75
C GLU A 78 10.99 20.45 42.68
N GLY A 79 12.28 20.66 42.87
CA GLY A 79 13.29 20.08 42.00
C GLY A 79 13.65 20.92 40.78
N VAL A 80 12.89 21.98 40.51
CA VAL A 80 13.23 22.87 39.39
C VAL A 80 14.56 23.56 39.66
N THR A 81 15.46 23.57 38.68
CA THR A 81 16.79 24.16 38.83
C THR A 81 17.13 25.25 37.83
N THR A 82 16.39 25.31 36.72
CA THR A 82 16.81 26.13 35.59
C THR A 82 16.14 27.47 35.51
N VAL A 83 15.10 27.69 36.31
CA VAL A 83 14.46 29.01 36.42
C VAL A 83 14.09 29.23 37.88
N ARG A 84 13.86 30.49 38.22
CA ARG A 84 13.47 30.89 39.57
C ARG A 84 12.33 31.90 39.49
N PRO A 85 11.53 32.01 40.55
CA PRO A 85 10.50 33.06 40.56
C PRO A 85 11.10 34.41 40.22
N GLY A 86 10.39 35.15 39.37
CA GLY A 86 10.81 36.47 38.92
C GLY A 86 11.58 36.48 37.61
N ASP A 87 12.07 35.31 37.20
CA ASP A 87 12.81 35.20 35.94
C ASP A 87 11.90 35.45 34.75
N LYS A 88 12.40 36.15 33.74
CA LYS A 88 11.71 36.19 32.45
C LYS A 88 11.95 34.89 31.69
N VAL A 89 10.91 34.40 31.02
CA VAL A 89 10.95 33.08 30.39
C VAL A 89 10.13 33.05 29.08
N ILE A 90 10.51 32.13 28.20
CA ILE A 90 9.73 31.83 27.00
C ILE A 90 9.36 30.34 27.08
N PRO A 91 8.05 30.02 27.01
CA PRO A 91 7.62 28.62 26.93
C PRO A 91 8.09 28.04 25.62
N LEU A 92 8.42 26.74 25.62
CA LEU A 92 9.01 26.07 24.46
C LEU A 92 8.00 25.04 23.97
N PHE A 93 7.37 25.28 22.82
CA PHE A 93 6.39 24.31 22.32
C PHE A 93 7.05 23.04 21.80
N THR A 94 8.37 23.11 21.54
CA THR A 94 9.17 21.92 21.29
C THR A 94 10.06 21.80 22.52
N PRO A 95 9.90 20.75 23.34
CA PRO A 95 10.72 20.67 24.58
C PRO A 95 12.17 20.34 24.25
N GLN A 96 13.01 20.42 25.29
CA GLN A 96 14.36 19.89 25.16
C GLN A 96 14.71 19.13 26.41
N CYS A 97 14.39 17.84 26.43
CA CYS A 97 14.62 17.06 27.64
C CYS A 97 16.10 16.87 27.93
N GLY A 98 16.93 16.95 26.88
CA GLY A 98 18.38 16.78 27.00
C GLY A 98 18.84 15.33 27.11
N LYS A 99 17.90 14.39 27.22
CA LYS A 99 18.25 13.00 27.54
C LYS A 99 17.93 11.99 26.44
N CYS A 100 16.99 12.33 25.55
CA CYS A 100 16.56 11.38 24.54
C CYS A 100 17.51 11.32 23.34
N ARG A 101 17.30 10.34 22.47
CA ARG A 101 18.24 10.13 21.37
C ARG A 101 18.27 11.35 20.43
N VAL A 102 17.13 12.03 20.34
CA VAL A 102 17.08 13.21 19.46
C VAL A 102 17.81 14.41 20.11
N CYS A 103 17.58 14.64 21.40
CA CYS A 103 18.26 15.74 22.11
C CYS A 103 19.77 15.56 22.10
N LYS A 104 20.21 14.31 22.18
CA LYS A 104 21.64 14.00 22.14
C LYS A 104 22.24 14.03 20.72
N HIS A 105 21.40 14.08 19.67
CA HIS A 105 21.91 14.05 18.31
C HIS A 105 22.30 15.46 17.91
N PRO A 106 23.41 15.66 17.20
CA PRO A 106 23.84 17.03 16.85
C PRO A 106 22.87 17.81 15.97
N GLU A 107 22.06 17.10 15.19
CA GLU A 107 21.19 17.78 14.24
C GLU A 107 19.74 17.79 14.70
N GLY A 108 19.33 16.85 15.51
CA GLY A 108 17.89 16.79 15.81
C GLY A 108 17.40 17.79 16.83
N ASN A 109 16.14 18.23 16.70
CA ASN A 109 15.56 19.07 17.73
C ASN A 109 14.15 18.63 18.16
N PHE A 110 13.58 17.64 17.45
CA PHE A 110 12.19 17.22 17.73
C PHE A 110 12.21 16.22 18.87
N CYS A 111 12.44 16.77 20.06
CA CYS A 111 12.57 15.98 21.30
C CYS A 111 11.44 14.98 21.43
N LEU A 112 11.77 13.76 21.86
CA LEU A 112 10.76 12.70 21.93
C LEU A 112 9.68 12.94 22.97
N LYS A 113 9.89 13.91 23.85
CA LYS A 113 8.88 14.29 24.85
C LYS A 113 7.84 15.25 24.29
N ASN A 114 7.95 15.58 23.00
CA ASN A 114 6.98 16.52 22.42
C ASN A 114 5.53 16.03 22.50
N ASP A 115 4.61 16.97 22.45
CA ASP A 115 3.18 16.65 22.42
C ASP A 115 2.55 16.86 21.07
N LEU A 116 3.37 16.82 20.03
CA LEU A 116 2.89 17.10 18.67
C LEU A 116 2.55 15.82 17.94
N SER A 117 3.40 14.81 18.02
CA SER A 117 3.22 13.57 17.24
C SER A 117 1.99 12.75 17.56
N MET A 118 1.67 12.62 18.84
CA MET A 118 0.46 11.90 19.24
C MET A 118 -0.11 12.74 20.37
N PRO A 119 -0.80 13.81 20.02
CA PRO A 119 -1.21 14.82 21.02
C PRO A 119 -2.07 14.27 22.15
N ARG A 120 -1.66 14.56 23.38
CA ARG A 120 -2.43 14.23 24.59
C ARG A 120 -3.08 15.50 25.18
N GLY A 121 -2.40 16.63 24.97
CA GLY A 121 -2.86 17.93 25.47
C GLY A 121 -2.82 17.96 27.00
N THR A 122 -1.72 17.44 27.54
CA THR A 122 -1.55 17.41 28.98
C THR A 122 -0.15 17.90 29.33
N MET A 123 0.09 17.99 30.64
CA MET A 123 1.45 18.05 31.14
C MET A 123 2.19 16.73 30.85
N GLN A 124 3.49 16.70 31.11
CA GLN A 124 4.22 15.45 30.89
C GLN A 124 3.65 14.28 31.67
N ASP A 125 3.12 14.55 32.87
CA ASP A 125 2.58 13.45 33.71
C ASP A 125 1.19 12.96 33.28
N GLY A 126 0.69 13.48 32.17
CA GLY A 126 -0.59 13.02 31.62
C GLY A 126 -1.83 13.63 32.24
N THR A 127 -1.66 14.66 33.06
CA THR A 127 -2.76 15.40 33.66
C THR A 127 -2.73 16.87 33.27
N SER A 128 -3.81 17.57 33.60
CA SER A 128 -3.96 18.97 33.24
C SER A 128 -3.93 19.84 34.49
N ARG A 129 -3.39 21.05 34.37
CA ARG A 129 -3.39 22.02 35.46
C ARG A 129 -4.53 23.01 35.37
N PHE A 130 -5.38 22.86 34.36
CA PHE A 130 -6.44 23.81 34.09
C PHE A 130 -7.83 23.22 34.34
N THR A 131 -8.68 23.98 35.04
CA THR A 131 -10.11 23.65 35.17
C THR A 131 -10.93 24.84 34.73
N CYS A 132 -12.07 24.60 34.09
CA CYS A 132 -12.98 25.67 33.70
C CYS A 132 -14.38 25.09 33.74
N ARG A 133 -15.31 25.81 34.39
CA ARG A 133 -16.68 25.33 34.55
C ARG A 133 -16.69 23.94 35.17
N GLY A 134 -15.71 23.68 36.03
CA GLY A 134 -15.58 22.41 36.71
C GLY A 134 -15.08 21.26 35.84
N LYS A 135 -14.63 21.56 34.61
CA LYS A 135 -14.15 20.51 33.71
C LYS A 135 -12.64 20.66 33.46
N PRO A 136 -11.89 19.57 33.32
CA PRO A 136 -10.47 19.72 32.93
C PRO A 136 -10.35 20.24 31.50
N ILE A 137 -9.36 21.11 31.28
CA ILE A 137 -9.16 21.71 29.96
C ILE A 137 -7.78 21.29 29.50
N HIS A 138 -7.68 20.94 28.21
CA HIS A 138 -6.40 20.49 27.69
C HIS A 138 -5.39 21.60 27.59
N HIS A 139 -4.13 21.20 27.75
CA HIS A 139 -2.99 22.05 27.34
C HIS A 139 -2.73 21.93 25.83
N PHE A 140 -1.85 22.79 25.31
CA PHE A 140 -1.51 22.81 23.88
C PHE A 140 -0.01 22.87 23.75
N LEU A 141 0.56 21.80 23.20
CA LEU A 141 2.02 21.70 23.01
C LEU A 141 2.83 21.97 24.27
N GLY A 142 2.27 21.62 25.44
CA GLY A 142 2.99 21.88 26.68
C GLY A 142 3.23 23.37 26.96
N THR A 143 2.42 24.24 26.39
CA THR A 143 2.60 25.70 26.57
C THR A 143 1.30 26.34 27.07
N SER A 144 0.32 26.52 26.20
CA SER A 144 -0.99 27.11 26.58
C SER A 144 -0.82 28.54 27.11
N THR A 145 -0.58 29.45 26.18
CA THR A 145 -0.25 30.82 26.54
C THR A 145 -1.40 31.81 26.40
N PHE A 146 -2.57 31.36 25.91
CA PHE A 146 -3.75 32.26 25.90
C PHE A 146 -4.45 32.26 27.28
N SER A 147 -3.68 32.59 28.32
CA SER A 147 -4.16 32.58 29.70
C SER A 147 -3.30 33.53 30.50
N GLN A 148 -3.88 34.17 31.50
CA GLN A 148 -3.07 35.05 32.33
C GLN A 148 -1.96 34.28 33.06
N TYR A 149 -2.22 33.02 33.37
CA TYR A 149 -1.21 32.13 33.98
C TYR A 149 -1.23 30.78 33.31
N THR A 150 -0.06 30.17 33.19
CA THR A 150 -0.01 28.78 32.69
C THR A 150 1.01 28.01 33.48
N VAL A 151 0.98 26.69 33.36
CA VAL A 151 1.95 25.82 34.04
C VAL A 151 2.60 24.97 32.96
N VAL A 152 3.92 24.97 32.92
CA VAL A 152 4.66 24.18 31.95
C VAL A 152 5.69 23.27 32.64
N ASP A 153 6.08 22.21 31.96
CA ASP A 153 7.16 21.37 32.46
C ASP A 153 8.48 22.10 32.32
N GLU A 154 9.43 21.76 33.17
CA GLU A 154 10.73 22.44 33.12
C GLU A 154 11.45 22.29 31.79
N ILE A 155 11.28 21.13 31.14
CA ILE A 155 11.88 20.92 29.81
C ILE A 155 11.24 21.77 28.70
N SER A 156 10.14 22.44 29.05
CA SER A 156 9.41 23.28 28.09
C SER A 156 9.47 24.77 28.44
N VAL A 157 10.55 25.19 29.12
CA VAL A 157 10.68 26.62 29.39
C VAL A 157 12.15 27.02 29.39
N ALA A 158 12.43 28.21 28.87
CA ALA A 158 13.80 28.73 28.89
C ALA A 158 13.86 30.06 29.60
N LYS A 159 14.86 30.20 30.47
CA LYS A 159 15.14 31.47 31.13
C LYS A 159 15.81 32.38 30.11
N ILE A 160 15.34 33.62 30.03
CA ILE A 160 15.93 34.60 29.13
C ILE A 160 16.44 35.85 29.87
N ASP A 161 17.08 36.73 29.12
CA ASP A 161 17.73 37.91 29.73
C ASP A 161 16.72 38.72 30.55
N ALA A 162 17.12 39.10 31.76
CA ALA A 162 16.24 39.82 32.66
C ALA A 162 15.81 41.18 32.10
N ALA A 163 16.56 41.71 31.14
CA ALA A 163 16.22 43.02 30.56
C ALA A 163 15.45 42.95 29.26
N SER A 164 15.09 41.75 28.83
CA SER A 164 14.50 41.68 27.49
C SER A 164 13.07 42.22 27.44
N PRO A 165 12.68 42.80 26.29
CA PRO A 165 11.33 43.35 26.13
C PRO A 165 10.38 42.25 25.72
N LEU A 166 9.58 41.79 26.68
CA LEU A 166 8.73 40.61 26.46
C LEU A 166 7.66 40.78 25.37
N GLU A 167 7.23 42.01 25.12
CA GLU A 167 6.21 42.30 24.12
C GLU A 167 6.77 42.18 22.70
N LYS A 168 8.10 42.02 22.58
CA LYS A 168 8.76 41.70 21.31
C LYS A 168 9.28 40.26 21.28
N VAL A 169 10.00 39.85 22.33
CA VAL A 169 10.73 38.59 22.25
C VAL A 169 9.82 37.35 22.34
N CYS A 170 8.54 37.54 22.66
CA CYS A 170 7.57 36.44 22.52
C CYS A 170 7.65 35.80 21.13
N LEU A 171 7.94 36.59 20.10
CA LEU A 171 8.09 36.04 18.77
C LEU A 171 9.20 35.02 18.61
N ILE A 172 10.23 35.10 19.45
CA ILE A 172 11.29 34.09 19.45
C ILE A 172 10.73 32.73 19.90
N GLY A 173 9.59 32.74 20.60
CA GLY A 173 8.90 31.52 21.02
C GLY A 173 8.29 30.76 19.85
N CYS A 174 8.12 31.40 18.69
CA CYS A 174 7.69 30.61 17.55
C CYS A 174 8.04 31.17 16.20
N GLY A 175 7.32 32.20 15.77
CA GLY A 175 7.35 32.55 14.37
C GLY A 175 8.72 33.01 13.88
N PHE A 176 9.42 33.85 14.66
CA PHE A 176 10.72 34.33 14.21
C PHE A 176 11.72 33.17 14.11
N SER A 177 11.84 32.41 15.19
CA SER A 177 12.89 31.41 15.27
C SER A 177 12.64 30.32 14.24
N THR A 178 11.36 29.99 14.04
CA THR A 178 11.01 29.01 13.03
C THR A 178 11.44 29.44 11.63
N GLY A 179 11.06 30.64 11.22
CA GLY A 179 11.45 31.04 9.86
C GLY A 179 12.96 31.24 9.73
N TYR A 180 13.55 31.92 10.70
CA TYR A 180 14.97 32.23 10.64
C TYR A 180 15.81 30.95 10.58
N GLY A 181 15.51 30.02 11.48
CA GLY A 181 16.27 28.78 11.53
C GLY A 181 16.03 27.93 10.30
N SER A 182 14.80 27.95 9.78
CA SER A 182 14.53 27.17 8.55
C SER A 182 15.50 27.57 7.45
N ALA A 183 15.86 28.87 7.42
CA ALA A 183 16.86 29.34 6.46
C ALA A 183 18.28 29.01 6.86
N VAL A 184 18.68 29.42 8.09
CA VAL A 184 20.11 29.44 8.45
C VAL A 184 20.59 28.09 8.93
N LYS A 185 19.70 27.31 9.51
CA LYS A 185 20.06 26.01 10.12
C LYS A 185 19.60 24.81 9.28
N VAL A 186 18.35 24.84 8.84
CA VAL A 186 17.80 23.70 8.14
C VAL A 186 18.26 23.68 6.68
N ALA A 187 17.95 24.72 5.93
CA ALA A 187 18.37 24.78 4.53
C ALA A 187 19.86 25.01 4.44
N LYS A 188 20.40 25.77 5.40
CA LYS A 188 21.79 26.22 5.35
C LYS A 188 22.05 27.04 4.07
N VAL A 189 21.21 28.06 3.87
CA VAL A 189 21.35 28.96 2.73
C VAL A 189 22.77 29.49 2.61
N THR A 190 23.27 29.55 1.36
CA THR A 190 24.65 29.96 1.12
C THR A 190 24.75 31.40 0.58
N GLN A 191 25.93 31.99 0.80
CA GLN A 191 26.20 33.34 0.27
C GLN A 191 26.09 33.34 -1.26
N GLY A 192 25.37 34.31 -1.81
CA GLY A 192 25.28 34.42 -3.25
C GLY A 192 24.18 33.62 -3.91
N SER A 193 23.43 32.86 -3.10
CA SER A 193 22.41 31.96 -3.65
C SER A 193 21.11 32.68 -3.98
N THR A 194 20.21 31.97 -4.66
CA THR A 194 18.86 32.45 -4.97
C THR A 194 17.84 31.62 -4.19
N CYS A 195 17.00 32.31 -3.43
CA CYS A 195 15.97 31.68 -2.60
C CYS A 195 14.57 32.07 -3.06
N ALA A 196 13.61 31.15 -2.91
CA ALA A 196 12.20 31.46 -3.12
C ALA A 196 11.43 31.14 -1.84
N VAL A 197 10.61 32.07 -1.38
CA VAL A 197 9.89 31.92 -0.11
C VAL A 197 8.40 32.02 -0.37
N PHE A 198 7.70 30.89 -0.20
CA PHE A 198 6.26 30.82 -0.46
C PHE A 198 5.53 31.12 0.84
N GLY A 199 4.80 32.23 0.90
CA GLY A 199 4.08 32.65 2.09
C GLY A 199 4.82 33.75 2.79
N LEU A 200 4.21 34.93 2.85
CA LEU A 200 4.89 36.09 3.42
C LEU A 200 4.18 36.60 4.68
N GLY A 201 3.76 35.65 5.52
CA GLY A 201 3.32 35.97 6.87
C GLY A 201 4.52 36.10 7.81
N GLY A 202 4.24 36.12 9.11
CA GLY A 202 5.32 36.30 10.05
C GLY A 202 6.43 35.26 9.91
N VAL A 203 6.06 34.03 9.64
CA VAL A 203 7.10 33.01 9.54
C VAL A 203 7.88 33.20 8.22
N GLY A 204 7.19 33.45 7.13
CA GLY A 204 7.88 33.68 5.84
C GLY A 204 8.82 34.90 5.86
N LEU A 205 8.38 35.96 6.55
CA LEU A 205 9.20 37.16 6.66
C LEU A 205 10.45 36.82 7.46
N SER A 206 10.31 35.92 8.44
CA SER A 206 11.46 35.48 9.20
C SER A 206 12.42 34.60 8.39
N VAL A 207 11.86 33.74 7.52
CA VAL A 207 12.67 33.03 6.52
C VAL A 207 13.49 34.02 5.66
N ILE A 208 12.82 35.07 5.18
CA ILE A 208 13.55 36.12 4.44
C ILE A 208 14.70 36.71 5.24
N MET A 209 14.47 37.06 6.50
CA MET A 209 15.54 37.62 7.34
C MET A 209 16.69 36.64 7.41
N GLY A 210 16.40 35.33 7.51
CA GLY A 210 17.44 34.32 7.59
C GLY A 210 18.22 34.22 6.28
N CYS A 211 17.50 34.28 5.17
CA CYS A 211 18.16 34.21 3.86
C CYS A 211 19.09 35.41 3.67
N LYS A 212 18.61 36.59 4.12
CA LYS A 212 19.41 37.82 4.06
C LYS A 212 20.68 37.69 4.96
N ALA A 213 20.50 37.18 6.16
CA ALA A 213 21.63 37.00 7.10
C ALA A 213 22.66 36.05 6.51
N ALA A 214 22.18 35.06 5.74
CA ALA A 214 23.05 34.07 5.10
C ALA A 214 23.74 34.61 3.85
N GLY A 215 23.37 35.83 3.42
CA GLY A 215 24.03 36.44 2.28
C GLY A 215 23.46 36.04 0.92
N ALA A 216 22.23 35.53 0.88
CA ALA A 216 21.59 35.24 -0.42
C ALA A 216 21.68 36.49 -1.33
N ALA A 217 21.96 36.27 -2.62
CA ALA A 217 21.90 37.38 -3.60
C ALA A 217 20.48 37.76 -4.03
N ARG A 218 19.59 36.79 -4.13
CA ARG A 218 18.21 37.02 -4.58
C ARG A 218 17.29 36.28 -3.63
N ILE A 219 16.21 36.94 -3.25
CA ILE A 219 15.21 36.35 -2.37
C ILE A 219 13.86 36.72 -2.96
N ILE A 220 13.20 35.74 -3.54
CA ILE A 220 11.95 35.98 -4.27
C ILE A 220 10.79 35.56 -3.38
N GLY A 221 9.99 36.56 -2.96
CA GLY A 221 8.83 36.32 -2.12
C GLY A 221 7.67 35.95 -3.02
N VAL A 222 6.89 34.94 -2.64
CA VAL A 222 5.72 34.49 -3.40
C VAL A 222 4.50 34.49 -2.51
N ASP A 223 3.44 35.20 -2.92
CA ASP A 223 2.23 35.25 -2.12
C ASP A 223 1.11 35.66 -3.03
N ILE A 224 -0.09 35.11 -2.80
CA ILE A 224 -1.25 35.50 -3.59
C ILE A 224 -1.87 36.80 -3.10
N ASN A 225 -1.41 37.30 -1.95
CA ASN A 225 -1.86 38.58 -1.43
C ASN A 225 -0.78 39.63 -1.62
N LYS A 226 -0.96 40.46 -2.67
CA LYS A 226 0.05 41.44 -3.02
C LYS A 226 0.30 42.49 -1.91
N ASP A 227 -0.63 42.60 -0.95
CA ASP A 227 -0.45 43.53 0.16
C ASP A 227 0.71 43.12 1.05
N LYS A 228 1.15 41.87 0.92
CA LYS A 228 2.28 41.37 1.70
C LYS A 228 3.65 41.75 1.15
N PHE A 229 3.67 42.24 -0.11
CA PHE A 229 4.96 42.47 -0.76
C PHE A 229 5.83 43.58 -0.16
N ALA A 230 5.20 44.71 0.18
CA ALA A 230 5.95 45.83 0.68
C ALA A 230 6.82 45.49 1.88
N LYS A 231 6.24 44.76 2.84
CA LYS A 231 6.97 44.38 4.04
C LYS A 231 8.03 43.34 3.70
N ALA A 232 7.68 42.42 2.80
CA ALA A 232 8.65 41.41 2.37
C ALA A 232 9.90 42.05 1.78
N LYS A 233 9.73 43.09 0.98
CA LYS A 233 10.90 43.80 0.43
C LYS A 233 11.67 44.55 1.51
N GLU A 234 10.96 45.15 2.48
CA GLU A 234 11.62 45.88 3.56
C GLU A 234 12.57 44.96 4.33
N VAL A 235 12.16 43.70 4.51
CA VAL A 235 12.99 42.77 5.29
C VAL A 235 14.01 41.96 4.49
N GLY A 236 14.03 42.16 3.17
CA GLY A 236 15.10 41.59 2.36
C GLY A 236 14.72 40.95 1.01
N ALA A 237 13.43 40.83 0.70
CA ALA A 237 13.06 40.24 -0.57
C ALA A 237 13.54 41.16 -1.68
N THR A 238 14.19 40.60 -2.69
CA THR A 238 14.68 41.39 -3.84
C THR A 238 13.59 41.53 -4.91
N GLU A 239 12.67 40.56 -4.96
CA GLU A 239 11.52 40.54 -5.88
C GLU A 239 10.37 39.86 -5.20
N CYS A 240 9.14 40.25 -5.57
CA CYS A 240 7.95 39.47 -5.18
C CYS A 240 7.08 39.16 -6.38
N VAL A 241 6.48 37.96 -6.36
CA VAL A 241 5.60 37.48 -7.42
C VAL A 241 4.28 36.99 -6.86
N ASN A 242 3.19 37.36 -7.52
CA ASN A 242 1.88 36.85 -7.17
C ASN A 242 1.52 35.82 -8.25
N PRO A 243 1.35 34.55 -7.88
CA PRO A 243 0.97 33.52 -8.84
C PRO A 243 -0.26 33.90 -9.68
N GLN A 244 -1.15 34.72 -9.14
CA GLN A 244 -2.42 35.08 -9.81
C GLN A 244 -2.21 35.99 -11.01
N ASP A 245 -1.03 36.63 -11.05
CA ASP A 245 -0.67 37.50 -12.17
C ASP A 245 -0.17 36.76 -13.41
N TYR A 246 0.08 35.45 -13.30
CA TYR A 246 0.73 34.72 -14.39
C TYR A 246 -0.15 33.64 -15.00
N LYS A 247 -0.05 33.44 -16.31
CA LYS A 247 -0.73 32.33 -16.97
C LYS A 247 -0.10 30.96 -16.67
N LYS A 248 1.24 30.91 -16.59
CA LYS A 248 1.96 29.66 -16.32
C LYS A 248 1.96 29.38 -14.82
N PRO A 249 2.12 28.10 -14.45
CA PRO A 249 2.24 27.74 -13.04
C PRO A 249 3.46 28.41 -12.43
N ILE A 250 3.40 28.78 -11.16
CA ILE A 250 4.49 29.59 -10.59
C ILE A 250 5.82 28.85 -10.55
N GLN A 251 5.82 27.50 -10.46
CA GLN A 251 7.12 26.81 -10.48
C GLN A 251 7.84 27.06 -11.80
N GLU A 252 7.08 27.17 -12.87
CA GLU A 252 7.63 27.49 -14.18
C GLU A 252 8.19 28.92 -14.24
N VAL A 253 7.39 29.87 -13.75
CA VAL A 253 7.78 31.27 -13.63
C VAL A 253 9.11 31.38 -12.85
N LEU A 254 9.17 30.75 -11.67
CA LEU A 254 10.38 30.83 -10.83
C LEU A 254 11.57 30.13 -11.43
N THR A 255 11.35 28.98 -12.08
CA THR A 255 12.43 28.28 -12.77
C THR A 255 13.04 29.20 -13.86
N GLU A 256 12.18 29.85 -14.64
CA GLU A 256 12.62 30.84 -15.61
C GLU A 256 13.39 32.01 -15.00
N MET A 257 12.77 32.64 -14.00
CA MET A 257 13.38 33.80 -13.35
C MET A 257 14.76 33.47 -12.81
N SER A 258 14.95 32.22 -12.37
CA SER A 258 16.21 31.82 -11.75
C SER A 258 17.16 31.10 -12.70
N ASN A 259 16.85 31.13 -14.00
CA ASN A 259 17.75 30.57 -15.01
C ASN A 259 18.00 29.09 -14.77
N GLY A 260 16.92 28.39 -14.43
CA GLY A 260 16.93 26.94 -14.28
C GLY A 260 16.52 26.38 -12.94
N GLY A 261 16.02 27.23 -12.02
CA GLY A 261 15.59 26.78 -10.70
C GLY A 261 16.37 27.46 -9.58
N VAL A 262 15.75 27.59 -8.40
CA VAL A 262 16.36 28.30 -7.27
C VAL A 262 17.28 27.38 -6.47
N ASP A 263 18.20 27.96 -5.69
CA ASP A 263 19.08 27.14 -4.83
C ASP A 263 18.29 26.60 -3.65
N PHE A 264 17.39 27.41 -3.12
CA PHE A 264 16.66 27.07 -1.88
C PHE A 264 15.24 27.56 -1.99
N SER A 265 14.25 26.71 -1.73
CA SER A 265 12.86 27.16 -1.68
C SER A 265 12.26 26.75 -0.33
N PHE A 266 11.23 27.46 0.05
CA PHE A 266 10.65 27.27 1.40
C PHE A 266 9.14 27.31 1.23
N GLU A 267 8.44 26.29 1.74
CA GLU A 267 6.97 26.37 1.76
C GLU A 267 6.60 26.86 3.15
N VAL A 268 5.99 28.05 3.23
CA VAL A 268 5.67 28.65 4.51
C VAL A 268 4.19 29.06 4.55
N ILE A 269 3.33 28.15 4.08
CA ILE A 269 1.90 28.40 3.98
C ILE A 269 1.10 27.32 4.69
N GLY A 270 1.23 26.08 4.20
CA GLY A 270 0.56 24.91 4.75
C GLY A 270 -0.44 24.36 3.73
N ARG A 271 0.00 24.26 2.48
CA ARG A 271 -0.85 23.63 1.45
C ARG A 271 -0.11 22.52 0.76
N LEU A 272 -0.79 21.43 0.49
CA LEU A 272 -0.13 20.29 -0.17
C LEU A 272 0.38 20.71 -1.56
N ASP A 273 -0.42 21.48 -2.29
CA ASP A 273 -0.02 21.86 -3.64
C ASP A 273 1.20 22.76 -3.67
N THR A 274 1.28 23.73 -2.76
CA THR A 274 2.46 24.59 -2.73
C THR A 274 3.71 23.86 -2.24
N MET A 275 3.54 22.81 -1.41
CA MET A 275 4.70 21.96 -1.05
C MET A 275 5.33 21.33 -2.28
N VAL A 276 4.50 20.77 -3.15
CA VAL A 276 5.03 20.20 -4.40
C VAL A 276 5.59 21.26 -5.35
N THR A 277 4.90 22.38 -5.47
CA THR A 277 5.36 23.50 -6.30
C THR A 277 6.71 24.03 -5.81
N ALA A 278 6.84 24.24 -4.50
CA ALA A 278 8.11 24.73 -3.98
C ALA A 278 9.23 23.74 -4.23
N LEU A 279 8.95 22.45 -4.08
CA LEU A 279 9.97 21.47 -4.42
C LEU A 279 10.38 21.59 -5.89
N SER A 280 9.38 21.67 -6.75
CA SER A 280 9.59 21.67 -8.19
C SER A 280 10.41 22.89 -8.63
N CYS A 281 10.28 24.02 -7.94
CA CYS A 281 10.96 25.25 -8.39
C CYS A 281 12.42 25.35 -8.01
N CYS A 282 12.88 24.45 -7.13
CA CYS A 282 14.31 24.42 -6.84
C CYS A 282 15.05 23.64 -7.94
N GLN A 283 16.32 23.99 -8.14
CA GLN A 283 17.06 23.45 -9.29
C GLN A 283 17.08 21.91 -9.20
N GLU A 284 16.79 21.22 -10.32
CA GLU A 284 16.59 19.75 -10.25
C GLU A 284 17.76 18.92 -9.79
N ALA A 285 18.99 19.43 -9.95
CA ALA A 285 20.20 18.62 -9.63
C ALA A 285 20.76 18.88 -8.23
N TYR A 286 20.60 20.11 -7.73
CA TYR A 286 21.21 20.46 -6.43
C TYR A 286 20.34 21.37 -5.54
N GLY A 287 19.09 21.61 -5.95
CA GLY A 287 18.17 22.42 -5.18
C GLY A 287 17.79 21.79 -3.86
N VAL A 288 17.43 22.65 -2.91
CA VAL A 288 16.97 22.20 -1.60
C VAL A 288 15.64 22.88 -1.33
N SER A 289 14.66 22.13 -0.87
CA SER A 289 13.34 22.71 -0.54
C SER A 289 12.96 22.31 0.87
N VAL A 290 12.53 23.30 1.68
CA VAL A 290 12.20 23.08 3.09
C VAL A 290 10.71 23.33 3.31
N ILE A 291 10.01 22.33 3.81
CA ILE A 291 8.62 22.51 4.21
C ILE A 291 8.59 23.05 5.64
N VAL A 292 7.91 24.16 5.80
CA VAL A 292 7.65 24.78 7.12
C VAL A 292 6.15 24.83 7.43
N GLY A 293 5.31 25.09 6.41
CA GLY A 293 3.86 25.14 6.64
C GLY A 293 3.22 23.86 7.16
N VAL A 294 2.15 24.02 7.95
CA VAL A 294 1.40 22.89 8.53
C VAL A 294 0.17 22.66 7.65
N PRO A 295 0.09 21.50 7.01
CA PRO A 295 -1.04 21.18 6.13
C PRO A 295 -2.20 20.53 6.88
N PRO A 296 -3.35 20.38 6.22
CA PRO A 296 -4.51 19.82 6.89
C PRO A 296 -4.23 18.39 7.38
N ASP A 297 -4.67 18.12 8.60
CA ASP A 297 -4.46 16.84 9.25
C ASP A 297 -4.77 15.61 8.41
N SER A 298 -3.83 14.65 8.43
CA SER A 298 -4.01 13.32 7.85
C SER A 298 -4.11 13.27 6.32
N GLN A 299 -3.87 14.39 5.65
CA GLN A 299 -3.94 14.40 4.21
C GLN A 299 -2.59 14.16 3.57
N ASN A 300 -2.59 13.34 2.52
CA ASN A 300 -1.36 13.03 1.78
C ASN A 300 -1.25 13.89 0.55
N LEU A 301 -0.02 14.27 0.22
CA LEU A 301 0.29 14.86 -1.08
C LEU A 301 0.66 13.75 -2.09
N SER A 302 0.64 14.13 -3.36
CA SER A 302 0.98 13.26 -4.46
C SER A 302 2.13 13.94 -5.22
N MET A 303 3.21 13.20 -5.49
CA MET A 303 4.32 13.76 -6.23
C MET A 303 5.06 12.70 -7.02
N ASN A 304 5.76 13.17 -8.05
CA ASN A 304 6.57 12.29 -8.88
C ASN A 304 7.99 12.19 -8.32
N PRO A 305 8.44 11.00 -7.90
CA PRO A 305 9.76 10.91 -7.26
C PRO A 305 10.89 11.23 -8.24
N MET A 306 10.63 11.35 -9.54
CA MET A 306 11.67 11.87 -10.43
C MET A 306 12.18 13.26 -9.98
N LEU A 307 11.35 14.05 -9.31
CA LEU A 307 11.79 15.33 -8.75
C LEU A 307 12.97 15.16 -7.81
N LEU A 308 13.02 14.04 -7.07
CA LEU A 308 14.11 13.78 -6.13
C LEU A 308 15.27 13.04 -6.78
N LEU A 309 14.96 12.12 -7.70
CA LEU A 309 15.98 11.29 -8.35
C LEU A 309 17.02 12.12 -9.10
N SER A 310 16.61 13.29 -9.63
CA SER A 310 17.55 14.13 -10.36
C SER A 310 18.56 14.78 -9.43
N GLY A 311 18.26 14.84 -8.13
CA GLY A 311 19.24 15.37 -7.17
C GLY A 311 18.71 16.31 -6.11
N ARG A 312 17.43 16.69 -6.20
CA ARG A 312 16.87 17.60 -5.17
C ARG A 312 16.86 16.97 -3.78
N THR A 313 16.95 17.85 -2.77
CA THR A 313 16.79 17.52 -1.38
C THR A 313 15.50 18.16 -0.87
N TRP A 314 14.70 17.38 -0.16
CA TRP A 314 13.44 17.86 0.41
C TRP A 314 13.52 17.61 1.87
N LYS A 315 13.26 18.63 2.67
CA LYS A 315 13.27 18.40 4.11
C LYS A 315 12.19 19.22 4.75
N GLY A 316 11.88 18.92 6.00
CA GLY A 316 11.01 19.78 6.80
C GLY A 316 11.65 20.00 8.14
N ALA A 317 11.06 20.86 8.94
CA ALA A 317 11.56 21.07 10.29
C ALA A 317 10.53 21.71 11.17
N ILE A 318 10.68 21.45 12.46
CA ILE A 318 9.89 22.11 13.49
C ILE A 318 10.76 23.19 14.14
N PHE A 319 10.18 24.37 14.37
CA PHE A 319 10.89 25.41 15.15
C PHE A 319 12.28 25.71 14.53
N GLY A 320 12.37 25.72 13.18
CA GLY A 320 13.59 26.14 12.51
C GLY A 320 14.80 25.24 12.77
N GLY A 321 14.57 24.04 13.32
CA GLY A 321 15.65 23.11 13.64
C GLY A 321 16.41 23.45 14.92
N PHE A 322 15.98 24.49 15.64
CA PHE A 322 16.68 24.87 16.86
C PHE A 322 16.39 23.91 18.05
N LYS A 323 17.45 23.41 18.68
CA LYS A 323 17.27 22.79 19.99
C LYS A 323 16.76 23.90 20.93
N SER A 324 15.55 23.74 21.41
CA SER A 324 14.78 24.91 21.86
C SER A 324 15.36 25.56 23.12
N LYS A 325 15.68 24.76 24.14
CA LYS A 325 16.11 25.36 25.42
C LYS A 325 17.52 25.94 25.30
N ASP A 326 18.39 25.31 24.50
CA ASP A 326 19.73 25.89 24.25
C ASP A 326 19.61 27.18 23.44
N SER A 327 18.69 27.20 22.46
CA SER A 327 18.73 28.26 21.43
C SER A 327 17.99 29.51 21.80
N VAL A 328 16.84 29.35 22.45
CA VAL A 328 16.01 30.52 22.72
C VAL A 328 16.74 31.64 23.53
N PRO A 329 17.47 31.34 24.61
CA PRO A 329 18.17 32.41 25.34
C PRO A 329 19.21 33.12 24.44
N LYS A 330 19.89 32.36 23.60
CA LYS A 330 20.91 32.91 22.69
C LYS A 330 20.23 33.81 21.67
N LEU A 331 19.08 33.37 21.14
CA LEU A 331 18.34 34.21 20.19
C LEU A 331 17.91 35.53 20.84
N VAL A 332 17.45 35.47 22.08
CA VAL A 332 17.08 36.69 22.80
C VAL A 332 18.30 37.60 22.96
N ALA A 333 19.45 37.02 23.29
CA ALA A 333 20.70 37.80 23.44
C ALA A 333 21.06 38.47 22.12
N ASP A 334 20.92 37.71 21.02
CA ASP A 334 21.20 38.26 19.68
C ASP A 334 20.23 39.38 19.34
N PHE A 335 18.95 39.22 19.70
CA PHE A 335 18.00 40.30 19.50
C PHE A 335 18.39 41.55 20.29
N MET A 336 18.80 41.38 21.54
CA MET A 336 19.21 42.53 22.36
C MET A 336 20.45 43.24 21.79
N ALA A 337 21.26 42.50 21.05
CA ALA A 337 22.41 43.06 20.34
C ALA A 337 22.08 43.52 18.92
N LYS A 338 20.78 43.51 18.59
CA LYS A 338 20.22 43.96 17.31
C LYS A 338 20.78 43.18 16.11
N LYS A 339 20.99 41.87 16.30
CA LYS A 339 21.42 41.01 15.19
C LYS A 339 20.30 40.68 14.19
N PHE A 340 19.06 40.86 14.62
CA PHE A 340 17.89 40.74 13.76
C PHE A 340 16.80 41.63 14.32
N ALA A 341 15.73 41.81 13.56
CA ALA A 341 14.65 42.72 13.91
C ALA A 341 13.34 41.95 14.14
N LEU A 342 12.59 42.34 15.16
CA LEU A 342 11.24 41.80 15.39
C LEU A 342 10.11 42.78 15.08
N ASP A 343 10.39 44.08 15.23
CA ASP A 343 9.38 45.09 14.94
C ASP A 343 8.67 44.94 13.58
N PRO A 344 9.40 44.60 12.50
CA PRO A 344 8.73 44.46 11.19
C PRO A 344 7.66 43.38 11.18
N LEU A 345 7.75 42.42 12.09
CA LEU A 345 6.73 41.39 12.16
C LEU A 345 5.48 41.82 12.90
N ILE A 346 5.60 42.85 13.74
CA ILE A 346 4.50 43.24 14.63
C ILE A 346 3.69 44.36 13.97
N THR A 347 2.47 44.03 13.56
CA THR A 347 1.64 45.03 12.87
C THR A 347 0.53 45.56 13.76
N HIS A 348 0.23 44.83 14.83
CA HIS A 348 -0.90 45.17 15.69
C HIS A 348 -0.58 44.76 17.09
N VAL A 349 -1.02 45.57 18.04
CA VAL A 349 -0.93 45.24 19.46
C VAL A 349 -2.31 45.42 20.07
N LEU A 350 -2.79 44.40 20.77
CA LEU A 350 -4.12 44.47 21.39
C LEU A 350 -4.08 43.89 22.81
N PRO A 351 -5.00 44.32 23.66
CA PRO A 351 -5.14 43.67 24.97
C PRO A 351 -5.63 42.22 24.75
N PHE A 352 -5.19 41.32 25.62
CA PHE A 352 -5.60 39.93 25.58
C PHE A 352 -7.10 39.72 25.40
N GLU A 353 -7.90 40.56 26.04
CA GLU A 353 -9.34 40.43 25.98
C GLU A 353 -9.89 40.57 24.55
N LYS A 354 -9.10 41.18 23.65
CA LYS A 354 -9.50 41.36 22.24
C LYS A 354 -8.94 40.25 21.34
N ILE A 355 -8.68 39.08 21.92
CA ILE A 355 -8.12 37.96 21.15
C ILE A 355 -8.90 37.62 19.88
N ASN A 356 -10.24 37.65 19.95
CA ASN A 356 -11.00 37.31 18.75
C ASN A 356 -10.80 38.33 17.62
N GLU A 357 -10.73 39.62 17.97
CA GLU A 357 -10.34 40.64 17.00
C GLU A 357 -8.98 40.34 16.38
N GLY A 358 -8.03 39.87 17.21
CA GLY A 358 -6.72 39.53 16.70
C GLY A 358 -6.74 38.39 15.69
N PHE A 359 -7.57 37.39 15.95
CA PHE A 359 -7.78 36.31 14.98
C PHE A 359 -8.48 36.77 13.70
N ASP A 360 -9.47 37.65 13.84
CA ASP A 360 -10.09 38.32 12.68
C ASP A 360 -9.06 39.04 11.82
N LEU A 361 -8.13 39.77 12.44
CA LEU A 361 -7.09 40.47 11.70
C LEU A 361 -6.22 39.49 10.91
N LEU A 362 -5.89 38.36 11.51
CA LEU A 362 -5.11 37.36 10.79
C LEU A 362 -5.91 36.76 9.64
N ARG A 363 -7.15 36.34 9.91
CA ARG A 363 -7.91 35.68 8.88
C ARG A 363 -8.25 36.57 7.68
N SER A 364 -8.36 37.88 7.90
CA SER A 364 -8.70 38.80 6.83
C SER A 364 -7.51 39.15 5.93
N GLY A 365 -6.31 38.74 6.33
CA GLY A 365 -5.10 39.06 5.57
C GLY A 365 -4.43 40.33 6.00
N GLU A 366 -5.04 41.04 6.95
CA GLU A 366 -4.54 42.36 7.36
C GLU A 366 -3.27 42.35 8.18
N SER A 367 -3.13 41.40 9.13
CA SER A 367 -2.00 41.48 10.05
C SER A 367 -0.88 40.54 9.65
N ILE A 368 0.30 40.78 10.22
CA ILE A 368 1.36 39.77 10.24
C ILE A 368 1.27 39.16 11.62
N ARG A 369 1.91 39.79 12.62
CA ARG A 369 1.68 39.37 14.02
C ARG A 369 0.95 40.43 14.81
N THR A 370 -0.15 40.01 15.45
CA THR A 370 -0.76 40.75 16.56
C THR A 370 -0.15 40.20 17.84
N ILE A 371 0.38 41.11 18.67
CA ILE A 371 0.82 40.77 20.04
C ILE A 371 -0.28 41.11 21.03
N LEU A 372 -0.69 40.11 21.81
CA LEU A 372 -1.67 40.32 22.88
C LEU A 372 -0.96 40.58 24.19
N THR A 373 -1.37 41.64 24.90
CA THR A 373 -0.74 41.99 26.16
C THR A 373 -1.69 41.74 27.32
N PHE A 374 -1.14 41.30 28.44
CA PHE A 374 -1.97 40.89 29.57
C PHE A 374 -2.15 41.97 30.60
N SER B 1 42.68 1.45 -39.01
CA SER B 1 42.30 1.27 -40.45
C SER B 1 40.81 1.56 -40.71
N THR B 2 39.97 1.39 -39.70
CA THR B 2 38.54 1.64 -39.87
C THR B 2 38.17 3.09 -39.60
N ALA B 3 39.15 3.89 -39.21
CA ALA B 3 38.89 5.31 -38.96
C ALA B 3 38.30 6.00 -40.19
N GLY B 4 37.26 6.79 -39.98
CA GLY B 4 36.60 7.52 -41.05
C GLY B 4 35.71 6.67 -41.93
N LYS B 5 35.57 5.39 -41.57
CA LYS B 5 34.79 4.44 -42.35
C LYS B 5 33.58 3.96 -41.55
N VAL B 6 32.49 3.65 -42.26
CA VAL B 6 31.39 2.92 -41.64
C VAL B 6 31.85 1.54 -41.16
N ILE B 7 31.39 1.13 -39.98
CA ILE B 7 31.68 -0.21 -39.48
C ILE B 7 30.39 -0.99 -39.51
N LYS B 8 30.46 -2.21 -40.05
CA LYS B 8 29.37 -3.17 -39.97
C LYS B 8 29.65 -4.10 -38.82
N CYS B 9 28.72 -4.21 -37.88
CA CYS B 9 28.92 -5.07 -36.73
C CYS B 9 27.60 -5.56 -36.19
N LYS B 10 27.69 -6.37 -35.16
CA LYS B 10 26.50 -6.90 -34.48
C LYS B 10 26.15 -5.98 -33.30
N ALA B 11 24.86 -5.74 -33.15
CA ALA B 11 24.33 -5.03 -31.99
C ALA B 11 23.05 -5.71 -31.56
N ALA B 12 22.67 -5.51 -30.29
CA ALA B 12 21.42 -6.03 -29.78
C ALA B 12 20.38 -4.92 -29.87
N VAL B 13 19.41 -5.08 -30.76
CA VAL B 13 18.35 -4.07 -30.96
C VAL B 13 17.10 -4.47 -30.22
N LEU B 14 16.49 -3.50 -29.55
CA LEU B 14 15.19 -3.67 -28.95
C LEU B 14 14.19 -2.98 -29.89
N TRP B 15 13.39 -3.78 -30.60
CA TRP B 15 12.45 -3.22 -31.59
C TRP B 15 11.13 -2.80 -30.96
N GLU B 16 10.76 -3.48 -29.89
CA GLU B 16 9.46 -3.33 -29.27
C GLU B 16 9.58 -3.59 -27.79
N GLU B 17 8.75 -2.93 -27.00
CA GLU B 17 8.69 -3.27 -25.58
C GLU B 17 8.31 -4.74 -25.36
N LYS B 18 8.82 -5.31 -24.27
CA LYS B 18 8.44 -6.65 -23.80
C LYS B 18 8.80 -7.78 -24.75
N LYS B 19 9.79 -7.53 -25.62
CA LYS B 19 10.33 -8.57 -26.50
C LYS B 19 11.79 -8.86 -26.17
N PRO B 20 12.29 -10.04 -26.55
CA PRO B 20 13.74 -10.29 -26.44
C PRO B 20 14.50 -9.29 -27.29
N PHE B 21 15.74 -9.04 -26.91
CA PHE B 21 16.67 -8.32 -27.79
C PHE B 21 16.94 -9.14 -29.06
N SER B 22 17.15 -8.44 -30.17
CA SER B 22 17.41 -9.10 -31.44
C SER B 22 18.81 -8.76 -31.89
N ILE B 23 19.66 -9.77 -32.06
CA ILE B 23 21.03 -9.53 -32.52
C ILE B 23 20.91 -9.25 -34.02
N GLU B 24 21.31 -8.04 -34.41
CA GLU B 24 21.19 -7.59 -35.81
C GLU B 24 22.53 -7.15 -36.34
N GLU B 25 22.67 -7.21 -37.66
CA GLU B 25 23.77 -6.52 -38.30
C GLU B 25 23.36 -5.07 -38.40
N VAL B 26 24.21 -4.21 -37.85
CA VAL B 26 23.97 -2.77 -37.93
C VAL B 26 25.16 -2.08 -38.62
N GLU B 27 24.91 -0.88 -39.12
CA GLU B 27 25.97 0.00 -39.59
C GLU B 27 26.19 1.13 -38.58
N VAL B 28 27.45 1.30 -38.15
CA VAL B 28 27.83 2.34 -37.20
C VAL B 28 28.66 3.39 -37.98
N ALA B 29 28.11 4.60 -38.07
CA ALA B 29 28.79 5.70 -38.76
C ALA B 29 30.09 6.07 -38.05
N PRO B 30 31.03 6.67 -38.78
CA PRO B 30 32.23 7.21 -38.12
C PRO B 30 31.85 8.44 -37.24
N PRO B 31 32.66 8.73 -36.24
CA PRO B 31 32.34 9.84 -35.34
C PRO B 31 32.47 11.18 -36.03
N LYS B 32 31.51 12.06 -35.77
CA LYS B 32 31.60 13.43 -36.24
C LYS B 32 32.42 14.25 -35.23
N ALA B 33 32.46 15.56 -35.43
CA ALA B 33 33.21 16.43 -34.54
C ALA B 33 32.83 16.14 -33.09
N HIS B 34 33.84 16.04 -32.23
CA HIS B 34 33.65 15.90 -30.78
C HIS B 34 32.91 14.61 -30.40
N GLU B 35 33.06 13.60 -31.25
CA GLU B 35 32.48 12.28 -30.98
C GLU B 35 33.59 11.25 -30.98
N VAL B 36 33.33 10.12 -30.33
CA VAL B 36 34.32 9.07 -30.11
C VAL B 36 33.67 7.72 -30.42
N ARG B 37 34.30 6.90 -31.27
CA ARG B 37 33.77 5.58 -31.55
C ARG B 37 34.59 4.56 -30.76
N ILE B 38 33.88 3.65 -30.09
CA ILE B 38 34.48 2.76 -29.10
C ILE B 38 34.23 1.30 -29.47
N LYS B 39 35.27 0.48 -29.43
CA LYS B 39 35.11 -0.97 -29.53
C LYS B 39 34.81 -1.52 -28.13
N MET B 40 33.64 -2.11 -27.99
CA MET B 40 33.24 -2.63 -26.68
C MET B 40 34.11 -3.81 -26.25
N VAL B 41 34.41 -3.86 -24.96
CA VAL B 41 35.11 -4.98 -24.37
C VAL B 41 34.25 -5.73 -23.37
N ALA B 42 33.50 -4.99 -22.54
CA ALA B 42 32.59 -5.63 -21.59
C ALA B 42 31.45 -4.69 -21.28
N THR B 43 30.28 -5.28 -21.05
CA THR B 43 29.14 -4.49 -20.62
C THR B 43 28.27 -5.29 -19.64
N GLY B 44 27.86 -4.61 -18.57
CA GLY B 44 27.03 -5.21 -17.54
C GLY B 44 25.58 -5.16 -17.89
N ILE B 45 24.79 -6.10 -17.40
CA ILE B 45 23.34 -6.01 -17.54
C ILE B 45 22.79 -5.39 -16.25
N CYS B 46 22.32 -4.15 -16.37
CA CYS B 46 21.78 -3.40 -15.26
C CYS B 46 20.22 -3.45 -15.31
N ARG B 47 19.58 -3.43 -14.14
CA ARG B 47 18.10 -3.47 -14.14
C ARG B 47 17.52 -2.30 -14.98
N SER B 48 18.23 -1.17 -15.04
CA SER B 48 17.73 -0.06 -15.89
C SER B 48 17.61 -0.43 -17.38
N ASP B 49 18.46 -1.31 -17.89
CA ASP B 49 18.31 -1.77 -19.29
C ASP B 49 17.04 -2.58 -19.41
N ASP B 50 16.77 -3.41 -18.40
CA ASP B 50 15.53 -4.17 -18.34
C ASP B 50 14.31 -3.23 -18.30
N HIS B 51 14.43 -2.11 -17.58
CA HIS B 51 13.35 -1.12 -17.49
C HIS B 51 12.93 -0.58 -18.87
N VAL B 52 13.88 -0.49 -19.81
CA VAL B 52 13.53 -0.13 -21.20
C VAL B 52 12.67 -1.21 -21.82
N VAL B 53 13.02 -2.48 -21.57
CA VAL B 53 12.23 -3.59 -22.13
C VAL B 53 10.83 -3.62 -21.53
N SER B 54 10.74 -3.42 -20.22
CA SER B 54 9.45 -3.53 -19.55
C SER B 54 8.55 -2.30 -19.69
N GLY B 55 9.07 -1.20 -20.21
CA GLY B 55 8.32 0.05 -20.29
C GLY B 55 8.33 0.86 -19.00
N THR B 56 9.07 0.38 -17.99
CA THR B 56 9.27 1.16 -16.78
C THR B 56 9.98 2.48 -17.09
N LEU B 57 10.97 2.40 -17.96
CA LEU B 57 11.70 3.56 -18.43
C LEU B 57 11.34 3.76 -19.89
N VAL B 58 10.83 4.95 -20.20
CA VAL B 58 10.39 5.29 -21.55
C VAL B 58 11.46 6.02 -22.31
N THR B 59 11.81 5.51 -23.48
CA THR B 59 12.83 6.10 -24.33
C THR B 59 12.50 5.67 -25.76
N PRO B 60 12.78 6.51 -26.76
CA PRO B 60 12.35 6.16 -28.14
C PRO B 60 12.87 4.80 -28.61
N LEU B 61 11.98 4.05 -29.26
CA LEU B 61 12.32 2.74 -29.86
C LEU B 61 12.22 2.86 -31.38
N PRO B 62 12.89 2.00 -32.15
CA PRO B 62 13.80 0.94 -31.68
C PRO B 62 15.09 1.51 -31.10
N VAL B 63 15.77 0.77 -30.24
CA VAL B 63 16.90 1.31 -29.52
C VAL B 63 17.99 0.27 -29.34
N ILE B 64 19.25 0.74 -29.27
CA ILE B 64 20.33 -0.08 -28.73
C ILE B 64 20.52 0.38 -27.30
N ALA B 65 20.18 -0.49 -26.35
CA ALA B 65 20.32 -0.17 -24.94
C ALA B 65 21.73 -0.51 -24.47
N GLY B 66 21.94 -0.64 -23.16
CA GLY B 66 23.28 -0.82 -22.61
C GLY B 66 23.92 0.51 -22.25
N HIS B 67 24.41 0.61 -21.03
CA HIS B 67 24.96 1.87 -20.57
C HIS B 67 26.08 1.66 -19.55
N GLU B 68 26.29 0.42 -19.07
CA GLU B 68 27.30 0.13 -18.03
C GLU B 68 28.39 -0.69 -18.75
N ALA B 69 29.50 -0.06 -19.11
CA ALA B 69 30.41 -0.70 -20.07
C ALA B 69 31.82 -0.18 -20.00
N ALA B 70 32.73 -0.91 -20.63
CA ALA B 70 34.07 -0.39 -20.85
C ALA B 70 34.56 -0.87 -22.19
N GLY B 71 35.40 -0.08 -22.84
CA GLY B 71 35.95 -0.48 -24.12
C GLY B 71 37.23 0.24 -24.46
N ILE B 72 37.62 0.14 -25.73
CA ILE B 72 38.83 0.78 -26.25
C ILE B 72 38.46 1.69 -27.40
N VAL B 73 38.98 2.91 -27.39
CA VAL B 73 38.70 3.87 -28.45
C VAL B 73 39.25 3.37 -29.79
N GLU B 74 38.35 3.29 -30.77
CA GLU B 74 38.72 2.86 -32.13
C GLU B 74 39.12 4.09 -32.98
N SER B 75 38.41 5.20 -32.80
CA SER B 75 38.72 6.44 -33.52
C SER B 75 38.06 7.64 -32.85
N ILE B 76 38.57 8.84 -33.18
CA ILE B 76 37.98 10.08 -32.66
C ILE B 76 37.63 11.04 -33.80
N GLY B 77 36.57 11.81 -33.59
CA GLY B 77 36.14 12.84 -34.50
C GLY B 77 37.01 14.08 -34.34
N GLU B 78 36.78 15.05 -35.23
CA GLU B 78 37.52 16.30 -35.23
C GLU B 78 37.29 17.03 -33.90
N GLY B 79 38.38 17.55 -33.34
CA GLY B 79 38.31 18.37 -32.15
C GLY B 79 38.30 17.64 -30.82
N VAL B 80 38.32 16.31 -30.87
CA VAL B 80 38.37 15.55 -29.61
C VAL B 80 39.74 15.71 -28.96
N THR B 81 39.75 16.02 -27.67
CA THR B 81 40.98 16.28 -26.94
C THR B 81 41.17 15.43 -25.69
N THR B 82 40.15 14.67 -25.27
CA THR B 82 40.24 14.04 -23.95
C THR B 82 40.54 12.54 -23.97
N VAL B 83 40.44 11.95 -25.16
CA VAL B 83 40.78 10.55 -25.39
C VAL B 83 41.48 10.43 -26.74
N ARG B 84 42.21 9.33 -26.90
CA ARG B 84 42.87 9.01 -28.16
C ARG B 84 42.60 7.56 -28.58
N PRO B 85 42.74 7.23 -29.86
CA PRO B 85 42.62 5.82 -30.28
C PRO B 85 43.51 4.92 -29.42
N GLY B 86 42.96 3.80 -28.97
CA GLY B 86 43.71 2.86 -28.14
C GLY B 86 43.54 3.02 -26.64
N ASP B 87 42.97 4.15 -26.23
CA ASP B 87 42.70 4.39 -24.81
C ASP B 87 41.61 3.47 -24.30
N LYS B 88 41.77 2.98 -23.08
CA LYS B 88 40.63 2.37 -22.39
C LYS B 88 39.68 3.46 -21.89
N VAL B 89 38.38 3.23 -22.04
CA VAL B 89 37.37 4.24 -21.72
C VAL B 89 36.13 3.60 -21.11
N ILE B 90 35.44 4.40 -20.31
CA ILE B 90 34.11 4.02 -19.82
C ILE B 90 33.10 5.07 -20.34
N PRO B 91 32.04 4.65 -21.05
CA PRO B 91 31.00 5.59 -21.49
C PRO B 91 30.23 6.12 -20.26
N LEU B 92 29.78 7.35 -20.34
CA LEU B 92 29.16 8.04 -19.19
C LEU B 92 27.69 8.35 -19.50
N PHE B 93 26.77 7.62 -18.88
CA PHE B 93 25.34 7.77 -19.18
C PHE B 93 24.80 9.10 -18.64
N THR B 94 25.51 9.68 -17.69
CA THR B 94 25.34 11.08 -17.28
C THR B 94 26.57 11.83 -17.77
N PRO B 95 26.39 12.79 -18.67
CA PRO B 95 27.54 13.48 -19.25
C PRO B 95 28.18 14.42 -18.24
N GLN B 96 29.34 14.97 -18.58
CA GLN B 96 29.88 16.07 -17.79
C GLN B 96 30.43 17.09 -18.78
N CYS B 97 29.56 17.98 -19.25
CA CYS B 97 29.97 19.00 -20.22
C CYS B 97 30.99 20.02 -19.66
N GLY B 98 30.94 20.25 -18.35
CA GLY B 98 31.84 21.17 -17.68
C GLY B 98 31.49 22.64 -17.78
N LYS B 99 30.45 22.97 -18.54
CA LYS B 99 30.07 24.35 -18.84
C LYS B 99 28.68 24.80 -18.31
N CYS B 100 27.80 23.84 -18.01
CA CYS B 100 26.46 24.20 -17.54
C CYS B 100 26.45 24.54 -16.04
N ARG B 101 25.34 25.08 -15.57
CA ARG B 101 25.27 25.52 -14.19
C ARG B 101 25.47 24.36 -13.21
N VAL B 102 25.03 23.17 -13.61
CA VAL B 102 25.16 22.00 -12.75
C VAL B 102 26.61 21.52 -12.71
N CYS B 103 27.27 21.41 -13.89
CA CYS B 103 28.64 21.01 -13.90
C CYS B 103 29.52 21.98 -13.11
N LYS B 104 29.18 23.26 -13.13
CA LYS B 104 29.95 24.25 -12.34
C LYS B 104 29.65 24.27 -10.83
N HIS B 105 28.54 23.68 -10.40
CA HIS B 105 28.15 23.68 -9.00
C HIS B 105 28.97 22.62 -8.26
N PRO B 106 29.43 22.88 -7.04
CA PRO B 106 30.26 21.91 -6.31
C PRO B 106 29.61 20.53 -6.11
N GLU B 107 28.29 20.50 -5.99
CA GLU B 107 27.61 19.27 -5.61
C GLU B 107 26.91 18.60 -6.77
N GLY B 108 26.32 19.39 -7.66
CA GLY B 108 25.48 18.79 -8.71
C GLY B 108 26.20 17.88 -9.69
N ASN B 109 25.52 16.84 -10.20
CA ASN B 109 26.11 16.02 -11.27
C ASN B 109 25.18 15.71 -12.45
N PHE B 110 23.92 16.15 -12.38
CA PHE B 110 22.93 15.85 -13.44
C PHE B 110 23.09 16.93 -14.51
N CYS B 111 24.18 16.80 -15.26
CA CYS B 111 24.52 17.74 -16.32
C CYS B 111 23.32 17.97 -17.24
N LEU B 112 23.14 19.23 -17.61
CA LEU B 112 22.01 19.62 -18.42
C LEU B 112 22.00 19.02 -19.83
N LYS B 113 23.12 18.43 -20.25
CA LYS B 113 23.19 17.78 -21.57
C LYS B 113 22.69 16.33 -21.56
N ASN B 114 22.22 15.87 -20.40
CA ASN B 114 21.72 14.51 -20.29
C ASN B 114 20.54 14.22 -21.22
N ASP B 115 20.38 12.94 -21.54
CA ASP B 115 19.28 12.49 -22.38
C ASP B 115 18.23 11.73 -21.55
N LEU B 116 18.13 12.07 -20.27
CA LEU B 116 17.24 11.36 -19.36
C LEU B 116 15.93 12.11 -19.15
N SER B 117 16.02 13.42 -18.97
CA SER B 117 14.85 14.24 -18.63
C SER B 117 13.80 14.27 -19.71
N MET B 118 14.23 14.40 -20.95
CA MET B 118 13.32 14.40 -22.08
C MET B 118 14.00 13.61 -23.18
N PRO B 119 13.91 12.30 -23.08
CA PRO B 119 14.73 11.40 -23.92
C PRO B 119 14.50 11.62 -25.41
N ARG B 120 15.58 11.81 -26.16
CA ARG B 120 15.49 11.89 -27.62
C ARG B 120 16.06 10.63 -28.24
N GLY B 121 16.97 9.97 -27.52
CA GLY B 121 17.62 8.77 -28.04
C GLY B 121 18.51 9.04 -29.24
N THR B 122 19.28 10.14 -29.16
CA THR B 122 20.20 10.52 -30.22
C THR B 122 21.56 10.90 -29.64
N MET B 123 22.50 11.21 -30.54
CA MET B 123 23.71 11.98 -30.19
C MET B 123 23.34 13.42 -29.84
N GLN B 124 24.30 14.18 -29.35
CA GLN B 124 23.99 15.56 -28.95
C GLN B 124 23.40 16.36 -30.11
N ASP B 125 23.83 16.04 -31.33
CA ASP B 125 23.36 16.79 -32.52
C ASP B 125 21.95 16.44 -33.01
N GLY B 126 21.26 15.54 -32.31
CA GLY B 126 19.89 15.19 -32.64
C GLY B 126 19.76 14.11 -33.71
N THR B 127 20.88 13.49 -34.09
CA THR B 127 20.86 12.40 -35.06
C THR B 127 21.44 11.12 -34.50
N SER B 128 21.24 10.01 -35.22
CA SER B 128 21.76 8.69 -34.82
C SER B 128 22.95 8.21 -35.66
N ARG B 129 23.88 7.49 -35.04
CA ARG B 129 25.00 6.88 -35.75
C ARG B 129 24.73 5.42 -36.13
N PHE B 130 23.52 4.94 -35.82
CA PHE B 130 23.17 3.54 -36.06
C PHE B 130 22.08 3.37 -37.12
N THR B 131 22.32 2.43 -38.02
CA THR B 131 21.24 2.04 -38.96
C THR B 131 21.11 0.52 -38.98
N CYS B 132 19.89 0.04 -39.16
CA CYS B 132 19.68 -1.36 -39.38
C CYS B 132 18.77 -1.52 -40.58
N ARG B 133 19.31 -2.07 -41.65
CA ARG B 133 18.60 -2.19 -42.93
C ARG B 133 18.01 -0.86 -43.37
N GLY B 134 18.86 0.17 -43.39
CA GLY B 134 18.44 1.50 -43.75
C GLY B 134 17.49 2.19 -42.78
N LYS B 135 17.26 1.62 -41.59
CA LYS B 135 16.37 2.26 -40.62
C LYS B 135 17.23 2.81 -39.49
N PRO B 136 17.01 4.06 -39.10
CA PRO B 136 17.75 4.62 -37.96
C PRO B 136 17.36 3.91 -36.65
N ILE B 137 18.36 3.64 -35.82
CA ILE B 137 18.12 3.01 -34.51
C ILE B 137 18.53 4.03 -33.45
N HIS B 138 17.66 4.23 -32.46
CA HIS B 138 17.97 5.21 -31.41
C HIS B 138 19.12 4.79 -30.53
N HIS B 139 19.81 5.80 -29.98
CA HIS B 139 20.77 5.64 -28.91
C HIS B 139 20.06 5.63 -27.57
N PHE B 140 20.78 5.24 -26.51
CA PHE B 140 20.22 5.16 -25.15
C PHE B 140 21.17 5.86 -24.21
N LEU B 141 20.68 6.94 -23.58
CA LEU B 141 21.48 7.75 -22.63
C LEU B 141 22.85 8.18 -23.18
N GLY B 142 22.93 8.39 -24.50
CA GLY B 142 24.18 8.74 -25.15
C GLY B 142 25.27 7.71 -24.95
N THR B 143 24.91 6.44 -24.72
CA THR B 143 25.92 5.41 -24.53
C THR B 143 25.73 4.29 -25.53
N SER B 144 24.67 3.50 -25.36
CA SER B 144 24.36 2.39 -26.29
C SER B 144 25.49 1.36 -26.37
N THR B 145 25.63 0.54 -25.33
CA THR B 145 26.77 -0.34 -25.25
C THR B 145 26.49 -1.78 -25.58
N PHE B 146 25.24 -2.10 -25.92
CA PHE B 146 24.91 -3.47 -26.33
C PHE B 146 25.22 -3.61 -27.84
N SER B 147 26.47 -3.34 -28.19
CA SER B 147 26.88 -3.33 -29.59
C SER B 147 28.36 -3.52 -29.62
N GLN B 148 28.88 -4.15 -30.69
CA GLN B 148 30.32 -4.35 -30.77
C GLN B 148 31.07 -3.03 -30.86
N TYR B 149 30.40 -2.05 -31.47
CA TYR B 149 30.90 -0.68 -31.58
C TYR B 149 29.83 0.32 -31.25
N THR B 150 30.20 1.38 -30.57
CA THR B 150 29.26 2.49 -30.42
C THR B 150 29.96 3.83 -30.67
N VAL B 151 29.15 4.88 -30.82
CA VAL B 151 29.66 6.25 -30.91
C VAL B 151 29.01 7.09 -29.84
N VAL B 152 29.84 7.84 -29.11
CA VAL B 152 29.36 8.68 -28.00
C VAL B 152 29.92 10.08 -28.16
N ASP B 153 29.23 11.07 -27.59
CA ASP B 153 29.77 12.41 -27.53
C ASP B 153 30.94 12.46 -26.53
N GLU B 154 31.90 13.35 -26.76
CA GLU B 154 33.09 13.41 -25.94
C GLU B 154 32.74 13.68 -24.47
N ILE B 155 31.68 14.46 -24.24
CA ILE B 155 31.24 14.72 -22.85
C ILE B 155 30.65 13.48 -22.16
N SER B 156 30.42 12.43 -22.95
CA SER B 156 29.92 11.15 -22.41
C SER B 156 30.94 10.01 -22.43
N VAL B 157 32.22 10.35 -22.29
CA VAL B 157 33.22 9.29 -22.20
C VAL B 157 34.39 9.76 -21.33
N ALA B 158 34.92 8.85 -20.50
CA ALA B 158 36.11 9.12 -19.68
C ALA B 158 37.25 8.14 -20.00
N LYS B 159 38.46 8.69 -20.13
CA LYS B 159 39.67 7.90 -20.23
C LYS B 159 40.02 7.28 -18.86
N ILE B 160 40.33 5.98 -18.84
CA ILE B 160 40.72 5.30 -17.61
C ILE B 160 42.09 4.61 -17.69
N ASP B 161 42.54 4.11 -16.55
CA ASP B 161 43.87 3.47 -16.41
C ASP B 161 44.10 2.40 -17.50
N ALA B 162 45.21 2.53 -18.21
CA ALA B 162 45.53 1.64 -19.34
C ALA B 162 45.65 0.17 -18.94
N ALA B 163 45.90 -0.04 -17.66
CA ALA B 163 46.11 -1.37 -17.12
C ALA B 163 44.87 -1.94 -16.41
N SER B 164 43.74 -1.25 -16.50
CA SER B 164 42.55 -1.69 -15.77
C SER B 164 41.85 -2.87 -16.46
N PRO B 165 41.35 -3.81 -15.67
CA PRO B 165 40.64 -5.00 -16.21
C PRO B 165 39.20 -4.64 -16.61
N LEU B 166 38.97 -4.50 -17.91
CA LEU B 166 37.69 -3.94 -18.40
C LEU B 166 36.48 -4.82 -18.06
N GLU B 167 36.73 -6.12 -17.96
CA GLU B 167 35.68 -7.06 -17.61
C GLU B 167 35.16 -6.86 -16.17
N LYS B 168 35.89 -6.09 -15.35
CA LYS B 168 35.45 -5.75 -13.98
C LYS B 168 35.04 -4.29 -13.89
N VAL B 169 35.88 -3.41 -14.42
CA VAL B 169 35.68 -1.98 -14.19
C VAL B 169 34.52 -1.39 -14.97
N CYS B 170 33.96 -2.16 -15.92
CA CYS B 170 32.73 -1.75 -16.55
C CYS B 170 31.64 -1.42 -15.51
N LEU B 171 31.68 -2.10 -14.36
CA LEU B 171 30.69 -1.83 -13.31
C LEU B 171 30.77 -0.43 -12.74
N ILE B 172 31.93 0.20 -12.86
CA ILE B 172 32.07 1.59 -12.41
C ILE B 172 31.27 2.53 -13.33
N GLY B 173 30.92 2.04 -14.52
CA GLY B 173 30.11 2.84 -15.42
C GLY B 173 28.65 2.97 -14.95
N CYS B 174 28.21 2.13 -14.02
CA CYS B 174 26.89 2.38 -13.44
C CYS B 174 26.69 1.82 -12.05
N GLY B 175 26.54 0.49 -11.93
CA GLY B 175 26.00 -0.08 -10.72
C GLY B 175 26.83 0.17 -9.48
N PHE B 176 28.14 -0.08 -9.57
CA PHE B 176 28.98 0.13 -8.39
C PHE B 176 28.96 1.60 -7.95
N SER B 177 29.25 2.48 -8.90
CA SER B 177 29.41 3.89 -8.58
C SER B 177 28.11 4.50 -8.06
N THR B 178 27.00 4.11 -8.67
CA THR B 178 25.68 4.57 -8.20
C THR B 178 25.46 4.17 -6.75
N GLY B 179 25.62 2.88 -6.44
CA GLY B 179 25.31 2.46 -5.08
C GLY B 179 26.31 3.01 -4.05
N TYR B 180 27.60 2.91 -4.36
CA TYR B 180 28.65 3.38 -3.46
C TYR B 180 28.53 4.89 -3.20
N GLY B 181 28.39 5.66 -4.28
CA GLY B 181 28.23 7.10 -4.14
C GLY B 181 26.94 7.50 -3.39
N SER B 182 25.88 6.74 -3.61
CA SER B 182 24.63 7.06 -2.92
C SER B 182 24.83 7.02 -1.38
N ALA B 183 25.67 6.09 -0.91
CA ALA B 183 26.01 6.01 0.50
C ALA B 183 27.02 7.08 0.91
N VAL B 184 28.14 7.15 0.17
CA VAL B 184 29.27 7.96 0.68
C VAL B 184 29.16 9.45 0.33
N LYS B 185 28.53 9.75 -0.80
CA LYS B 185 28.47 11.13 -1.26
C LYS B 185 27.10 11.78 -1.06
N VAL B 186 26.03 11.04 -1.35
CA VAL B 186 24.70 11.63 -1.30
C VAL B 186 24.17 11.57 0.14
N ALA B 187 24.05 10.37 0.71
CA ALA B 187 23.59 10.29 2.09
C ALA B 187 24.63 10.83 3.08
N LYS B 188 25.92 10.64 2.76
CA LYS B 188 27.02 10.94 3.69
C LYS B 188 26.87 10.17 4.98
N VAL B 189 26.79 8.84 4.82
CA VAL B 189 26.69 7.94 5.97
C VAL B 189 27.80 8.20 6.96
N THR B 190 27.47 8.16 8.24
CA THR B 190 28.45 8.47 9.30
C THR B 190 28.92 7.25 10.07
N GLN B 191 30.09 7.39 10.69
CA GLN B 191 30.65 6.31 11.49
C GLN B 191 29.71 5.95 12.64
N GLY B 192 29.47 4.67 12.81
CA GLY B 192 28.66 4.16 13.90
C GLY B 192 27.15 4.18 13.67
N SER B 193 26.74 4.66 12.50
CA SER B 193 25.31 4.77 12.21
C SER B 193 24.63 3.45 11.87
N THR B 194 23.30 3.48 11.84
CA THR B 194 22.48 2.34 11.39
C THR B 194 21.85 2.68 10.05
N CYS B 195 22.02 1.79 9.07
CA CYS B 195 21.56 1.97 7.69
C CYS B 195 20.60 0.85 7.34
N ALA B 196 19.61 1.15 6.52
CA ALA B 196 18.73 0.13 5.97
C ALA B 196 18.77 0.26 4.45
N VAL B 197 18.96 -0.86 3.75
CA VAL B 197 19.16 -0.87 2.28
C VAL B 197 18.07 -1.75 1.71
N PHE B 198 17.15 -1.14 0.96
CA PHE B 198 16.04 -1.86 0.35
C PHE B 198 16.44 -2.25 -1.05
N GLY B 199 16.56 -3.56 -1.30
CA GLY B 199 16.92 -4.06 -2.61
C GLY B 199 18.39 -4.44 -2.60
N LEU B 200 18.65 -5.76 -2.81
CA LEU B 200 19.99 -6.30 -2.68
C LEU B 200 20.54 -6.84 -3.98
N GLY B 201 20.25 -6.11 -5.07
CA GLY B 201 20.89 -6.37 -6.36
C GLY B 201 22.24 -5.71 -6.44
N GLY B 202 22.77 -5.60 -7.66
CA GLY B 202 24.08 -4.98 -7.85
C GLY B 202 24.21 -3.61 -7.24
N VAL B 203 23.17 -2.79 -7.40
CA VAL B 203 23.26 -1.42 -6.89
C VAL B 203 23.17 -1.42 -5.35
N GLY B 204 22.21 -2.16 -4.78
CA GLY B 204 22.07 -2.27 -3.33
C GLY B 204 23.29 -2.84 -2.64
N LEU B 205 23.92 -3.84 -3.26
CA LEU B 205 25.17 -4.36 -2.70
C LEU B 205 26.25 -3.30 -2.67
N SER B 206 26.25 -2.46 -3.68
CA SER B 206 27.21 -1.36 -3.75
C SER B 206 26.89 -0.28 -2.70
N VAL B 207 25.61 -0.05 -2.44
CA VAL B 207 25.22 0.79 -1.32
C VAL B 207 25.75 0.19 -0.01
N ILE B 208 25.59 -1.12 0.18
CA ILE B 208 26.17 -1.74 1.38
C ILE B 208 27.69 -1.53 1.50
N MET B 209 28.42 -1.74 0.40
CA MET B 209 29.87 -1.46 0.38
C MET B 209 30.17 -0.06 0.81
N GLY B 210 29.36 0.90 0.35
CA GLY B 210 29.57 2.29 0.74
C GLY B 210 29.28 2.55 2.21
N CYS B 211 28.20 1.97 2.70
CA CYS B 211 27.87 2.11 4.13
C CYS B 211 28.99 1.53 5.00
N LYS B 212 29.54 0.39 4.60
CA LYS B 212 30.63 -0.24 5.35
C LYS B 212 31.90 0.63 5.32
N ALA B 213 32.20 1.18 4.13
CA ALA B 213 33.34 2.05 3.96
C ALA B 213 33.22 3.28 4.85
N ALA B 214 31.99 3.77 5.01
CA ALA B 214 31.72 4.95 5.82
C ALA B 214 31.72 4.64 7.33
N GLY B 215 31.84 3.36 7.70
CA GLY B 215 31.94 2.94 9.09
C GLY B 215 30.60 2.76 9.81
N ALA B 216 29.51 2.52 9.06
CA ALA B 216 28.25 2.18 9.71
C ALA B 216 28.42 1.01 10.66
N ALA B 217 27.77 1.08 11.80
CA ALA B 217 27.82 -0.03 12.75
C ALA B 217 26.80 -1.13 12.41
N ARG B 218 25.68 -0.75 11.81
CA ARG B 218 24.63 -1.69 11.48
C ARG B 218 24.14 -1.37 10.06
N ILE B 219 24.00 -2.41 9.25
CA ILE B 219 23.56 -2.31 7.87
C ILE B 219 22.54 -3.42 7.66
N ILE B 220 21.29 -3.01 7.63
CA ILE B 220 20.17 -3.93 7.52
C ILE B 220 19.73 -4.06 6.06
N GLY B 221 19.90 -5.25 5.47
CA GLY B 221 19.47 -5.46 4.11
C GLY B 221 18.02 -5.89 4.09
N VAL B 222 17.27 -5.38 3.12
CA VAL B 222 15.84 -5.73 3.00
C VAL B 222 15.57 -6.22 1.59
N ASP B 223 15.09 -7.46 1.43
CA ASP B 223 14.73 -7.98 0.10
C ASP B 223 13.68 -9.05 0.26
N ILE B 224 12.80 -9.18 -0.73
CA ILE B 224 11.79 -10.24 -0.70
C ILE B 224 12.34 -11.55 -1.23
N ASN B 225 13.56 -11.52 -1.77
CA ASN B 225 14.22 -12.74 -2.22
C ASN B 225 15.34 -13.06 -1.25
N LYS B 226 15.07 -14.04 -0.38
CA LYS B 226 16.01 -14.40 0.66
C LYS B 226 17.32 -14.99 0.12
N ASP B 227 17.33 -15.41 -1.16
CA ASP B 227 18.58 -15.90 -1.79
C ASP B 227 19.63 -14.79 -1.93
N LYS B 228 19.19 -13.53 -1.80
CA LYS B 228 20.10 -12.41 -1.95
C LYS B 228 20.86 -12.13 -0.67
N PHE B 229 20.44 -12.76 0.43
CA PHE B 229 20.98 -12.36 1.74
C PHE B 229 22.43 -12.77 1.98
N ALA B 230 22.84 -13.94 1.46
CA ALA B 230 24.18 -14.43 1.74
C ALA B 230 25.24 -13.44 1.24
N LYS B 231 25.07 -13.00 0.00
CA LYS B 231 25.99 -12.07 -0.62
C LYS B 231 25.93 -10.69 0.06
N ALA B 232 24.72 -10.25 0.44
CA ALA B 232 24.61 -8.99 1.17
C ALA B 232 25.44 -9.02 2.45
N LYS B 233 25.40 -10.16 3.16
CA LYS B 233 26.19 -10.28 4.40
C LYS B 233 27.69 -10.31 4.08
N GLU B 234 28.05 -10.98 2.98
CA GLU B 234 29.47 -11.06 2.59
C GLU B 234 30.07 -9.66 2.40
N VAL B 235 29.28 -8.74 1.82
CA VAL B 235 29.79 -7.40 1.53
C VAL B 235 29.54 -6.36 2.64
N GLY B 236 28.87 -6.76 3.72
CA GLY B 236 28.83 -5.93 4.92
C GLY B 236 27.51 -5.84 5.66
N ALA B 237 26.42 -6.40 5.11
CA ALA B 237 25.16 -6.38 5.86
C ALA B 237 25.32 -7.12 7.20
N THR B 238 24.83 -6.49 8.26
CA THR B 238 24.90 -7.14 9.60
C THR B 238 23.69 -8.01 9.89
N GLU B 239 22.61 -7.81 9.12
CA GLU B 239 21.35 -8.51 9.31
C GLU B 239 20.61 -8.33 8.01
N CYS B 240 19.69 -9.26 7.73
CA CYS B 240 18.81 -9.13 6.60
C CYS B 240 17.40 -9.51 6.99
N VAL B 241 16.44 -8.79 6.42
CA VAL B 241 15.04 -9.05 6.68
C VAL B 241 14.22 -9.14 5.41
N ASN B 242 13.26 -10.08 5.42
CA ASN B 242 12.37 -10.29 4.29
C ASN B 242 10.99 -9.86 4.70
N PRO B 243 10.47 -8.78 4.14
CA PRO B 243 9.15 -8.28 4.57
C PRO B 243 8.07 -9.39 4.53
N GLN B 244 8.24 -10.39 3.67
CA GLN B 244 7.21 -11.46 3.50
C GLN B 244 7.13 -12.38 4.72
N ASP B 245 8.16 -12.33 5.56
CA ASP B 245 8.22 -13.17 6.75
C ASP B 245 7.40 -12.60 7.89
N TYR B 246 7.00 -11.33 7.80
CA TYR B 246 6.37 -10.63 8.90
C TYR B 246 4.91 -10.42 8.69
N LYS B 247 4.18 -10.45 9.80
CA LYS B 247 2.75 -10.16 9.79
C LYS B 247 2.45 -8.65 9.94
N LYS B 248 3.48 -7.83 10.11
CA LYS B 248 3.36 -6.36 10.17
C LYS B 248 4.21 -5.64 9.11
N PRO B 249 3.93 -4.36 8.83
CA PRO B 249 4.72 -3.62 7.82
C PRO B 249 6.19 -3.52 8.17
N ILE B 250 7.08 -3.63 7.19
CA ILE B 250 8.50 -3.68 7.50
C ILE B 250 8.99 -2.34 8.05
N GLN B 251 8.33 -1.21 7.75
CA GLN B 251 8.81 0.04 8.37
C GLN B 251 8.69 -0.03 9.90
N GLU B 252 7.64 -0.67 10.40
CA GLU B 252 7.46 -0.86 11.84
C GLU B 252 8.56 -1.78 12.40
N VAL B 253 8.82 -2.88 11.69
CA VAL B 253 9.85 -3.85 12.09
C VAL B 253 11.19 -3.12 12.19
N LEU B 254 11.50 -2.30 11.19
CA LEU B 254 12.81 -1.65 11.15
C LEU B 254 12.91 -0.57 12.22
N THR B 255 11.80 0.12 12.48
CA THR B 255 11.78 1.13 13.53
C THR B 255 12.06 0.44 14.88
N GLU B 256 11.43 -0.72 15.11
CA GLU B 256 11.69 -1.48 16.35
C GLU B 256 13.12 -2.00 16.46
N MET B 257 13.63 -2.56 15.36
CA MET B 257 15.02 -3.07 15.33
C MET B 257 16.04 -1.98 15.62
N SER B 258 15.73 -0.76 15.20
CA SER B 258 16.69 0.34 15.26
C SER B 258 16.37 1.26 16.46
N ASN B 259 15.47 0.81 17.34
CA ASN B 259 15.15 1.53 18.56
C ASN B 259 14.66 2.95 18.25
N GLY B 260 13.81 3.04 17.23
CA GLY B 260 13.12 4.28 16.92
C GLY B 260 13.40 4.88 15.56
N GLY B 261 14.04 4.11 14.66
CA GLY B 261 14.27 4.55 13.28
C GLY B 261 15.74 4.52 12.94
N VAL B 262 16.04 4.31 11.65
CA VAL B 262 17.45 4.21 11.23
C VAL B 262 18.02 5.61 10.94
N ASP B 263 19.35 5.71 10.90
CA ASP B 263 19.99 6.99 10.53
C ASP B 263 19.87 7.24 9.04
N PHE B 264 20.03 6.20 8.22
CA PHE B 264 20.07 6.35 6.75
C PHE B 264 19.34 5.21 6.11
N SER B 265 18.43 5.50 5.20
CA SER B 265 17.81 4.43 4.44
C SER B 265 17.98 4.69 2.98
N PHE B 266 17.89 3.61 2.18
CA PHE B 266 18.13 3.68 0.74
C PHE B 266 17.10 2.85 0.04
N GLU B 267 16.41 3.45 -0.94
CA GLU B 267 15.49 2.66 -1.77
C GLU B 267 16.27 2.31 -3.04
N VAL B 268 16.52 1.02 -3.24
CA VAL B 268 17.34 0.56 -4.38
C VAL B 268 16.60 -0.54 -5.14
N ILE B 269 15.31 -0.29 -5.39
CA ILE B 269 14.44 -1.25 -6.05
C ILE B 269 13.77 -0.57 -7.26
N GLY B 270 12.97 0.45 -6.97
CA GLY B 270 12.19 1.14 -7.98
C GLY B 270 10.71 0.89 -7.79
N ARG B 271 10.24 0.97 -6.54
CA ARG B 271 8.80 0.90 -6.29
C ARG B 271 8.35 2.10 -5.47
N LEU B 272 7.20 2.64 -5.80
CA LEU B 272 6.66 3.77 -5.05
C LEU B 272 6.47 3.41 -3.59
N ASP B 273 5.96 2.21 -3.32
CA ASP B 273 5.65 1.85 -1.93
C ASP B 273 6.91 1.74 -1.08
N THR B 274 7.97 1.15 -1.65
CA THR B 274 9.21 1.03 -0.88
C THR B 274 9.91 2.37 -0.74
N MET B 275 9.65 3.32 -1.63
CA MET B 275 10.20 4.67 -1.43
C MET B 275 9.59 5.29 -0.17
N VAL B 276 8.28 5.17 0.00
CA VAL B 276 7.64 5.73 1.18
C VAL B 276 8.00 4.94 2.46
N THR B 277 8.06 3.63 2.34
CA THR B 277 8.50 2.78 3.46
C THR B 277 9.93 3.15 3.91
N ALA B 278 10.83 3.33 2.94
CA ALA B 278 12.21 3.65 3.27
C ALA B 278 12.27 5.02 3.95
N LEU B 279 11.47 5.99 3.48
CA LEU B 279 11.43 7.29 4.16
C LEU B 279 10.95 7.13 5.57
N SER B 280 9.84 6.40 5.73
CA SER B 280 9.22 6.22 7.05
C SER B 280 10.13 5.53 8.09
N CYS B 281 10.96 4.60 7.63
CA CYS B 281 11.78 3.80 8.57
C CYS B 281 13.02 4.57 9.07
N CYS B 282 13.34 5.72 8.46
CA CYS B 282 14.42 6.55 9.02
C CYS B 282 13.90 7.41 10.20
N GLN B 283 14.78 7.73 11.15
CA GLN B 283 14.36 8.37 12.39
C GLN B 283 13.68 9.72 12.06
N GLU B 284 12.55 10.01 12.72
CA GLU B 284 11.70 11.13 12.27
C GLU B 284 12.29 12.54 12.39
N ALA B 285 13.28 12.70 13.27
CA ALA B 285 13.83 14.02 13.59
C ALA B 285 15.12 14.30 12.81
N TYR B 286 15.89 13.25 12.51
CA TYR B 286 17.21 13.44 11.90
C TYR B 286 17.58 12.42 10.84
N GLY B 287 16.65 11.51 10.51
CA GLY B 287 16.93 10.52 9.51
C GLY B 287 17.08 11.08 8.10
N VAL B 288 17.80 10.35 7.27
CA VAL B 288 17.98 10.71 5.86
C VAL B 288 17.62 9.49 5.04
N SER B 289 16.82 9.70 3.98
CA SER B 289 16.46 8.61 3.06
C SER B 289 16.82 9.02 1.66
N VAL B 290 17.49 8.12 0.94
CA VAL B 290 17.93 8.38 -0.45
C VAL B 290 17.25 7.45 -1.43
N ILE B 291 16.55 8.02 -2.40
CA ILE B 291 15.94 7.23 -3.47
C ILE B 291 16.96 6.99 -4.57
N VAL B 292 17.18 5.72 -4.89
CA VAL B 292 18.08 5.32 -5.98
C VAL B 292 17.29 4.59 -7.08
N GLY B 293 16.33 3.75 -6.68
CA GLY B 293 15.55 2.98 -7.67
C GLY B 293 14.76 3.85 -8.62
N VAL B 294 14.58 3.33 -9.84
CA VAL B 294 13.77 3.98 -10.89
C VAL B 294 12.38 3.36 -10.89
N PRO B 295 11.35 4.14 -10.56
CA PRO B 295 9.97 3.65 -10.53
C PRO B 295 9.31 3.74 -11.92
N PRO B 296 8.13 3.12 -12.06
CA PRO B 296 7.39 3.16 -13.32
C PRO B 296 7.08 4.59 -13.79
N ASP B 297 7.31 4.80 -15.08
CA ASP B 297 7.12 6.07 -15.72
C ASP B 297 5.80 6.75 -15.39
N SER B 298 5.88 8.03 -15.06
CA SER B 298 4.71 8.90 -14.85
C SER B 298 3.79 8.57 -13.67
N GLN B 299 4.24 7.71 -12.77
CA GLN B 299 3.40 7.37 -11.63
C GLN B 299 3.84 8.17 -10.42
N ASN B 300 2.87 8.71 -9.69
CA ASN B 300 3.17 9.50 -8.51
C ASN B 300 2.98 8.64 -7.27
N LEU B 301 3.81 8.94 -6.26
CA LEU B 301 3.62 8.36 -4.93
C LEU B 301 2.76 9.28 -4.09
N SER B 302 2.23 8.71 -3.01
CA SER B 302 1.40 9.39 -2.04
C SER B 302 2.11 9.34 -0.69
N MET B 303 2.22 10.50 -0.03
CA MET B 303 2.86 10.52 1.28
C MET B 303 2.37 11.68 2.13
N ASN B 304 2.51 11.50 3.43
CA ASN B 304 2.11 12.51 4.41
C ASN B 304 3.30 13.41 4.69
N PRO B 305 3.21 14.71 4.35
CA PRO B 305 4.35 15.59 4.60
C PRO B 305 4.75 15.75 6.06
N MET B 306 3.93 15.28 7.01
CA MET B 306 4.38 15.27 8.39
C MET B 306 5.68 14.43 8.54
N LEU B 307 5.91 13.49 7.63
CA LEU B 307 7.14 12.69 7.70
C LEU B 307 8.38 13.56 7.54
N LEU B 308 8.24 14.65 6.77
CA LEU B 308 9.34 15.60 6.55
C LEU B 308 9.34 16.71 7.59
N LEU B 309 8.16 17.22 7.96
CA LEU B 309 8.07 18.31 8.95
C LEU B 309 8.75 18.00 10.28
N SER B 310 8.75 16.73 10.70
CA SER B 310 9.42 16.38 11.94
C SER B 310 10.96 16.53 11.87
N GLY B 311 11.51 16.56 10.66
CA GLY B 311 12.93 16.75 10.49
C GLY B 311 13.63 15.83 9.50
N ARG B 312 12.92 14.84 8.92
CA ARG B 312 13.59 13.96 7.95
C ARG B 312 14.09 14.72 6.72
N THR B 313 15.12 14.16 6.08
CA THR B 313 15.63 14.67 4.82
C THR B 313 15.42 13.57 3.77
N TRP B 314 14.86 13.95 2.62
CA TRP B 314 14.59 12.99 1.54
C TRP B 314 15.31 13.50 0.33
N LYS B 315 16.06 12.65 -0.31
CA LYS B 315 16.75 13.08 -1.49
C LYS B 315 16.84 11.94 -2.48
N GLY B 316 17.17 12.25 -3.73
CA GLY B 316 17.51 11.21 -4.68
C GLY B 316 18.77 11.61 -5.41
N ALA B 317 19.28 10.72 -6.27
CA ALA B 317 20.45 11.06 -7.05
C ALA B 317 20.58 10.13 -8.23
N ILE B 318 21.26 10.66 -9.24
CA ILE B 318 21.67 9.86 -10.37
C ILE B 318 23.18 9.56 -10.26
N PHE B 319 23.55 8.30 -10.53
CA PHE B 319 24.95 7.90 -10.58
C PHE B 319 25.71 8.22 -9.29
N GLY B 320 25.00 8.06 -8.15
CA GLY B 320 25.62 8.20 -6.85
C GLY B 320 26.11 9.62 -6.57
N GLY B 321 25.60 10.60 -7.32
CA GLY B 321 26.01 11.98 -7.16
C GLY B 321 27.36 12.32 -7.76
N PHE B 322 28.05 11.34 -8.39
CA PHE B 322 29.39 11.61 -8.91
C PHE B 322 29.33 12.44 -10.19
N LYS B 323 30.09 13.54 -10.20
CA LYS B 323 30.39 14.21 -11.48
C LYS B 323 31.14 13.19 -12.35
N SER B 324 30.51 12.79 -13.46
CA SER B 324 30.90 11.52 -14.08
C SER B 324 32.30 11.48 -14.69
N LYS B 325 32.68 12.51 -15.45
CA LYS B 325 33.97 12.44 -16.15
C LYS B 325 35.15 12.65 -15.16
N ASP B 326 34.94 13.47 -14.13
CA ASP B 326 35.95 13.64 -13.09
C ASP B 326 36.10 12.38 -12.27
N SER B 327 34.98 11.74 -11.97
CA SER B 327 34.98 10.68 -10.94
C SER B 327 35.33 9.29 -11.45
N VAL B 328 34.85 8.96 -12.65
CA VAL B 328 35.05 7.60 -13.13
C VAL B 328 36.56 7.18 -13.15
N PRO B 329 37.45 8.02 -13.70
CA PRO B 329 38.89 7.68 -13.70
C PRO B 329 39.44 7.47 -12.29
N LYS B 330 38.99 8.31 -11.35
CA LYS B 330 39.42 8.22 -9.95
C LYS B 330 38.89 6.95 -9.31
N LEU B 331 37.64 6.57 -9.63
CA LEU B 331 37.12 5.33 -9.10
C LEU B 331 37.88 4.10 -9.63
N VAL B 332 38.24 4.13 -10.90
CA VAL B 332 39.05 3.04 -11.47
C VAL B 332 40.40 2.97 -10.77
N ALA B 333 41.02 4.14 -10.57
CA ALA B 333 42.29 4.22 -9.84
C ALA B 333 42.15 3.62 -8.42
N ASP B 334 41.04 3.92 -7.76
CA ASP B 334 40.78 3.38 -6.42
C ASP B 334 40.59 1.86 -6.42
N PHE B 335 39.90 1.34 -7.44
CA PHE B 335 39.78 -0.10 -7.62
C PHE B 335 41.16 -0.76 -7.77
N MET B 336 42.01 -0.17 -8.61
CA MET B 336 43.37 -0.71 -8.86
C MET B 336 44.19 -0.72 -7.58
N ALA B 337 43.87 0.21 -6.68
CA ALA B 337 44.52 0.35 -5.39
C ALA B 337 43.87 -0.50 -4.30
N LYS B 338 42.93 -1.38 -4.69
CA LYS B 338 42.23 -2.29 -3.77
C LYS B 338 41.39 -1.61 -2.70
N LYS B 339 40.80 -0.46 -3.06
CA LYS B 339 39.99 0.31 -2.12
C LYS B 339 38.58 -0.23 -1.99
N PHE B 340 38.12 -0.97 -2.99
CA PHE B 340 36.84 -1.63 -2.96
C PHE B 340 36.91 -2.85 -3.90
N ALA B 341 35.92 -3.73 -3.78
CA ALA B 341 35.90 -4.96 -4.57
C ALA B 341 34.75 -4.98 -5.55
N LEU B 342 35.01 -5.51 -6.75
CA LEU B 342 33.96 -5.63 -7.76
C LEU B 342 33.51 -7.07 -8.00
N ASP B 343 34.40 -8.04 -7.77
CA ASP B 343 34.07 -9.45 -7.95
C ASP B 343 32.77 -9.91 -7.22
N PRO B 344 32.46 -9.41 -6.01
CA PRO B 344 31.24 -9.84 -5.32
C PRO B 344 29.96 -9.49 -6.10
N LEU B 345 30.04 -8.54 -7.03
CA LEU B 345 28.88 -8.16 -7.84
C LEU B 345 28.70 -9.05 -9.06
N ILE B 346 29.78 -9.73 -9.49
CA ILE B 346 29.78 -10.43 -10.77
C ILE B 346 29.45 -11.88 -10.50
N THR B 347 28.28 -12.33 -10.95
CA THR B 347 27.85 -13.72 -10.73
C THR B 347 27.90 -14.60 -11.97
N HIS B 348 27.89 -13.97 -13.13
CA HIS B 348 27.85 -14.67 -14.42
C HIS B 348 28.64 -13.90 -15.43
N VAL B 349 29.31 -14.63 -16.33
CA VAL B 349 30.01 -13.99 -17.44
C VAL B 349 29.59 -14.73 -18.71
N LEU B 350 29.12 -13.99 -19.70
CA LEU B 350 28.61 -14.59 -20.94
C LEU B 350 29.14 -13.84 -22.13
N PRO B 351 29.29 -14.50 -23.28
CA PRO B 351 29.59 -13.78 -24.51
C PRO B 351 28.39 -12.91 -24.87
N PHE B 352 28.67 -11.76 -25.45
CA PHE B 352 27.68 -10.76 -25.87
C PHE B 352 26.47 -11.38 -26.57
N GLU B 353 26.72 -12.34 -27.45
CA GLU B 353 25.62 -12.91 -28.23
C GLU B 353 24.56 -13.66 -27.38
N LYS B 354 24.92 -13.98 -26.13
CA LYS B 354 24.00 -14.62 -25.17
C LYS B 354 23.28 -13.58 -24.29
N ILE B 355 23.18 -12.35 -24.78
CA ILE B 355 22.51 -11.28 -24.01
C ILE B 355 21.17 -11.70 -23.44
N ASN B 356 20.34 -12.38 -24.22
CA ASN B 356 19.03 -12.72 -23.72
C ASN B 356 19.05 -13.70 -22.55
N GLU B 357 19.97 -14.68 -22.59
CA GLU B 357 20.21 -15.53 -21.41
C GLU B 357 20.60 -14.66 -20.19
N GLY B 358 21.39 -13.60 -20.42
CA GLY B 358 21.77 -12.71 -19.32
C GLY B 358 20.60 -11.98 -18.71
N PHE B 359 19.67 -11.54 -19.56
CA PHE B 359 18.42 -10.93 -19.05
C PHE B 359 17.48 -11.93 -18.38
N ASP B 360 17.46 -13.18 -18.88
CA ASP B 360 16.69 -14.26 -18.26
C ASP B 360 17.18 -14.47 -16.83
N LEU B 361 18.51 -14.43 -16.65
CA LEU B 361 19.11 -14.67 -15.33
C LEU B 361 18.73 -13.53 -14.38
N LEU B 362 18.76 -12.30 -14.88
CA LEU B 362 18.39 -11.18 -14.03
C LEU B 362 16.93 -11.34 -13.60
N ARG B 363 16.07 -11.60 -14.59
CA ARG B 363 14.63 -11.65 -14.32
C ARG B 363 14.22 -12.78 -13.37
N SER B 364 14.95 -13.89 -13.45
CA SER B 364 14.67 -15.07 -12.60
C SER B 364 15.07 -14.87 -11.14
N GLY B 365 15.89 -13.83 -10.88
CA GLY B 365 16.38 -13.57 -9.55
C GLY B 365 17.73 -14.21 -9.25
N GLU B 366 18.27 -14.96 -10.21
CA GLU B 366 19.47 -15.78 -9.96
C GLU B 366 20.79 -14.97 -9.98
N SER B 367 20.84 -13.90 -10.76
CA SER B 367 22.11 -13.17 -10.94
C SER B 367 22.12 -11.85 -10.18
N ILE B 368 23.32 -11.32 -9.99
CA ILE B 368 23.50 -9.92 -9.59
C ILE B 368 23.91 -9.22 -10.87
N ARG B 369 25.20 -9.21 -11.20
CA ARG B 369 25.63 -8.73 -12.53
C ARG B 369 26.11 -9.85 -13.43
N THR B 370 25.53 -9.92 -14.64
CA THR B 370 26.10 -10.70 -15.71
C THR B 370 26.93 -9.71 -16.50
N ILE B 371 28.20 -10.02 -16.71
CA ILE B 371 29.04 -9.25 -17.64
C ILE B 371 29.05 -9.94 -19.00
N LEU B 372 28.72 -9.18 -20.05
CA LEU B 372 28.79 -9.64 -21.44
C LEU B 372 30.13 -9.26 -22.05
N THR B 373 30.81 -10.24 -22.62
CA THR B 373 32.13 -10.00 -23.16
C THR B 373 32.14 -10.13 -24.67
N PHE B 374 33.08 -9.44 -25.30
CA PHE B 374 33.18 -9.37 -26.75
C PHE B 374 34.41 -10.13 -27.28
N SER C 1 -26.32 3.71 45.09
CA SER C 1 -27.73 3.91 45.50
C SER C 1 -28.65 2.86 44.92
N THR C 2 -28.50 2.52 43.64
CA THR C 2 -29.32 1.43 43.08
C THR C 2 -28.55 0.11 43.09
N ALA C 3 -27.27 0.17 43.45
CA ALA C 3 -26.43 -1.01 43.41
C ALA C 3 -27.00 -2.13 44.27
N GLY C 4 -26.93 -3.35 43.75
CA GLY C 4 -27.43 -4.49 44.50
C GLY C 4 -28.93 -4.70 44.49
N LYS C 5 -29.66 -3.80 43.83
CA LYS C 5 -31.12 -3.86 43.83
C LYS C 5 -31.72 -3.87 42.43
N VAL C 6 -32.90 -4.45 42.32
CA VAL C 6 -33.67 -4.38 41.08
C VAL C 6 -34.00 -2.93 40.72
N ILE C 7 -33.84 -2.59 39.44
CA ILE C 7 -34.22 -1.26 38.95
C ILE C 7 -35.51 -1.36 38.17
N LYS C 8 -36.49 -0.53 38.50
CA LYS C 8 -37.68 -0.42 37.66
C LYS C 8 -37.41 0.74 36.72
N CYS C 9 -37.50 0.49 35.40
CA CYS C 9 -37.27 1.56 34.43
C CYS C 9 -38.09 1.34 33.17
N LYS C 10 -37.99 2.29 32.24
CA LYS C 10 -38.66 2.19 30.96
C LYS C 10 -37.81 1.43 29.95
N ALA C 11 -38.47 0.61 29.13
CA ALA C 11 -37.80 -0.03 28.00
C ALA C 11 -38.77 -0.17 26.87
N ALA C 12 -38.25 -0.42 25.68
CA ALA C 12 -39.09 -0.66 24.52
C ALA C 12 -39.12 -2.16 24.32
N VAL C 13 -40.26 -2.76 24.62
CA VAL C 13 -40.41 -4.20 24.53
C VAL C 13 -41.08 -4.54 23.18
N LEU C 14 -40.56 -5.56 22.52
CA LEU C 14 -41.17 -6.08 21.30
C LEU C 14 -41.87 -7.38 21.66
N TRP C 15 -43.21 -7.35 21.71
CA TRP C 15 -43.94 -8.53 22.16
C TRP C 15 -44.23 -9.52 21.04
N GLU C 16 -44.33 -8.99 19.82
CA GLU C 16 -44.70 -9.78 18.64
C GLU C 16 -44.01 -9.22 17.40
N GLU C 17 -43.76 -10.08 16.40
CA GLU C 17 -43.23 -9.55 15.14
C GLU C 17 -44.22 -8.62 14.48
N LYS C 18 -43.69 -7.67 13.72
CA LYS C 18 -44.45 -6.78 12.84
C LYS C 18 -45.42 -5.89 13.60
N LYS C 19 -45.06 -5.61 14.86
CA LYS C 19 -45.84 -4.71 15.71
C LYS C 19 -44.93 -3.54 16.20
N PRO C 20 -45.52 -2.42 16.57
CA PRO C 20 -44.75 -1.34 17.21
C PRO C 20 -44.12 -1.81 18.52
N PHE C 21 -42.98 -1.21 18.88
CA PHE C 21 -42.46 -1.40 20.21
C PHE C 21 -43.43 -0.82 21.24
N SER C 22 -43.46 -1.45 22.40
CA SER C 22 -44.29 -0.96 23.51
C SER C 22 -43.35 -0.37 24.55
N ILE C 23 -43.45 0.94 24.77
CA ILE C 23 -42.66 1.58 25.82
C ILE C 23 -43.37 1.39 27.16
N GLU C 24 -42.73 0.63 28.03
CA GLU C 24 -43.38 0.34 29.31
C GLU C 24 -42.40 -0.04 30.40
N GLU C 25 -42.91 -0.18 31.61
CA GLU C 25 -42.04 -0.44 32.75
C GLU C 25 -41.54 -1.89 32.75
N VAL C 26 -40.23 -2.04 32.95
CA VAL C 26 -39.61 -3.36 33.10
C VAL C 26 -38.81 -3.36 34.38
N GLU C 27 -38.50 -4.56 34.88
CA GLU C 27 -37.63 -4.71 36.03
C GLU C 27 -36.32 -5.26 35.55
N VAL C 28 -35.21 -4.61 35.93
CA VAL C 28 -33.88 -5.01 35.51
C VAL C 28 -33.16 -5.51 36.77
N ALA C 29 -32.79 -6.79 36.77
CA ALA C 29 -32.13 -7.41 37.92
C ALA C 29 -30.72 -6.86 38.10
N PRO C 30 -30.17 -6.92 39.30
CA PRO C 30 -28.77 -6.47 39.48
C PRO C 30 -27.79 -7.46 38.81
N PRO C 31 -26.58 -7.00 38.47
CA PRO C 31 -25.61 -7.87 37.76
C PRO C 31 -25.11 -9.00 38.66
N LYS C 32 -25.07 -10.21 38.10
CA LYS C 32 -24.39 -11.35 38.75
C LYS C 32 -22.88 -11.32 38.46
N ALA C 33 -22.16 -12.37 38.85
CA ALA C 33 -20.71 -12.40 38.65
C ALA C 33 -20.36 -12.16 37.19
N HIS C 34 -19.32 -11.36 36.97
CA HIS C 34 -18.85 -11.01 35.61
C HIS C 34 -19.93 -10.38 34.71
N GLU C 35 -20.88 -9.67 35.33
CA GLU C 35 -21.88 -8.92 34.57
C GLU C 35 -21.81 -7.44 34.94
N VAL C 36 -22.33 -6.61 34.05
CA VAL C 36 -22.23 -5.16 34.16
C VAL C 36 -23.60 -4.56 33.88
N ARG C 37 -24.09 -3.70 34.78
CA ARG C 37 -25.35 -3.01 34.55
C ARG C 37 -25.05 -1.59 34.09
N ILE C 38 -25.67 -1.18 32.98
CA ILE C 38 -25.35 0.06 32.32
C ILE C 38 -26.58 0.93 32.25
N LYS C 39 -26.40 2.22 32.59
CA LYS C 39 -27.42 3.25 32.35
C LYS C 39 -27.19 3.74 30.92
N MET C 40 -28.15 3.50 30.03
CA MET C 40 -28.00 3.94 28.66
C MET C 40 -28.07 5.47 28.51
N VAL C 41 -27.26 5.98 27.57
CA VAL C 41 -27.27 7.42 27.28
C VAL C 41 -27.77 7.70 25.86
N ALA C 42 -27.35 6.86 24.91
CA ALA C 42 -27.76 7.05 23.53
C ALA C 42 -27.80 5.72 22.84
N THR C 43 -28.77 5.54 21.95
CA THR C 43 -28.76 4.35 21.11
C THR C 43 -29.21 4.69 19.71
N GLY C 44 -28.54 4.08 18.71
CA GLY C 44 -28.90 4.27 17.31
C GLY C 44 -29.95 3.26 16.87
N ILE C 45 -30.72 3.63 15.84
CA ILE C 45 -31.65 2.70 15.21
C ILE C 45 -30.97 2.12 13.96
N CYS C 46 -30.56 0.86 14.05
CA CYS C 46 -29.87 0.19 12.96
C CYS C 46 -30.89 -0.65 12.21
N ARG C 47 -30.68 -0.84 10.89
CA ARG C 47 -31.60 -1.70 10.14
C ARG C 47 -31.73 -3.12 10.76
N SER C 48 -30.68 -3.61 11.43
CA SER C 48 -30.76 -4.95 12.04
C SER C 48 -31.83 -4.99 13.15
N ASP C 49 -32.08 -3.87 13.84
CA ASP C 49 -33.13 -3.86 14.86
C ASP C 49 -34.47 -3.96 14.15
N ASP C 50 -34.59 -3.31 13.01
CA ASP C 50 -35.81 -3.45 12.22
C ASP C 50 -35.98 -4.88 11.71
N HIS C 51 -34.89 -5.55 11.39
CA HIS C 51 -34.96 -6.94 10.95
C HIS C 51 -35.56 -7.84 12.03
N VAL C 52 -35.36 -7.51 13.31
CA VAL C 52 -35.99 -8.27 14.38
C VAL C 52 -37.51 -8.10 14.28
N VAL C 53 -37.94 -6.85 14.09
CA VAL C 53 -39.37 -6.59 13.95
C VAL C 53 -39.99 -7.33 12.76
N SER C 54 -39.29 -7.35 11.63
CA SER C 54 -39.87 -7.86 10.38
C SER C 54 -39.72 -9.38 10.27
N GLY C 55 -38.96 -9.99 11.18
CA GLY C 55 -38.71 -11.41 11.07
C GLY C 55 -37.58 -11.78 10.10
N THR C 56 -36.94 -10.78 9.51
CA THR C 56 -35.76 -11.03 8.68
C THR C 56 -34.63 -11.64 9.51
N LEU C 57 -34.41 -11.06 10.69
CA LEU C 57 -33.44 -11.58 11.63
C LEU C 57 -34.15 -12.26 12.78
N VAL C 58 -33.93 -13.55 12.91
CA VAL C 58 -34.65 -14.34 13.93
C VAL C 58 -33.96 -14.37 15.29
N THR C 59 -34.70 -14.03 16.35
CA THR C 59 -34.23 -14.12 17.72
C THR C 59 -35.46 -14.28 18.60
N PRO C 60 -35.37 -15.02 19.69
CA PRO C 60 -36.58 -15.27 20.48
C PRO C 60 -37.31 -14.00 20.95
N LEU C 61 -38.65 -14.05 20.88
CA LEU C 61 -39.49 -12.97 21.42
C LEU C 61 -40.24 -13.51 22.64
N PRO C 62 -40.71 -12.62 23.54
CA PRO C 62 -40.58 -11.16 23.42
C PRO C 62 -39.15 -10.74 23.75
N VAL C 63 -38.76 -9.55 23.30
CA VAL C 63 -37.34 -9.18 23.39
C VAL C 63 -37.17 -7.68 23.62
N ILE C 64 -36.07 -7.32 24.30
CA ILE C 64 -35.62 -5.94 24.26
C ILE C 64 -34.50 -5.91 23.23
N ALA C 65 -34.78 -5.26 22.10
CA ALA C 65 -33.81 -5.16 21.01
C ALA C 65 -32.88 -3.95 21.26
N GLY C 66 -32.19 -3.48 20.23
CA GLY C 66 -31.20 -2.42 20.40
C GLY C 66 -29.83 -3.04 20.67
N HIS C 67 -28.84 -2.59 19.91
CA HIS C 67 -27.49 -3.14 20.03
C HIS C 67 -26.40 -2.12 19.71
N GLU C 68 -26.78 -0.92 19.23
CA GLU C 68 -25.84 0.10 18.81
C GLU C 68 -26.00 1.23 19.80
N ALA C 69 -25.11 1.33 20.79
CA ALA C 69 -25.42 2.20 21.94
C ALA C 69 -24.20 2.58 22.73
N ALA C 70 -24.41 3.52 23.63
CA ALA C 70 -23.37 3.86 24.59
C ALA C 70 -24.02 4.29 25.90
N GLY C 71 -23.32 4.04 27.00
CA GLY C 71 -23.88 4.37 28.30
C GLY C 71 -22.82 4.52 29.37
N ILE C 72 -23.27 4.57 30.62
CA ILE C 72 -22.38 4.73 31.77
C ILE C 72 -22.63 3.57 32.73
N VAL C 73 -21.56 2.95 33.22
CA VAL C 73 -21.71 1.82 34.12
C VAL C 73 -22.39 2.27 35.44
N GLU C 74 -23.50 1.61 35.78
CA GLU C 74 -24.23 1.87 37.04
C GLU C 74 -23.66 1.00 38.17
N SER C 75 -23.41 -0.27 37.87
CA SER C 75 -22.79 -1.17 38.83
C SER C 75 -22.16 -2.37 38.15
N ILE C 76 -21.27 -3.06 38.88
CA ILE C 76 -20.61 -4.26 38.38
C ILE C 76 -20.81 -5.40 39.35
N GLY C 77 -20.88 -6.59 38.79
CA GLY C 77 -20.96 -7.82 39.55
C GLY C 77 -19.58 -8.24 40.02
N GLU C 78 -19.58 -9.29 40.83
CA GLU C 78 -18.36 -9.83 41.42
C GLU C 78 -17.41 -10.23 40.33
N GLY C 79 -16.14 -9.84 40.46
CA GLY C 79 -15.09 -10.33 39.58
C GLY C 79 -14.84 -9.53 38.30
N VAL C 80 -15.68 -8.54 38.04
CA VAL C 80 -15.47 -7.66 36.89
C VAL C 80 -14.18 -6.83 37.12
N THR C 81 -13.30 -6.82 36.12
CA THR C 81 -12.04 -6.09 36.18
C THR C 81 -11.85 -5.01 35.09
N THR C 82 -12.68 -5.03 34.03
CA THR C 82 -12.35 -4.22 32.88
C THR C 82 -13.12 -2.92 32.83
N VAL C 83 -14.14 -2.80 33.68
CA VAL C 83 -14.88 -1.55 33.79
C VAL C 83 -15.23 -1.32 35.25
N ARG C 84 -15.52 -0.05 35.57
CA ARG C 84 -15.96 0.32 36.92
C ARG C 84 -17.19 1.23 36.85
N PRO C 85 -17.96 1.34 37.93
CA PRO C 85 -19.05 2.32 37.97
C PRO C 85 -18.57 3.70 37.56
N GLY C 86 -19.34 4.34 36.69
CA GLY C 86 -19.06 5.68 36.23
C GLY C 86 -18.30 5.70 34.91
N ASP C 87 -17.75 4.57 34.51
CA ASP C 87 -17.09 4.48 33.20
C ASP C 87 -18.08 4.60 32.04
N LYS C 88 -17.63 5.28 30.97
CA LYS C 88 -18.34 5.26 29.68
C LYS C 88 -18.02 3.95 28.97
N VAL C 89 -19.05 3.32 28.42
CA VAL C 89 -18.92 1.98 27.83
C VAL C 89 -19.81 1.86 26.57
N ILE C 90 -19.39 1.00 25.67
CA ILE C 90 -20.20 0.60 24.53
C ILE C 90 -20.44 -0.89 24.64
N PRO C 91 -21.70 -1.32 24.65
CA PRO C 91 -22.00 -2.77 24.61
C PRO C 91 -21.56 -3.37 23.26
N LEU C 92 -21.15 -4.62 23.30
CA LEU C 92 -20.57 -5.30 22.14
C LEU C 92 -21.49 -6.45 21.70
N PHE C 93 -22.16 -6.29 20.57
CA PHE C 93 -23.13 -7.33 20.12
C PHE C 93 -22.38 -8.56 19.61
N THR C 94 -21.09 -8.38 19.28
CA THR C 94 -20.20 -9.51 19.08
C THR C 94 -19.25 -9.54 20.27
N PRO C 95 -19.28 -10.57 21.09
CA PRO C 95 -18.42 -10.56 22.29
C PRO C 95 -16.96 -10.78 21.93
N GLN C 96 -16.07 -10.56 22.90
CA GLN C 96 -14.68 -10.98 22.73
C GLN C 96 -14.26 -11.66 24.02
N CYS C 97 -14.49 -12.97 24.10
CA CYS C 97 -14.15 -13.73 25.32
C CYS C 97 -12.65 -13.81 25.54
N GLY C 98 -11.87 -13.68 24.46
CA GLY C 98 -10.42 -13.73 24.54
C GLY C 98 -9.82 -15.12 24.69
N LYS C 99 -10.66 -16.14 24.78
CA LYS C 99 -10.25 -17.50 25.14
C LYS C 99 -10.50 -18.57 24.06
N CYS C 100 -11.44 -18.32 23.14
CA CYS C 100 -11.87 -19.34 22.21
C CYS C 100 -10.90 -19.33 21.00
N ARG C 101 -11.04 -20.31 20.12
CA ARG C 101 -10.12 -20.42 19.00
C ARG C 101 -10.24 -19.22 18.05
N VAL C 102 -11.44 -18.67 17.95
CA VAL C 102 -11.64 -17.48 17.13
C VAL C 102 -10.96 -16.24 17.74
N CYS C 103 -11.19 -16.00 19.03
CA CYS C 103 -10.57 -14.86 19.70
C CYS C 103 -9.04 -14.94 19.65
N LYS C 104 -8.51 -16.15 19.68
CA LYS C 104 -7.05 -16.36 19.61
C LYS C 104 -6.45 -16.25 18.19
N HIS C 105 -7.30 -16.34 17.18
CA HIS C 105 -6.82 -16.32 15.81
C HIS C 105 -6.67 -14.86 15.40
N PRO C 106 -5.58 -14.50 14.71
CA PRO C 106 -5.36 -13.09 14.33
C PRO C 106 -6.43 -12.48 13.44
N GLU C 107 -7.10 -13.29 12.64
CA GLU C 107 -8.07 -12.72 11.70
C GLU C 107 -9.52 -13.02 12.07
N GLY C 108 -9.75 -13.77 13.13
CA GLY C 108 -11.15 -14.05 13.46
C GLY C 108 -11.76 -13.00 14.39
N ASN C 109 -13.06 -12.73 14.29
CA ASN C 109 -13.68 -11.90 15.32
C ASN C 109 -15.05 -12.43 15.77
N PHE C 110 -15.56 -13.48 15.11
CA PHE C 110 -16.88 -14.03 15.44
C PHE C 110 -16.76 -15.00 16.61
N CYS C 111 -16.54 -14.40 17.78
CA CYS C 111 -16.32 -15.15 19.02
C CYS C 111 -17.36 -16.24 19.23
N LEU C 112 -16.92 -17.40 19.71
CA LEU C 112 -17.82 -18.55 19.87
C LEU C 112 -18.86 -18.38 20.94
N LYS C 113 -18.70 -17.35 21.78
CA LYS C 113 -19.70 -17.03 22.78
C LYS C 113 -20.84 -16.15 22.22
N ASN C 114 -20.84 -15.84 20.91
CA ASN C 114 -21.92 -15.05 20.33
C ASN C 114 -23.32 -15.65 20.49
N ASP C 115 -24.33 -14.77 20.44
CA ASP C 115 -25.70 -15.22 20.52
C ASP C 115 -26.41 -15.06 19.17
N LEU C 116 -25.62 -15.06 18.10
CA LEU C 116 -26.15 -14.84 16.77
C LEU C 116 -26.42 -16.14 16.04
N SER C 117 -25.49 -17.10 16.10
CA SER C 117 -25.64 -18.35 15.32
C SER C 117 -26.83 -19.21 15.67
N MET C 118 -27.06 -19.40 16.96
CA MET C 118 -28.18 -20.19 17.45
C MET C 118 -28.79 -19.41 18.61
N PRO C 119 -29.54 -18.37 18.28
CA PRO C 119 -29.94 -17.36 19.27
C PRO C 119 -30.78 -17.93 20.42
N ARG C 120 -30.34 -17.64 21.64
CA ARG C 120 -31.02 -18.04 22.88
C ARG C 120 -31.75 -16.79 23.46
N GLY C 121 -31.22 -15.59 23.19
CA GLY C 121 -31.78 -14.38 23.77
C GLY C 121 -31.65 -14.32 25.29
N THR C 122 -30.49 -14.74 25.80
CA THR C 122 -30.21 -14.73 27.23
C THR C 122 -28.86 -14.12 27.50
N MET C 123 -28.57 -13.98 28.79
CA MET C 123 -27.22 -13.75 29.29
C MET C 123 -26.36 -15.01 29.02
N GLN C 124 -25.04 -14.90 29.21
CA GLN C 124 -24.18 -16.09 28.97
C GLN C 124 -24.63 -17.27 29.82
N ASP C 125 -25.20 -17.00 31.00
CA ASP C 125 -25.63 -18.09 31.88
C ASP C 125 -26.98 -18.74 31.55
N GLY C 126 -27.57 -18.35 30.42
CA GLY C 126 -28.82 -18.95 30.01
C GLY C 126 -30.10 -18.39 30.60
N THR C 127 -29.97 -17.31 31.38
CA THR C 127 -31.13 -16.66 31.98
C THR C 127 -31.26 -15.19 31.56
N SER C 128 -32.34 -14.58 31.99
CA SER C 128 -32.63 -13.19 31.63
C SER C 128 -32.60 -12.32 32.85
N ARG C 129 -32.22 -11.07 32.61
CA ARG C 129 -32.22 -10.06 33.67
C ARG C 129 -33.43 -9.16 33.59
N PHE C 130 -34.31 -9.41 32.64
CA PHE C 130 -35.46 -8.53 32.41
C PHE C 130 -36.77 -9.22 32.73
N THR C 131 -37.63 -8.50 33.44
CA THR C 131 -39.01 -8.92 33.64
C THR C 131 -39.97 -7.82 33.20
N CYS C 132 -41.11 -8.18 32.61
CA CYS C 132 -42.11 -7.18 32.23
C CYS C 132 -43.47 -7.86 32.28
N ARG C 133 -44.43 -7.22 32.94
CA ARG C 133 -45.75 -7.82 33.17
C ARG C 133 -45.60 -9.19 33.84
N GLY C 134 -44.59 -9.33 34.69
CA GLY C 134 -44.33 -10.57 35.42
C GLY C 134 -43.69 -11.68 34.58
N LYS C 135 -43.34 -11.36 33.34
CA LYS C 135 -42.85 -12.37 32.42
C LYS C 135 -41.37 -12.11 32.11
N PRO C 136 -40.56 -13.16 31.93
CA PRO C 136 -39.17 -12.95 31.47
C PRO C 136 -39.17 -12.41 30.04
N ILE C 137 -38.27 -11.47 29.78
CA ILE C 137 -38.12 -10.89 28.43
C ILE C 137 -36.73 -11.22 27.92
N HIS C 138 -36.64 -11.63 26.66
CA HIS C 138 -35.33 -12.00 26.10
C HIS C 138 -34.40 -10.83 25.91
N HIS C 139 -33.11 -11.12 26.04
CA HIS C 139 -32.08 -10.22 25.57
C HIS C 139 -31.87 -10.36 24.05
N PHE C 140 -31.08 -9.44 23.47
CA PHE C 140 -30.77 -9.45 22.05
C PHE C 140 -29.27 -9.28 21.87
N LEU C 141 -28.63 -10.31 21.31
CA LEU C 141 -27.18 -10.30 21.03
C LEU C 141 -26.37 -9.91 22.28
N GLY C 142 -26.87 -10.29 23.47
CA GLY C 142 -26.17 -9.92 24.71
C GLY C 142 -26.01 -8.44 24.97
N THR C 143 -26.87 -7.62 24.37
CA THR C 143 -26.78 -6.16 24.53
C THR C 143 -28.09 -5.57 25.04
N SER C 144 -29.12 -5.52 24.23
CA SER C 144 -30.46 -5.05 24.65
C SER C 144 -30.41 -3.59 25.11
N THR C 145 -30.23 -2.67 24.17
CA THR C 145 -29.97 -1.27 24.50
C THR C 145 -31.18 -0.36 24.39
N PHE C 146 -32.33 -0.92 23.97
CA PHE C 146 -33.59 -0.17 23.98
C PHE C 146 -34.22 -0.17 25.39
N SER C 147 -33.46 0.27 26.37
CA SER C 147 -33.89 0.29 27.76
C SER C 147 -33.05 1.32 28.49
N GLN C 148 -33.66 1.97 29.48
CA GLN C 148 -32.92 2.92 30.29
C GLN C 148 -31.75 2.24 31.00
N TYR C 149 -31.91 0.96 31.36
CA TYR C 149 -30.81 0.18 31.94
C TYR C 149 -30.76 -1.19 31.30
N THR C 150 -29.55 -1.71 31.12
CA THR C 150 -29.40 -3.10 30.69
C THR C 150 -28.33 -3.80 31.48
N VAL C 151 -28.28 -5.12 31.35
CA VAL C 151 -27.22 -5.88 32.00
C VAL C 151 -26.56 -6.72 30.91
N VAL C 152 -25.22 -6.65 30.82
CA VAL C 152 -24.45 -7.39 29.84
C VAL C 152 -23.35 -8.20 30.51
N ASP C 153 -22.93 -9.25 29.84
CA ASP C 153 -21.74 -9.98 30.28
C ASP C 153 -20.47 -9.15 30.06
N GLU C 154 -19.47 -9.32 30.92
CA GLU C 154 -18.26 -8.52 30.84
C GLU C 154 -17.59 -8.63 29.47
N ILE C 155 -17.65 -9.81 28.86
CA ILE C 155 -17.08 -10.01 27.52
C ILE C 155 -17.85 -9.26 26.41
N SER C 156 -18.99 -8.67 26.78
CA SER C 156 -19.83 -7.92 25.83
C SER C 156 -19.88 -6.44 26.15
N VAL C 157 -18.81 -5.92 26.79
CA VAL C 157 -18.72 -4.49 27.03
C VAL C 157 -17.29 -4.00 26.93
N ALA C 158 -17.10 -2.81 26.37
CA ALA C 158 -15.80 -2.17 26.36
C ALA C 158 -15.84 -0.79 27.03
N LYS C 159 -14.80 -0.49 27.82
CA LYS C 159 -14.56 0.85 28.35
C LYS C 159 -14.00 1.79 27.29
N ILE C 160 -14.56 3.01 27.21
CA ILE C 160 -14.12 3.99 26.23
C ILE C 160 -13.72 5.33 26.88
N ASP C 161 -13.18 6.22 26.06
CA ASP C 161 -12.67 7.52 26.53
C ASP C 161 -13.68 8.21 27.43
N ALA C 162 -13.28 8.61 28.66
CA ALA C 162 -14.22 9.30 29.57
C ALA C 162 -14.77 10.61 28.99
N ALA C 163 -14.09 11.18 28.00
CA ALA C 163 -14.48 12.46 27.39
C ALA C 163 -15.33 12.30 26.14
N SER C 164 -15.65 11.07 25.75
CA SER C 164 -16.31 10.90 24.46
C SER C 164 -17.79 11.26 24.45
N PRO C 165 -18.27 11.83 23.34
CA PRO C 165 -19.67 12.25 23.22
C PRO C 165 -20.55 11.05 22.89
N LEU C 166 -21.29 10.58 23.89
CA LEU C 166 -21.99 9.29 23.73
C LEU C 166 -23.08 9.29 22.67
N GLU C 167 -23.64 10.48 22.41
CA GLU C 167 -24.68 10.65 21.39
C GLU C 167 -24.17 10.50 19.96
N LYS C 168 -22.86 10.48 19.80
CA LYS C 168 -22.19 10.21 18.51
C LYS C 168 -21.51 8.84 18.51
N VAL C 169 -20.71 8.56 19.55
CA VAL C 169 -19.90 7.33 19.54
C VAL C 169 -20.69 6.02 19.70
N CYS C 170 -21.94 6.13 20.12
CA CYS C 170 -22.82 4.96 20.04
C CYS C 170 -22.73 4.27 18.63
N LEU C 171 -22.50 5.06 17.58
CA LEU C 171 -22.43 4.47 16.22
C LEU C 171 -21.24 3.54 16.02
N ILE C 172 -20.22 3.69 16.86
CA ILE C 172 -19.08 2.76 16.85
C ILE C 172 -19.45 1.38 17.38
N GLY C 173 -20.58 1.32 18.10
CA GLY C 173 -21.12 0.05 18.55
C GLY C 173 -21.71 -0.80 17.42
N CYS C 174 -21.97 -0.21 16.25
CA CYS C 174 -22.39 -1.05 15.14
C CYS C 174 -22.14 -0.43 13.78
N GLY C 175 -22.95 0.54 13.36
CA GLY C 175 -23.00 0.86 11.93
C GLY C 175 -21.73 1.42 11.35
N PHE C 176 -21.09 2.33 12.10
CA PHE C 176 -19.86 2.92 11.58
C PHE C 176 -18.79 1.84 11.48
N SER C 177 -18.56 1.12 12.59
CA SER C 177 -17.42 0.18 12.63
C SER C 177 -17.63 -0.94 11.61
N THR C 178 -18.86 -1.39 11.48
CA THR C 178 -19.16 -2.44 10.51
C THR C 178 -18.79 -1.99 9.11
N GLY C 179 -19.32 -0.83 8.69
CA GLY C 179 -19.05 -0.38 7.33
C GLY C 179 -17.56 -0.08 7.11
N TYR C 180 -16.96 0.63 8.05
CA TYR C 180 -15.58 1.09 7.92
C TYR C 180 -14.62 -0.09 7.88
N GLY C 181 -14.78 -1.01 8.83
CA GLY C 181 -13.99 -2.23 8.84
C GLY C 181 -14.20 -3.13 7.64
N SER C 182 -15.43 -3.21 7.11
CA SER C 182 -15.67 -4.04 5.93
C SER C 182 -14.76 -3.57 4.78
N ALA C 183 -14.55 -2.25 4.68
CA ALA C 183 -13.68 -1.71 3.65
C ALA C 183 -12.20 -1.88 4.00
N VAL C 184 -11.82 -1.39 5.17
CA VAL C 184 -10.38 -1.26 5.49
C VAL C 184 -9.75 -2.56 5.98
N LYS C 185 -10.51 -3.40 6.67
CA LYS C 185 -9.97 -4.62 7.31
C LYS C 185 -10.32 -5.90 6.54
N VAL C 186 -11.60 -6.02 6.13
CA VAL C 186 -12.09 -7.22 5.43
C VAL C 186 -11.71 -7.20 3.98
N ALA C 187 -12.14 -6.19 3.23
CA ALA C 187 -11.80 -6.08 1.82
C ALA C 187 -10.35 -5.74 1.63
N LYS C 188 -9.82 -4.92 2.54
CA LYS C 188 -8.47 -4.32 2.38
C LYS C 188 -8.36 -3.53 1.08
N VAL C 189 -9.28 -2.58 0.91
CA VAL C 189 -9.29 -1.70 -0.25
C VAL C 189 -7.93 -1.06 -0.45
N THR C 190 -7.51 -1.00 -1.71
CA THR C 190 -6.17 -0.45 -2.07
C THR C 190 -6.25 0.97 -2.64
N GLN C 191 -5.17 1.72 -2.47
CA GLN C 191 -5.10 3.05 -3.09
C GLN C 191 -5.22 2.96 -4.60
N GLY C 192 -6.02 3.87 -5.16
CA GLY C 192 -6.21 3.97 -6.61
C GLY C 192 -7.28 3.02 -7.15
N SER C 193 -7.88 2.19 -6.31
CA SER C 193 -8.85 1.19 -6.78
C SER C 193 -10.25 1.80 -7.06
N THR C 194 -11.10 0.99 -7.68
CA THR C 194 -12.49 1.34 -7.92
C THR C 194 -13.34 0.42 -7.05
N CYS C 195 -14.24 1.03 -6.29
CA CYS C 195 -15.13 0.32 -5.39
C CYS C 195 -16.56 0.55 -5.79
N ALA C 196 -17.43 -0.44 -5.55
CA ALA C 196 -18.89 -0.26 -5.71
C ALA C 196 -19.54 -0.61 -4.39
N VAL C 197 -20.40 0.29 -3.90
CA VAL C 197 -21.09 0.10 -2.62
C VAL C 197 -22.59 0.05 -2.87
N PHE C 198 -23.18 -1.12 -2.64
CA PHE C 198 -24.62 -1.32 -2.82
C PHE C 198 -25.29 -1.05 -1.51
N GLY C 199 -26.11 0.01 -1.46
CA GLY C 199 -26.82 0.34 -0.24
C GLY C 199 -26.13 1.51 0.42
N LEU C 200 -26.87 2.63 0.50
CA LEU C 200 -26.30 3.87 0.99
C LEU C 200 -26.98 4.35 2.28
N GLY C 201 -27.27 3.42 3.17
CA GLY C 201 -27.67 3.74 4.52
C GLY C 201 -26.47 3.98 5.43
N GLY C 202 -26.71 3.96 6.73
CA GLY C 202 -25.63 4.20 7.68
C GLY C 202 -24.40 3.33 7.50
N VAL C 203 -24.63 2.04 7.28
CA VAL C 203 -23.51 1.15 7.09
C VAL C 203 -22.82 1.37 5.73
N GLY C 204 -23.58 1.56 4.64
CA GLY C 204 -22.99 1.80 3.32
C GLY C 204 -22.19 3.10 3.28
N LEU C 205 -22.71 4.14 3.94
CA LEU C 205 -21.95 5.38 4.03
C LEU C 205 -20.65 5.19 4.77
N SER C 206 -20.65 4.30 5.77
CA SER C 206 -19.43 3.98 6.53
C SER C 206 -18.42 3.16 5.68
N VAL C 207 -18.95 2.26 4.83
CA VAL C 207 -18.11 1.58 3.83
C VAL C 207 -17.46 2.66 2.94
N ILE C 208 -18.26 3.63 2.45
CA ILE C 208 -17.67 4.68 1.62
C ILE C 208 -16.55 5.41 2.37
N MET C 209 -16.80 5.77 3.64
CA MET C 209 -15.76 6.44 4.45
C MET C 209 -14.49 5.59 4.51
N GLY C 210 -14.64 4.28 4.65
CA GLY C 210 -13.48 3.37 4.69
C GLY C 210 -12.76 3.28 3.35
N CYS C 211 -13.53 3.21 2.24
CA CYS C 211 -12.91 3.18 0.92
C CYS C 211 -12.14 4.48 0.65
N LYS C 212 -12.70 5.60 1.08
CA LYS C 212 -12.03 6.91 0.94
C LYS C 212 -10.75 6.93 1.77
N ALA C 213 -10.83 6.43 3.02
CA ALA C 213 -9.66 6.40 3.88
C ALA C 213 -8.54 5.56 3.29
N ALA C 214 -8.93 4.51 2.59
CA ALA C 214 -8.01 3.57 1.95
C ALA C 214 -7.42 4.15 0.65
N GLY C 215 -7.94 5.28 0.21
CA GLY C 215 -7.44 5.92 -1.00
C GLY C 215 -7.99 5.44 -2.32
N ALA C 216 -9.19 4.84 -2.31
CA ALA C 216 -9.82 4.44 -3.58
C ALA C 216 -9.91 5.65 -4.53
N ALA C 217 -9.64 5.44 -5.82
CA ALA C 217 -9.83 6.52 -6.81
C ALA C 217 -11.27 6.78 -7.16
N ARG C 218 -12.07 5.70 -7.17
CA ARG C 218 -13.48 5.79 -7.56
C ARG C 218 -14.29 4.99 -6.56
N ILE C 219 -15.41 5.58 -6.11
CA ILE C 219 -16.32 4.93 -5.17
C ILE C 219 -17.71 5.16 -5.72
N ILE C 220 -18.28 4.07 -6.24
CA ILE C 220 -19.56 4.17 -6.96
C ILE C 220 -20.64 3.72 -6.00
N GLY C 221 -21.54 4.64 -5.64
CA GLY C 221 -22.61 4.28 -4.74
C GLY C 221 -23.79 3.80 -5.55
N VAL C 222 -24.43 2.74 -5.09
CA VAL C 222 -25.58 2.20 -5.81
C VAL C 222 -26.78 2.16 -4.87
N ASP C 223 -27.91 2.79 -5.23
CA ASP C 223 -29.11 2.73 -4.42
C ASP C 223 -30.29 2.99 -5.30
N ILE C 224 -31.42 2.34 -5.01
CA ILE C 224 -32.67 2.61 -5.71
C ILE C 224 -33.37 3.87 -5.22
N ASN C 225 -32.89 4.41 -4.10
CA ASN C 225 -33.40 5.64 -3.56
C ASN C 225 -32.43 6.77 -3.87
N LYS C 226 -32.73 7.54 -4.93
CA LYS C 226 -31.83 8.62 -5.32
C LYS C 226 -31.66 9.71 -4.25
N ASP C 227 -32.57 9.78 -3.28
CA ASP C 227 -32.43 10.79 -2.24
C ASP C 227 -31.19 10.49 -1.38
N LYS C 228 -30.65 9.26 -1.50
CA LYS C 228 -29.48 8.91 -0.69
C LYS C 228 -28.18 9.40 -1.32
N PHE C 229 -28.24 9.87 -2.56
CA PHE C 229 -27.02 10.16 -3.29
C PHE C 229 -26.23 11.37 -2.78
N ALA C 230 -26.93 12.44 -2.39
CA ALA C 230 -26.21 13.63 -2.00
C ALA C 230 -25.26 13.37 -0.83
N LYS C 231 -25.75 12.66 0.19
CA LYS C 231 -24.94 12.37 1.36
C LYS C 231 -23.81 11.40 1.00
N ALA C 232 -24.09 10.45 0.11
CA ALA C 232 -23.04 9.51 -0.28
C ALA C 232 -21.89 10.28 -0.93
N LYS C 233 -22.22 11.26 -1.79
CA LYS C 233 -21.17 12.05 -2.40
C LYS C 233 -20.44 12.88 -1.35
N GLU C 234 -21.18 13.44 -0.39
CA GLU C 234 -20.54 14.23 0.65
C GLU C 234 -19.45 13.45 1.39
N VAL C 235 -19.70 12.17 1.66
CA VAL C 235 -18.73 11.38 2.42
C VAL C 235 -17.70 10.65 1.58
N GLY C 236 -17.76 10.80 0.25
CA GLY C 236 -16.69 10.27 -0.57
C GLY C 236 -17.05 9.55 -1.87
N ALA C 237 -18.35 9.31 -2.12
CA ALA C 237 -18.68 8.64 -3.37
C ALA C 237 -18.33 9.57 -4.54
N THR C 238 -17.74 9.02 -5.59
CA THR C 238 -17.39 9.83 -6.76
C THR C 238 -18.55 9.90 -7.77
N GLU C 239 -19.43 8.91 -7.69
CA GLU C 239 -20.52 8.69 -8.68
C GLU C 239 -21.57 7.91 -7.97
N CYS C 240 -22.82 8.15 -8.34
CA CYS C 240 -23.90 7.34 -7.80
C CYS C 240 -24.76 6.90 -8.94
N VAL C 241 -25.24 5.66 -8.84
CA VAL C 241 -26.11 5.08 -9.87
C VAL C 241 -27.34 4.44 -9.26
N ASN C 242 -28.49 4.68 -9.88
CA ASN C 242 -29.76 4.10 -9.51
C ASN C 242 -30.09 3.05 -10.58
N PRO C 243 -30.12 1.76 -10.24
CA PRO C 243 -30.43 0.71 -11.20
C PRO C 243 -31.73 0.95 -11.97
N GLN C 244 -32.66 1.70 -11.38
CA GLN C 244 -33.96 1.93 -12.01
C GLN C 244 -33.84 2.84 -13.22
N ASP C 245 -32.73 3.56 -13.33
CA ASP C 245 -32.48 4.48 -14.45
C ASP C 245 -32.03 3.80 -15.72
N TYR C 246 -31.72 2.50 -15.65
CA TYR C 246 -31.10 1.80 -16.76
C TYR C 246 -31.98 0.73 -17.34
N LYS C 247 -31.81 0.48 -18.66
CA LYS C 247 -32.52 -0.59 -19.36
C LYS C 247 -31.81 -1.95 -19.26
N LYS C 248 -30.59 -1.94 -18.70
CA LYS C 248 -29.82 -3.19 -18.54
C LYS C 248 -29.55 -3.48 -17.06
N PRO C 249 -29.21 -4.72 -16.71
CA PRO C 249 -28.91 -5.06 -15.31
C PRO C 249 -27.74 -4.23 -14.78
N ILE C 250 -27.81 -3.84 -13.50
CA ILE C 250 -26.78 -2.96 -12.98
C ILE C 250 -25.37 -3.59 -12.96
N GLN C 251 -25.24 -4.91 -12.84
CA GLN C 251 -23.86 -5.43 -12.93
C GLN C 251 -23.21 -5.17 -14.28
N GLU C 252 -23.99 -5.19 -15.37
CA GLU C 252 -23.47 -4.83 -16.69
C GLU C 252 -23.10 -3.34 -16.77
N VAL C 253 -23.98 -2.48 -16.25
CA VAL C 253 -23.67 -1.06 -16.12
C VAL C 253 -22.35 -0.84 -15.37
N LEU C 254 -22.19 -1.48 -14.21
CA LEU C 254 -20.99 -1.27 -13.41
C LEU C 254 -19.72 -1.85 -14.03
N THR C 255 -19.86 -3.00 -14.68
CA THR C 255 -18.75 -3.58 -15.42
C THR C 255 -18.29 -2.64 -16.55
N GLU C 256 -19.25 -2.05 -17.29
CA GLU C 256 -18.92 -1.07 -18.33
C GLU C 256 -18.23 0.16 -17.73
N MET C 257 -18.82 0.70 -16.67
CA MET C 257 -18.28 1.90 -16.03
C MET C 257 -16.85 1.71 -15.51
N SER C 258 -16.52 0.50 -15.10
CA SER C 258 -15.22 0.24 -14.48
C SER C 258 -14.28 -0.43 -15.47
N ASN C 259 -14.65 -0.40 -16.75
CA ASN C 259 -13.80 -0.95 -17.80
C ASN C 259 -13.42 -2.40 -17.57
N GLY C 260 -14.41 -3.19 -17.14
CA GLY C 260 -14.24 -4.61 -17.00
C GLY C 260 -14.52 -5.18 -15.62
N GLY C 261 -15.03 -4.36 -14.70
CA GLY C 261 -15.39 -4.84 -13.36
C GLY C 261 -14.64 -4.06 -12.31
N VAL C 262 -15.22 -3.98 -11.11
CA VAL C 262 -14.62 -3.17 -10.05
C VAL C 262 -13.57 -3.97 -9.27
N ASP C 263 -12.70 -3.28 -8.57
CA ASP C 263 -11.73 -3.98 -7.68
C ASP C 263 -12.38 -4.54 -6.43
N PHE C 264 -13.30 -3.77 -5.84
CA PHE C 264 -13.96 -4.16 -4.59
C PHE C 264 -15.41 -3.83 -4.65
N SER C 265 -16.28 -4.78 -4.31
CA SER C 265 -17.69 -4.45 -4.20
C SER C 265 -18.20 -4.87 -2.83
N PHE C 266 -19.26 -4.21 -2.42
CA PHE C 266 -19.84 -4.41 -1.08
C PHE C 266 -21.33 -4.50 -1.17
N GLU C 267 -21.91 -5.57 -0.60
CA GLU C 267 -23.38 -5.63 -0.52
C GLU C 267 -23.71 -5.15 0.90
N VAL C 268 -24.42 -4.01 0.97
CA VAL C 268 -24.76 -3.39 2.25
C VAL C 268 -26.26 -3.12 2.34
N ILE C 269 -27.05 -4.12 1.92
CA ILE C 269 -28.52 -3.95 1.88
C ILE C 269 -29.16 -5.10 2.65
N GLY C 270 -28.87 -6.32 2.20
CA GLY C 270 -29.54 -7.51 2.76
C GLY C 270 -30.48 -8.17 1.78
N ARG C 271 -30.08 -8.29 0.53
CA ARG C 271 -30.89 -9.01 -0.47
C ARG C 271 -30.08 -10.06 -1.15
N LEU C 272 -30.65 -11.24 -1.32
CA LEU C 272 -29.95 -12.32 -2.02
C LEU C 272 -29.53 -11.89 -3.43
N ASP C 273 -30.44 -11.22 -4.15
CA ASP C 273 -30.11 -10.82 -5.54
C ASP C 273 -28.98 -9.82 -5.62
N THR C 274 -28.94 -8.84 -4.72
CA THR C 274 -27.86 -7.86 -4.78
C THR C 274 -26.54 -8.49 -4.31
N MET C 275 -26.59 -9.53 -3.47
CA MET C 275 -25.32 -10.21 -3.11
C MET C 275 -24.68 -10.84 -4.35
N VAL C 276 -25.49 -11.45 -5.21
CA VAL C 276 -24.97 -12.08 -6.42
C VAL C 276 -24.56 -10.99 -7.43
N THR C 277 -25.38 -9.96 -7.58
CA THR C 277 -25.06 -8.82 -8.43
C THR C 277 -23.74 -8.19 -8.02
N ALA C 278 -23.56 -7.95 -6.73
CA ALA C 278 -22.31 -7.36 -6.25
C ALA C 278 -21.12 -8.25 -6.53
N LEU C 279 -21.25 -9.55 -6.34
CA LEU C 279 -20.16 -10.44 -6.72
C LEU C 279 -19.84 -10.31 -8.21
N SER C 280 -20.88 -10.35 -9.05
CA SER C 280 -20.70 -10.36 -10.48
C SER C 280 -20.05 -9.08 -11.02
N CYS C 281 -20.29 -7.96 -10.35
CA CYS C 281 -19.76 -6.70 -10.83
C CYS C 281 -18.30 -6.48 -10.49
N CYS C 282 -17.71 -7.30 -9.61
CA CYS C 282 -16.28 -7.17 -9.38
C CYS C 282 -15.51 -7.93 -10.49
N GLN C 283 -14.30 -7.47 -10.77
CA GLN C 283 -13.54 -7.99 -11.91
C GLN C 283 -13.32 -9.52 -11.76
N GLU C 284 -13.56 -10.24 -12.85
CA GLU C 284 -13.71 -11.71 -12.73
C GLU C 284 -12.45 -12.45 -12.32
N ALA C 285 -11.27 -11.84 -12.54
CA ALA C 285 -10.00 -12.51 -12.26
C ALA C 285 -9.41 -12.16 -10.91
N TYR C 286 -9.66 -10.92 -10.45
CA TYR C 286 -9.00 -10.46 -9.23
C TYR C 286 -9.91 -9.66 -8.31
N GLY C 287 -11.19 -9.54 -8.65
CA GLY C 287 -12.13 -8.77 -7.86
C GLY C 287 -12.39 -9.40 -6.50
N VAL C 288 -12.80 -8.56 -5.54
CA VAL C 288 -13.18 -9.01 -4.20
C VAL C 288 -14.54 -8.44 -3.89
N SER C 289 -15.46 -9.27 -3.38
CA SER C 289 -16.79 -8.78 -3.00
C SER C 289 -17.04 -9.17 -1.57
N VAL C 290 -17.52 -8.21 -0.77
CA VAL C 290 -17.77 -8.44 0.65
C VAL C 290 -19.27 -8.32 0.93
N ILE C 291 -19.85 -9.37 1.49
CA ILE C 291 -21.25 -9.32 1.95
C ILE C 291 -21.28 -8.74 3.37
N VAL C 292 -22.03 -7.67 3.56
CA VAL C 292 -22.29 -7.07 4.87
C VAL C 292 -23.79 -7.15 5.23
N GLY C 293 -24.68 -7.01 4.26
CA GLY C 293 -26.10 -6.98 4.59
C GLY C 293 -26.65 -8.31 5.11
N VAL C 294 -27.68 -8.21 5.93
CA VAL C 294 -28.31 -9.40 6.53
C VAL C 294 -29.54 -9.73 5.71
N PRO C 295 -29.58 -10.91 5.09
CA PRO C 295 -30.74 -11.33 4.29
C PRO C 295 -31.79 -12.08 5.12
N PRO C 296 -32.99 -12.27 4.58
CA PRO C 296 -34.03 -13.02 5.28
C PRO C 296 -33.61 -14.40 5.74
N ASP C 297 -33.95 -14.67 6.99
CA ASP C 297 -33.57 -15.90 7.64
C ASP C 297 -33.82 -17.15 6.80
N SER C 298 -32.80 -18.00 6.78
CA SER C 298 -32.90 -19.37 6.27
C SER C 298 -33.07 -19.46 4.76
N GLN C 299 -32.98 -18.36 4.04
CA GLN C 299 -33.13 -18.40 2.60
C GLN C 299 -31.80 -18.49 1.90
N ASN C 300 -31.75 -19.33 0.86
CA ASN C 300 -30.51 -19.56 0.13
C ASN C 300 -30.51 -18.71 -1.14
N LEU C 301 -29.34 -18.21 -1.51
CA LEU C 301 -29.11 -17.65 -2.85
C LEU C 301 -28.72 -18.73 -3.85
N SER C 302 -28.78 -18.38 -5.12
CA SER C 302 -28.41 -19.24 -6.21
C SER C 302 -27.34 -18.53 -7.01
N MET C 303 -26.22 -19.22 -7.30
CA MET C 303 -25.20 -18.59 -8.12
C MET C 303 -24.43 -19.62 -8.92
N ASN C 304 -23.78 -19.15 -9.98
CA ASN C 304 -22.95 -20.00 -10.83
C ASN C 304 -21.53 -19.95 -10.32
N PRO C 305 -20.96 -21.07 -9.90
CA PRO C 305 -19.59 -21.03 -9.34
C PRO C 305 -18.50 -20.64 -10.34
N MET C 306 -18.82 -20.58 -11.63
CA MET C 306 -17.87 -20.02 -12.59
C MET C 306 -17.50 -18.57 -12.21
N LEU C 307 -18.38 -17.87 -11.48
CA LEU C 307 -18.03 -16.53 -11.03
C LEU C 307 -16.81 -16.55 -10.12
N LEU C 308 -16.65 -17.66 -9.36
CA LEU C 308 -15.50 -17.80 -8.46
C LEU C 308 -14.29 -18.44 -9.13
N LEU C 309 -14.54 -19.41 -10.01
CA LEU C 309 -13.47 -20.19 -10.65
C LEU C 309 -12.54 -19.27 -11.45
N SER C 310 -13.06 -18.15 -12.00
CA SER C 310 -12.21 -17.27 -12.81
C SER C 310 -11.23 -16.51 -11.95
N GLY C 311 -11.50 -16.43 -10.63
CA GLY C 311 -10.57 -15.78 -9.73
C GLY C 311 -11.15 -14.86 -8.66
N ARG C 312 -12.44 -14.59 -8.70
CA ARG C 312 -13.06 -13.72 -7.69
C ARG C 312 -12.93 -14.28 -6.29
N THR C 313 -12.88 -13.37 -5.33
CA THR C 313 -12.91 -13.72 -3.91
C THR C 313 -14.21 -13.19 -3.32
N TRP C 314 -14.90 -14.02 -2.53
CA TRP C 314 -16.15 -13.62 -1.92
C TRP C 314 -16.05 -13.85 -0.44
N LYS C 315 -16.32 -12.82 0.33
CA LYS C 315 -16.21 -12.92 1.78
C LYS C 315 -17.43 -12.31 2.40
N GLY C 316 -17.67 -12.61 3.67
CA GLY C 316 -18.57 -11.78 4.46
C GLY C 316 -17.90 -11.50 5.81
N ALA C 317 -18.54 -10.68 6.62
CA ALA C 317 -17.99 -10.39 7.95
C ALA C 317 -19.05 -9.85 8.87
N ILE C 318 -18.81 -10.07 10.15
CA ILE C 318 -19.60 -9.44 11.19
C ILE C 318 -18.83 -8.28 11.78
N PHE C 319 -19.50 -7.14 12.01
CA PHE C 319 -18.87 -6.01 12.73
C PHE C 319 -17.55 -5.57 12.07
N GLY C 320 -17.51 -5.59 10.74
CA GLY C 320 -16.35 -5.05 10.02
C GLY C 320 -15.08 -5.86 10.26
N GLY C 321 -15.20 -7.08 10.80
CA GLY C 321 -14.06 -7.92 11.09
C GLY C 321 -13.29 -7.54 12.37
N PHE C 322 -13.75 -6.50 13.07
CA PHE C 322 -13.03 -6.03 14.25
C PHE C 322 -13.21 -6.96 15.45
N LYS C 323 -12.10 -7.34 16.09
CA LYS C 323 -12.19 -7.99 17.41
C LYS C 323 -12.78 -6.94 18.35
N SER C 324 -13.98 -7.21 18.90
CA SER C 324 -14.81 -6.09 19.38
C SER C 324 -14.26 -5.31 20.59
N LYS C 325 -13.79 -6.02 21.60
CA LYS C 325 -13.36 -5.37 22.83
C LYS C 325 -12.01 -4.67 22.63
N ASP C 326 -11.13 -5.27 21.83
CA ASP C 326 -9.86 -4.61 21.49
C ASP C 326 -10.13 -3.37 20.65
N SER C 327 -11.06 -3.48 19.70
CA SER C 327 -11.18 -2.43 18.70
C SER C 327 -12.03 -1.25 19.10
N VAL C 328 -13.14 -1.49 19.80
CA VAL C 328 -14.06 -0.39 20.06
C VAL C 328 -13.36 0.83 20.75
N PRO C 329 -12.53 0.60 21.78
CA PRO C 329 -11.87 1.72 22.46
C PRO C 329 -10.93 2.48 21.49
N LYS C 330 -10.29 1.75 20.57
CA LYS C 330 -9.31 2.34 19.66
C LYS C 330 -10.06 3.15 18.63
N LEU C 331 -11.22 2.64 18.18
CA LEU C 331 -12.06 3.40 17.24
C LEU C 331 -12.57 4.68 17.91
N VAL C 332 -12.99 4.62 19.16
CA VAL C 332 -13.39 5.83 19.87
C VAL C 332 -12.22 6.81 19.96
N ALA C 333 -11.04 6.32 20.31
CA ALA C 333 -9.84 7.17 20.34
C ALA C 333 -9.55 7.81 18.96
N ASP C 334 -9.73 7.03 17.88
CA ASP C 334 -9.56 7.59 16.55
C ASP C 334 -10.57 8.67 16.22
N PHE C 335 -11.84 8.46 16.62
CA PHE C 335 -12.86 9.48 16.42
C PHE C 335 -12.47 10.76 17.18
N MET C 336 -11.99 10.60 18.41
CA MET C 336 -11.62 11.78 19.25
C MET C 336 -10.45 12.52 18.58
N ALA C 337 -9.61 11.78 17.85
CA ALA C 337 -8.49 12.34 17.07
C ALA C 337 -8.87 12.75 15.64
N LYS C 338 -10.18 12.81 15.35
CA LYS C 338 -10.66 13.31 14.06
C LYS C 338 -10.24 12.47 12.85
N LYS C 339 -10.04 11.16 13.05
CA LYS C 339 -9.68 10.27 11.95
C LYS C 339 -10.84 9.93 11.02
N PHE C 340 -12.06 10.04 11.53
CA PHE C 340 -13.27 9.86 10.74
C PHE C 340 -14.40 10.67 11.34
N ALA C 341 -15.50 10.81 10.60
CA ALA C 341 -16.62 11.65 11.02
C ALA C 341 -17.86 10.80 11.27
N LEU C 342 -18.62 11.16 12.30
CA LEU C 342 -19.85 10.42 12.62
C LEU C 342 -21.07 11.28 12.35
N ASP C 343 -20.92 12.62 12.47
CA ASP C 343 -22.04 13.51 12.19
C ASP C 343 -22.77 13.28 10.85
N PRO C 344 -22.07 12.98 9.74
CA PRO C 344 -22.77 12.71 8.46
C PRO C 344 -23.76 11.57 8.53
N LEU C 345 -23.59 10.69 9.50
CA LEU C 345 -24.50 9.56 9.65
C LEU C 345 -25.78 9.90 10.41
N ILE C 346 -25.74 10.97 11.20
CA ILE C 346 -26.80 11.30 12.13
C ILE C 346 -27.74 12.29 11.44
N THR C 347 -28.93 11.82 11.11
CA THR C 347 -29.87 12.70 10.43
C THR C 347 -31.02 13.18 11.31
N HIS C 348 -31.31 12.44 12.37
CA HIS C 348 -32.41 12.73 13.25
C HIS C 348 -32.05 12.42 14.68
N VAL C 349 -32.58 13.20 15.60
CA VAL C 349 -32.39 12.94 17.03
C VAL C 349 -33.77 12.99 17.70
N LEU C 350 -34.04 11.99 18.54
CA LEU C 350 -35.33 11.92 19.22
C LEU C 350 -35.14 11.40 20.62
N PRO C 351 -36.07 11.71 21.51
CA PRO C 351 -36.02 11.09 22.82
C PRO C 351 -36.37 9.61 22.64
N PHE C 352 -35.86 8.79 23.55
CA PHE C 352 -36.13 7.36 23.54
C PHE C 352 -37.61 7.02 23.41
N GLU C 353 -38.47 7.79 24.09
CA GLU C 353 -39.90 7.46 24.07
C GLU C 353 -40.52 7.56 22.67
N LYS C 354 -39.83 8.23 21.76
CA LYS C 354 -40.28 8.33 20.35
C LYS C 354 -39.60 7.28 19.45
N ILE C 355 -39.24 6.16 20.04
CA ILE C 355 -38.61 5.07 19.30
C ILE C 355 -39.42 4.64 18.07
N ASN C 356 -40.74 4.50 18.20
CA ASN C 356 -41.51 4.07 17.04
C ASN C 356 -41.47 5.08 15.91
N GLU C 357 -41.50 6.38 16.24
CA GLU C 357 -41.28 7.41 15.24
C GLU C 357 -39.90 7.26 14.56
N GLY C 358 -38.86 6.92 15.33
CA GLY C 358 -37.54 6.67 14.78
C GLY C 358 -37.52 5.49 13.78
N PHE C 359 -38.26 4.43 14.07
CA PHE C 359 -38.39 3.32 13.12
C PHE C 359 -39.17 3.69 11.89
N ASP C 360 -40.21 4.51 12.07
CA ASP C 360 -41.00 5.00 10.93
C ASP C 360 -40.10 5.76 9.95
N LEU C 361 -39.20 6.58 10.49
CA LEU C 361 -38.28 7.37 9.69
C LEU C 361 -37.35 6.46 8.90
N LEU C 362 -36.91 5.39 9.53
CA LEU C 362 -36.02 4.47 8.84
C LEU C 362 -36.78 3.79 7.72
N ARG C 363 -37.95 3.26 8.03
CA ARG C 363 -38.74 2.51 7.05
C ARG C 363 -39.20 3.32 5.84
N SER C 364 -39.44 4.62 6.06
CA SER C 364 -39.87 5.53 5.02
C SER C 364 -38.77 5.90 4.04
N GLY C 365 -37.52 5.63 4.43
CA GLY C 365 -36.37 6.02 3.65
C GLY C 365 -35.79 7.37 4.02
N GLU C 366 -36.43 8.09 4.95
CA GLU C 366 -36.04 9.46 5.20
C GLU C 366 -34.74 9.56 6.00
N SER C 367 -34.48 8.63 6.90
CA SER C 367 -33.32 8.81 7.76
C SER C 367 -32.14 7.94 7.36
N ILE C 368 -30.99 8.34 7.87
CA ILE C 368 -29.80 7.48 7.94
C ILE C 368 -29.79 6.88 9.35
N ARG C 369 -29.15 7.54 10.31
CA ARG C 369 -29.30 7.12 11.71
C ARG C 369 -30.12 8.13 12.52
N THR C 370 -31.17 7.63 13.18
CA THR C 370 -31.78 8.35 14.28
C THR C 370 -31.10 7.91 15.56
N ILE C 371 -30.66 8.88 16.36
CA ILE C 371 -30.10 8.61 17.68
C ILE C 371 -31.15 8.94 18.74
N LEU C 372 -31.43 7.97 19.61
CA LEU C 372 -32.38 8.15 20.70
C LEU C 372 -31.63 8.52 21.97
N THR C 373 -32.14 9.54 22.66
CA THR C 373 -31.53 9.98 23.92
C THR C 373 -32.43 9.59 25.06
N PHE C 374 -31.80 9.07 26.08
CA PHE C 374 -32.50 8.64 27.28
C PHE C 374 -32.75 9.73 28.29
N SER D 1 11.95 -29.37 -43.17
CA SER D 1 11.39 -29.49 -44.57
C SER D 1 9.88 -29.27 -44.61
N THR D 2 9.21 -29.34 -43.44
CA THR D 2 7.75 -29.13 -43.33
C THR D 2 7.35 -27.65 -43.17
N ALA D 3 8.33 -26.79 -42.92
CA ALA D 3 8.02 -25.38 -42.69
C ALA D 3 7.33 -24.76 -43.91
N GLY D 4 6.23 -24.05 -43.65
CA GLY D 4 5.49 -23.38 -44.69
C GLY D 4 4.48 -24.31 -45.35
N LYS D 5 4.54 -25.60 -44.99
CA LYS D 5 3.67 -26.60 -45.61
C LYS D 5 2.60 -27.12 -44.66
N VAL D 6 1.46 -27.50 -45.24
CA VAL D 6 0.44 -28.23 -44.51
C VAL D 6 1.02 -29.58 -44.08
N ILE D 7 0.86 -29.96 -42.80
CA ILE D 7 1.28 -31.28 -42.32
C ILE D 7 0.07 -32.22 -42.22
N LYS D 8 0.24 -33.46 -42.73
CA LYS D 8 -0.80 -34.49 -42.56
C LYS D 8 -0.33 -35.36 -41.42
N CYS D 9 -1.16 -35.55 -40.39
CA CYS D 9 -0.75 -36.35 -39.23
C CYS D 9 -1.98 -36.94 -38.56
N LYS D 10 -1.79 -37.73 -37.52
CA LYS D 10 -2.92 -38.25 -36.77
C LYS D 10 -3.31 -37.33 -35.62
N ALA D 11 -4.62 -37.26 -35.37
CA ALA D 11 -5.13 -36.57 -34.18
C ALA D 11 -6.33 -37.31 -33.66
N ALA D 12 -6.64 -37.09 -32.38
CA ALA D 12 -7.82 -37.70 -31.78
C ALA D 12 -8.94 -36.68 -31.88
N VAL D 13 -9.91 -36.95 -32.74
CA VAL D 13 -11.02 -36.01 -32.96
C VAL D 13 -12.25 -36.45 -32.17
N LEU D 14 -12.90 -35.48 -31.51
CA LEU D 14 -14.16 -35.78 -30.85
C LEU D 14 -15.24 -35.17 -31.72
N TRP D 15 -16.02 -36.00 -32.39
CA TRP D 15 -17.03 -35.48 -33.33
C TRP D 15 -18.33 -35.09 -32.64
N GLU D 16 -18.65 -35.78 -31.53
CA GLU D 16 -19.86 -35.59 -30.77
C GLU D 16 -19.62 -35.91 -29.31
N GLU D 17 -20.48 -35.39 -28.44
CA GLU D 17 -20.40 -35.77 -27.03
C GLU D 17 -20.69 -37.25 -26.83
N LYS D 18 -20.11 -37.80 -25.76
CA LYS D 18 -20.37 -39.14 -25.27
C LYS D 18 -20.00 -40.23 -26.26
N LYS D 19 -18.94 -39.97 -27.02
CA LYS D 19 -18.36 -40.95 -27.94
C LYS D 19 -16.87 -41.10 -27.68
N PRO D 20 -16.28 -42.24 -28.01
CA PRO D 20 -14.82 -42.34 -28.00
C PRO D 20 -14.19 -41.32 -28.94
N PHE D 21 -12.95 -40.96 -28.65
CA PHE D 21 -12.15 -40.21 -29.60
C PHE D 21 -11.92 -41.04 -30.84
N SER D 22 -11.94 -40.39 -32.01
CA SER D 22 -11.66 -41.09 -33.26
C SER D 22 -10.27 -40.67 -33.75
N ILE D 23 -9.35 -41.63 -33.87
CA ILE D 23 -8.02 -41.34 -34.39
C ILE D 23 -8.18 -41.18 -35.90
N GLU D 24 -7.93 -39.96 -36.38
CA GLU D 24 -8.19 -39.58 -37.77
C GLU D 24 -6.95 -38.96 -38.38
N GLU D 25 -6.84 -39.04 -39.69
CA GLU D 25 -5.86 -38.21 -40.41
C GLU D 25 -6.42 -36.81 -40.48
N VAL D 26 -5.62 -35.85 -40.03
CA VAL D 26 -5.97 -34.43 -40.11
C VAL D 26 -4.88 -33.65 -40.86
N GLU D 27 -5.26 -32.49 -41.36
CA GLU D 27 -4.33 -31.56 -41.98
C GLU D 27 -4.14 -30.39 -41.03
N VAL D 28 -2.88 -30.07 -40.75
CA VAL D 28 -2.52 -29.01 -39.82
C VAL D 28 -1.85 -27.92 -40.65
N ALA D 29 -2.52 -26.78 -40.75
CA ALA D 29 -2.02 -25.64 -41.52
C ALA D 29 -0.71 -25.09 -40.93
N PRO D 30 0.13 -24.46 -41.74
CA PRO D 30 1.32 -23.80 -41.20
C PRO D 30 0.89 -22.60 -40.33
N PRO D 31 1.75 -22.21 -39.39
CA PRO D 31 1.43 -21.07 -38.52
C PRO D 31 1.38 -19.74 -39.29
N LYS D 32 0.40 -18.92 -38.95
CA LYS D 32 0.30 -17.58 -39.48
C LYS D 32 1.10 -16.65 -38.57
N ALA D 33 0.98 -15.35 -38.77
CA ALA D 33 1.70 -14.39 -37.97
C ALA D 33 1.48 -14.64 -36.48
N HIS D 34 2.56 -14.60 -35.72
CA HIS D 34 2.49 -14.78 -34.26
C HIS D 34 1.87 -16.11 -33.79
N GLU D 35 2.00 -17.13 -34.63
CA GLU D 35 1.56 -18.48 -34.25
C GLU D 35 2.75 -19.42 -34.28
N VAL D 36 2.60 -20.55 -33.57
CA VAL D 36 3.69 -21.51 -33.35
C VAL D 36 3.15 -22.90 -33.65
N ARG D 37 3.84 -23.67 -34.50
CA ARG D 37 3.43 -25.06 -34.73
C ARG D 37 4.37 -25.97 -33.96
N ILE D 38 3.76 -26.87 -33.20
CA ILE D 38 4.47 -27.73 -32.23
C ILE D 38 4.31 -29.19 -32.56
N LYS D 39 5.41 -29.93 -32.55
CA LYS D 39 5.37 -31.38 -32.63
C LYS D 39 5.18 -31.91 -31.20
N MET D 40 4.07 -32.58 -30.97
CA MET D 40 3.79 -33.10 -29.62
C MET D 40 4.73 -34.21 -29.21
N VAL D 41 5.15 -34.18 -27.96
CA VAL D 41 5.96 -35.26 -27.40
C VAL D 41 5.19 -36.06 -26.34
N ALA D 42 4.51 -35.37 -25.42
CA ALA D 42 3.78 -36.03 -24.37
C ALA D 42 2.53 -35.23 -24.03
N THR D 43 1.44 -35.93 -23.71
CA THR D 43 0.25 -35.22 -23.24
C THR D 43 -0.45 -36.02 -22.13
N GLY D 44 -0.94 -35.35 -21.09
CA GLY D 44 -1.65 -36.02 -20.03
C GLY D 44 -3.12 -36.05 -20.32
N ILE D 45 -3.80 -37.00 -19.70
CA ILE D 45 -5.26 -37.05 -19.72
C ILE D 45 -5.80 -36.44 -18.43
N CYS D 46 -6.40 -35.26 -18.57
CA CYS D 46 -6.95 -34.51 -17.44
C CYS D 46 -8.49 -34.69 -17.43
N ARG D 47 -9.08 -34.70 -16.24
CA ARG D 47 -10.55 -34.83 -16.15
C ARG D 47 -11.25 -33.74 -16.99
N SER D 48 -10.65 -32.56 -17.14
CA SER D 48 -11.28 -31.54 -17.98
C SER D 48 -11.47 -31.96 -19.44
N ASP D 49 -10.56 -32.78 -19.96
CA ASP D 49 -10.71 -33.29 -21.33
C ASP D 49 -11.92 -34.22 -21.34
N ASP D 50 -12.08 -35.02 -20.29
CA ASP D 50 -13.26 -35.88 -20.21
C ASP D 50 -14.56 -35.07 -20.07
N HIS D 51 -14.49 -33.93 -19.42
CA HIS D 51 -15.66 -33.05 -19.32
C HIS D 51 -16.16 -32.62 -20.69
N VAL D 52 -15.28 -32.49 -21.68
CA VAL D 52 -15.72 -32.13 -23.03
C VAL D 52 -16.54 -33.31 -23.58
N VAL D 53 -16.06 -34.53 -23.35
CA VAL D 53 -16.79 -35.71 -23.82
C VAL D 53 -18.16 -35.83 -23.15
N SER D 54 -18.20 -35.62 -21.84
CA SER D 54 -19.42 -35.83 -21.09
C SER D 54 -20.45 -34.71 -21.27
N GLY D 55 -20.03 -33.59 -21.85
CA GLY D 55 -20.82 -32.38 -21.94
C GLY D 55 -20.88 -31.53 -20.67
N THR D 56 -20.06 -31.87 -19.69
CA THR D 56 -19.88 -31.06 -18.47
C THR D 56 -19.28 -29.70 -18.84
N LEU D 57 -18.31 -29.73 -19.74
CA LEU D 57 -17.70 -28.51 -20.25
C LEU D 57 -18.11 -28.34 -21.70
N VAL D 58 -18.71 -27.20 -22.03
CA VAL D 58 -19.23 -26.94 -23.36
C VAL D 58 -18.22 -26.14 -24.15
N THR D 59 -17.87 -26.68 -25.32
CA THR D 59 -16.96 -26.01 -26.23
C THR D 59 -17.31 -26.50 -27.64
N PRO D 60 -17.17 -25.67 -28.66
CA PRO D 60 -17.64 -26.10 -30.00
C PRO D 60 -17.03 -27.42 -30.49
N LEU D 61 -17.91 -28.26 -31.06
CA LEU D 61 -17.53 -29.55 -31.63
C LEU D 61 -17.72 -29.46 -33.16
N PRO D 62 -17.02 -30.26 -33.95
CA PRO D 62 -16.02 -31.25 -33.50
C PRO D 62 -14.74 -30.57 -33.05
N VAL D 63 -13.93 -31.27 -32.27
CA VAL D 63 -12.84 -30.63 -31.56
C VAL D 63 -11.68 -31.57 -31.40
N ILE D 64 -10.47 -31.00 -31.40
CA ILE D 64 -9.30 -31.72 -30.90
C ILE D 64 -9.05 -31.21 -29.50
N ALA D 65 -9.31 -32.08 -28.52
CA ALA D 65 -9.11 -31.73 -27.12
C ALA D 65 -7.65 -31.93 -26.72
N GLY D 66 -7.39 -31.97 -25.41
CA GLY D 66 -6.03 -32.06 -24.90
C GLY D 66 -5.45 -30.69 -24.61
N HIS D 67 -4.89 -30.52 -23.42
CA HIS D 67 -4.40 -29.20 -23.01
C HIS D 67 -3.23 -29.26 -22.04
N GLU D 68 -2.86 -30.47 -21.60
CA GLU D 68 -1.78 -30.65 -20.62
C GLU D 68 -0.71 -31.41 -21.38
N ALA D 69 0.36 -30.71 -21.81
CA ALA D 69 1.27 -31.31 -22.79
C ALA D 69 2.61 -30.61 -22.88
N ALA D 70 3.53 -31.23 -23.60
CA ALA D 70 4.81 -30.62 -23.92
C ALA D 70 5.26 -31.14 -25.27
N GLY D 71 5.97 -30.31 -26.01
CA GLY D 71 6.40 -30.70 -27.34
C GLY D 71 7.61 -29.88 -27.76
N ILE D 72 7.92 -29.93 -29.05
CA ILE D 72 9.09 -29.25 -29.62
C ILE D 72 8.62 -28.41 -30.79
N VAL D 73 9.06 -27.16 -30.84
CA VAL D 73 8.61 -26.27 -31.91
C VAL D 73 9.12 -26.77 -33.26
N GLU D 74 8.20 -26.98 -34.21
CA GLU D 74 8.55 -27.37 -35.58
C GLU D 74 8.79 -26.12 -36.47
N SER D 75 7.94 -25.10 -36.32
CA SER D 75 8.11 -23.85 -37.10
C SER D 75 7.37 -22.71 -36.42
N ILE D 76 7.79 -21.48 -36.75
CA ILE D 76 7.12 -20.29 -36.22
C ILE D 76 6.60 -19.39 -37.35
N GLY D 77 5.51 -18.68 -37.07
CA GLY D 77 4.98 -17.73 -38.03
C GLY D 77 5.76 -16.42 -37.96
N GLU D 78 5.44 -15.52 -38.91
CA GLU D 78 6.03 -14.21 -38.97
C GLU D 78 5.84 -13.50 -37.64
N GLY D 79 6.92 -12.92 -37.14
CA GLY D 79 6.81 -12.04 -36.00
C GLY D 79 6.97 -12.72 -34.64
N VAL D 80 7.02 -14.05 -34.61
CA VAL D 80 7.23 -14.76 -33.34
C VAL D 80 8.64 -14.46 -32.84
N THR D 81 8.75 -14.11 -31.56
CA THR D 81 10.07 -13.77 -31.02
C THR D 81 10.46 -14.58 -29.78
N THR D 82 9.48 -15.24 -29.17
CA THR D 82 9.71 -15.82 -27.84
C THR D 82 10.05 -17.31 -27.84
N VAL D 83 9.85 -17.95 -29.00
CA VAL D 83 10.29 -19.34 -29.19
C VAL D 83 10.91 -19.49 -30.59
N ARG D 84 11.73 -20.53 -30.78
CA ARG D 84 12.36 -20.83 -32.08
C ARG D 84 12.22 -22.32 -32.36
N PRO D 85 12.29 -22.70 -33.64
CA PRO D 85 12.30 -24.12 -33.99
C PRO D 85 13.30 -24.89 -33.13
N GLY D 86 12.86 -26.03 -32.62
CA GLY D 86 13.71 -26.88 -31.82
C GLY D 86 13.55 -26.66 -30.33
N ASP D 87 12.97 -25.53 -29.91
CA ASP D 87 12.76 -25.29 -28.48
C ASP D 87 11.74 -26.29 -27.93
N LYS D 88 11.99 -26.74 -26.71
CA LYS D 88 10.96 -27.43 -25.92
C LYS D 88 9.96 -26.40 -25.38
N VAL D 89 8.66 -26.74 -25.43
CA VAL D 89 7.60 -25.81 -25.06
C VAL D 89 6.46 -26.53 -24.35
N ILE D 90 5.72 -25.78 -23.53
CA ILE D 90 4.43 -26.25 -22.97
C ILE D 90 3.37 -25.27 -23.43
N PRO D 91 2.33 -25.75 -24.10
CA PRO D 91 1.19 -24.90 -24.47
C PRO D 91 0.48 -24.45 -23.20
N LEU D 92 -0.07 -23.25 -23.24
CA LEU D 92 -0.66 -22.60 -22.07
C LEU D 92 -2.15 -22.49 -22.33
N PHE D 93 -2.93 -23.29 -21.62
CA PHE D 93 -4.39 -23.22 -21.81
C PHE D 93 -5.00 -21.91 -21.29
N THR D 94 -4.29 -21.26 -20.37
CA THR D 94 -4.58 -19.88 -20.00
C THR D 94 -3.49 -19.03 -20.63
N PRO D 95 -3.79 -18.15 -21.58
CA PRO D 95 -2.72 -17.38 -22.22
C PRO D 95 -2.15 -16.33 -21.27
N GLN D 96 -1.07 -15.67 -21.70
CA GLN D 96 -0.59 -14.49 -21.00
C GLN D 96 -0.18 -13.46 -22.05
N CYS D 97 -1.12 -12.63 -22.46
CA CYS D 97 -0.82 -11.62 -23.47
C CYS D 97 0.16 -10.55 -22.96
N GLY D 98 0.14 -10.31 -21.64
CA GLY D 98 1.03 -9.33 -21.00
C GLY D 98 0.59 -7.89 -21.17
N LYS D 99 -0.55 -7.66 -21.83
CA LYS D 99 -1.02 -6.31 -22.17
C LYS D 99 -2.36 -5.92 -21.56
N CYS D 100 -3.18 -6.92 -21.21
CA CYS D 100 -4.53 -6.62 -20.73
C CYS D 100 -4.52 -6.27 -19.26
N ARG D 101 -5.62 -5.74 -18.74
CA ARG D 101 -5.63 -5.26 -17.34
C ARG D 101 -5.33 -6.41 -16.35
N VAL D 102 -5.73 -7.62 -16.72
CA VAL D 102 -5.52 -8.77 -15.85
C VAL D 102 -4.04 -9.15 -15.83
N CYS D 103 -3.43 -9.24 -17.02
CA CYS D 103 -2.01 -9.57 -17.14
C CYS D 103 -1.17 -8.55 -16.37
N LYS D 104 -1.63 -7.30 -16.36
CA LYS D 104 -0.89 -6.23 -15.66
C LYS D 104 -1.14 -6.19 -14.16
N HIS D 105 -2.19 -6.85 -13.70
CA HIS D 105 -2.51 -6.82 -12.26
C HIS D 105 -1.62 -7.80 -11.50
N PRO D 106 -1.12 -7.42 -10.32
CA PRO D 106 -0.21 -8.33 -9.59
C PRO D 106 -0.81 -9.68 -9.25
N GLU D 107 -2.14 -9.77 -9.07
CA GLU D 107 -2.76 -11.01 -8.61
C GLU D 107 -3.53 -11.76 -9.68
N GLY D 108 -3.83 -11.14 -10.80
CA GLY D 108 -4.70 -11.84 -11.77
C GLY D 108 -3.95 -12.75 -12.72
N ASN D 109 -4.58 -13.83 -13.20
CA ASN D 109 -3.97 -14.67 -14.24
C ASN D 109 -4.94 -15.07 -15.34
N PHE D 110 -6.21 -14.74 -15.20
CA PHE D 110 -7.19 -15.14 -16.24
C PHE D 110 -7.18 -14.10 -17.35
N CYS D 111 -6.15 -14.17 -18.19
CA CYS D 111 -5.92 -13.21 -19.27
C CYS D 111 -7.17 -13.06 -20.12
N LEU D 112 -7.49 -11.81 -20.51
CA LEU D 112 -8.71 -11.56 -21.29
C LEU D 112 -8.76 -12.20 -22.68
N LYS D 113 -7.61 -12.68 -23.16
CA LYS D 113 -7.53 -13.40 -24.44
C LYS D 113 -7.89 -14.89 -24.32
N ASN D 114 -8.24 -15.33 -23.10
CA ASN D 114 -8.61 -16.73 -22.89
C ASN D 114 -9.80 -17.16 -23.77
N ASP D 115 -9.86 -18.47 -24.04
CA ASP D 115 -10.98 -19.07 -24.79
C ASP D 115 -11.90 -19.89 -23.88
N LEU D 116 -11.90 -19.57 -22.59
CA LEU D 116 -12.70 -20.32 -21.63
C LEU D 116 -14.04 -19.65 -21.38
N SER D 117 -14.05 -18.33 -21.19
CA SER D 117 -15.26 -17.60 -20.82
C SER D 117 -16.35 -17.66 -21.88
N MET D 118 -15.98 -17.47 -23.14
CA MET D 118 -16.97 -17.51 -24.23
C MET D 118 -16.32 -18.34 -25.34
N PRO D 119 -16.32 -19.65 -25.18
CA PRO D 119 -15.49 -20.52 -26.04
C PRO D 119 -15.82 -20.40 -27.52
N ARG D 120 -14.80 -20.11 -28.31
CA ARG D 120 -14.96 -20.08 -29.77
C ARG D 120 -14.31 -21.33 -30.40
N GLY D 121 -13.33 -21.92 -29.71
CA GLY D 121 -12.66 -23.09 -30.28
C GLY D 121 -11.85 -22.77 -31.55
N THR D 122 -11.19 -21.62 -31.54
CA THR D 122 -10.37 -21.19 -32.67
C THR D 122 -9.03 -20.68 -32.18
N MET D 123 -8.21 -20.27 -33.14
CA MET D 123 -7.03 -19.47 -32.87
C MET D 123 -7.51 -18.05 -32.52
N GLN D 124 -6.59 -17.19 -32.09
CA GLN D 124 -6.97 -15.83 -31.74
C GLN D 124 -7.66 -15.09 -32.90
N ASP D 125 -7.29 -15.44 -34.14
CA ASP D 125 -7.86 -14.77 -35.31
C ASP D 125 -9.26 -15.27 -35.70
N GLY D 126 -9.83 -16.17 -34.89
CA GLY D 126 -11.20 -16.64 -35.14
C GLY D 126 -11.31 -17.75 -36.18
N THR D 127 -10.17 -18.30 -36.59
CA THR D 127 -10.13 -19.41 -37.56
C THR D 127 -9.44 -20.62 -36.97
N SER D 128 -9.62 -21.75 -37.65
CA SER D 128 -8.98 -23.00 -37.22
C SER D 128 -7.84 -23.43 -38.16
N ARG D 129 -6.83 -24.08 -37.59
CA ARG D 129 -5.69 -24.61 -38.37
C ARG D 129 -5.86 -26.09 -38.69
N PHE D 130 -6.96 -26.69 -38.25
CA PHE D 130 -7.17 -28.14 -38.41
C PHE D 130 -8.30 -28.44 -39.40
N THR D 131 -8.06 -29.39 -40.29
CA THR D 131 -9.17 -29.98 -41.06
C THR D 131 -9.12 -31.49 -41.01
N CYS D 132 -10.29 -32.12 -41.15
CA CYS D 132 -10.34 -33.56 -41.26
C CYS D 132 -11.38 -33.82 -42.33
N ARG D 133 -10.94 -34.53 -43.37
CA ARG D 133 -11.76 -34.76 -44.58
C ARG D 133 -12.52 -33.52 -44.99
N GLY D 134 -11.77 -32.43 -45.12
CA GLY D 134 -12.29 -31.18 -45.63
C GLY D 134 -13.08 -30.36 -44.64
N LYS D 135 -13.37 -30.91 -43.45
CA LYS D 135 -14.20 -30.24 -42.47
C LYS D 135 -13.30 -29.54 -41.43
N PRO D 136 -13.56 -28.27 -41.14
CA PRO D 136 -12.79 -27.58 -40.09
C PRO D 136 -13.04 -28.25 -38.72
N ILE D 137 -11.97 -28.40 -37.94
CA ILE D 137 -12.09 -28.96 -36.61
C ILE D 137 -11.67 -27.89 -35.59
N HIS D 138 -12.44 -27.79 -34.51
CA HIS D 138 -12.19 -26.74 -33.52
C HIS D 138 -10.94 -27.02 -32.70
N HIS D 139 -10.31 -25.93 -32.27
CA HIS D 139 -9.28 -25.99 -31.23
C HIS D 139 -9.94 -26.04 -29.85
N PHE D 140 -9.15 -26.31 -28.81
CA PHE D 140 -9.65 -26.40 -27.43
C PHE D 140 -8.74 -25.59 -26.54
N LEU D 141 -9.28 -24.54 -25.92
CA LEU D 141 -8.45 -23.69 -25.03
C LEU D 141 -7.17 -23.15 -25.68
N GLY D 142 -7.19 -22.97 -27.00
CA GLY D 142 -6.00 -22.50 -27.70
C GLY D 142 -4.80 -23.44 -27.58
N THR D 143 -5.05 -24.71 -27.30
CA THR D 143 -3.96 -25.71 -27.15
C THR D 143 -4.14 -26.89 -28.10
N SER D 144 -5.10 -27.78 -27.85
CA SER D 144 -5.40 -28.93 -28.75
C SER D 144 -4.20 -29.85 -28.89
N THR D 145 -3.94 -30.60 -27.83
CA THR D 145 -2.69 -31.36 -27.74
C THR D 145 -2.89 -32.84 -28.02
N PHE D 146 -4.12 -33.28 -28.28
CA PHE D 146 -4.36 -34.66 -28.69
C PHE D 146 -4.15 -34.78 -30.20
N SER D 147 -2.94 -34.46 -30.64
CA SER D 147 -2.59 -34.46 -32.05
C SER D 147 -1.09 -34.51 -32.18
N GLN D 148 -0.60 -35.16 -33.22
CA GLN D 148 0.87 -35.20 -33.37
C GLN D 148 1.46 -33.82 -33.59
N TYR D 149 0.69 -32.92 -34.22
CA TYR D 149 1.09 -31.52 -34.37
C TYR D 149 -0.06 -30.63 -34.01
N THR D 150 0.24 -29.49 -33.38
CA THR D 150 -0.79 -28.48 -33.17
C THR D 150 -0.23 -27.10 -33.48
N VAL D 151 -1.10 -26.10 -33.61
CA VAL D 151 -0.69 -24.71 -33.85
C VAL D 151 -1.31 -23.87 -32.74
N VAL D 152 -0.47 -23.09 -32.07
CA VAL D 152 -0.94 -22.23 -30.98
C VAL D 152 -0.53 -20.79 -31.19
N ASP D 153 -1.26 -19.88 -30.57
CA ASP D 153 -0.86 -18.49 -30.58
C ASP D 153 0.37 -18.31 -29.69
N GLU D 154 1.21 -17.33 -30.04
CA GLU D 154 2.42 -17.08 -29.25
C GLU D 154 2.14 -16.83 -27.76
N ILE D 155 1.03 -16.16 -27.45
CA ILE D 155 0.68 -15.86 -26.05
C ILE D 155 0.21 -17.12 -25.31
N SER D 156 0.08 -18.24 -26.04
CA SER D 156 -0.33 -19.50 -25.43
C SER D 156 0.78 -20.53 -25.46
N VAL D 157 2.03 -20.08 -25.46
CA VAL D 157 3.11 -21.05 -25.39
C VAL D 157 4.28 -20.48 -24.61
N ALA D 158 4.93 -21.36 -23.85
CA ALA D 158 6.14 -21.00 -23.13
C ALA D 158 7.30 -21.92 -23.45
N LYS D 159 8.47 -21.32 -23.71
CA LYS D 159 9.75 -22.06 -23.84
C LYS D 159 10.19 -22.54 -22.47
N ILE D 160 10.63 -23.79 -22.42
CA ILE D 160 11.09 -24.42 -21.19
C ILE D 160 12.53 -24.96 -21.35
N ASP D 161 13.10 -25.38 -20.22
CA ASP D 161 14.47 -25.90 -20.14
C ASP D 161 14.73 -26.95 -21.23
N ALA D 162 15.78 -26.74 -22.01
CA ALA D 162 16.12 -27.64 -23.13
C ALA D 162 16.42 -29.08 -22.68
N ALA D 163 16.76 -29.24 -21.40
CA ALA D 163 17.05 -30.56 -20.85
C ALA D 163 15.88 -31.27 -20.16
N SER D 164 14.69 -30.63 -20.12
CA SER D 164 13.63 -31.23 -19.31
C SER D 164 12.99 -32.46 -19.95
N PRO D 165 12.60 -33.43 -19.11
CA PRO D 165 11.95 -34.65 -19.57
C PRO D 165 10.47 -34.38 -19.85
N LEU D 166 10.14 -34.32 -21.14
CA LEU D 166 8.82 -33.85 -21.54
C LEU D 166 7.70 -34.77 -21.08
N GLU D 167 8.03 -36.05 -20.88
CA GLU D 167 7.05 -37.05 -20.44
C GLU D 167 6.62 -36.90 -18.98
N LYS D 168 7.31 -36.04 -18.24
CA LYS D 168 6.95 -35.65 -16.87
C LYS D 168 6.46 -34.21 -16.82
N VAL D 169 7.23 -33.31 -17.41
CA VAL D 169 6.92 -31.89 -17.22
C VAL D 169 5.64 -31.43 -17.94
N CYS D 170 5.11 -32.24 -18.87
CA CYS D 170 3.77 -31.95 -19.39
C CYS D 170 2.75 -31.68 -18.29
N LEU D 171 2.92 -32.26 -17.10
CA LEU D 171 1.98 -32.05 -16.00
C LEU D 171 1.96 -30.63 -15.46
N ILE D 172 3.06 -29.90 -15.68
CA ILE D 172 3.12 -28.51 -15.30
C ILE D 172 2.21 -27.67 -16.18
N GLY D 173 1.86 -28.22 -17.34
CA GLY D 173 0.87 -27.62 -18.24
C GLY D 173 -0.57 -27.59 -17.70
N CYS D 174 -0.88 -28.43 -16.72
CA CYS D 174 -2.17 -28.33 -16.07
C CYS D 174 -2.23 -28.82 -14.65
N GLY D 175 -2.29 -30.15 -14.50
CA GLY D 175 -2.68 -30.74 -13.23
C GLY D 175 -1.82 -30.36 -12.04
N PHE D 176 -0.50 -30.45 -12.21
CA PHE D 176 0.37 -30.13 -11.08
C PHE D 176 0.24 -28.64 -10.67
N SER D 177 0.41 -27.73 -11.62
CA SER D 177 0.49 -26.32 -11.35
C SER D 177 -0.84 -25.85 -10.78
N THR D 178 -1.94 -26.35 -11.34
CA THR D 178 -3.28 -26.00 -10.81
C THR D 178 -3.39 -26.36 -9.35
N GLY D 179 -3.10 -27.61 -9.01
CA GLY D 179 -3.32 -28.02 -7.62
C GLY D 179 -2.34 -27.35 -6.67
N TYR D 180 -1.07 -27.35 -7.05
CA TYR D 180 -0.06 -26.77 -6.18
C TYR D 180 -0.27 -25.29 -5.93
N GLY D 181 -0.51 -24.54 -6.99
CA GLY D 181 -0.77 -23.13 -6.88
C GLY D 181 -2.05 -22.83 -6.15
N SER D 182 -3.06 -23.68 -6.32
CA SER D 182 -4.28 -23.47 -5.56
C SER D 182 -4.03 -23.44 -4.06
N ALA D 183 -3.07 -24.27 -3.61
CA ALA D 183 -2.68 -24.25 -2.19
C ALA D 183 -1.77 -23.09 -1.83
N VAL D 184 -0.67 -22.95 -2.56
CA VAL D 184 0.37 -22.05 -2.09
C VAL D 184 0.10 -20.60 -2.45
N LYS D 185 -0.55 -20.38 -3.60
CA LYS D 185 -0.73 -19.05 -4.14
C LYS D 185 -2.14 -18.51 -3.89
N VAL D 186 -3.13 -19.33 -4.18
CA VAL D 186 -4.52 -18.91 -4.06
C VAL D 186 -5.02 -18.96 -2.61
N ALA D 187 -5.00 -20.15 -2.00
CA ALA D 187 -5.39 -20.23 -0.60
C ALA D 187 -4.37 -19.54 0.33
N LYS D 188 -3.08 -19.60 -0.04
CA LYS D 188 -1.98 -19.15 0.82
C LYS D 188 -2.00 -19.93 2.15
N VAL D 189 -2.01 -21.25 2.04
CA VAL D 189 -1.95 -22.13 3.21
C VAL D 189 -0.78 -21.74 4.13
N THR D 190 -1.04 -21.74 5.44
CA THR D 190 -0.07 -21.29 6.44
C THR D 190 0.53 -22.48 7.19
N GLN D 191 1.73 -22.25 7.74
CA GLN D 191 2.41 -23.24 8.55
C GLN D 191 1.57 -23.64 9.76
N GLY D 192 1.43 -24.95 9.98
CA GLY D 192 0.73 -25.47 11.14
C GLY D 192 -0.77 -25.56 11.00
N SER D 193 -1.27 -25.19 9.82
CA SER D 193 -2.72 -25.18 9.59
C SER D 193 -3.31 -26.57 9.31
N THR D 194 -4.65 -26.66 9.36
CA THR D 194 -5.36 -27.88 8.97
C THR D 194 -6.06 -27.62 7.64
N CYS D 195 -5.86 -28.55 6.72
CA CYS D 195 -6.44 -28.49 5.39
C CYS D 195 -7.36 -29.67 5.10
N ALA D 196 -8.40 -29.46 4.30
CA ALA D 196 -9.22 -30.56 3.79
C ALA D 196 -9.23 -30.47 2.27
N VAL D 197 -8.97 -31.58 1.61
CA VAL D 197 -8.90 -31.62 0.16
C VAL D 197 -9.93 -32.61 -0.35
N PHE D 198 -10.93 -32.12 -1.08
CA PHE D 198 -12.00 -32.95 -1.62
C PHE D 198 -11.61 -33.33 -3.04
N GLY D 199 -11.39 -34.62 -3.26
CA GLY D 199 -11.02 -35.16 -4.57
C GLY D 199 -9.55 -35.41 -4.62
N LEU D 200 -9.18 -36.68 -4.85
CA LEU D 200 -7.78 -37.09 -4.73
C LEU D 200 -7.26 -37.62 -6.06
N GLY D 201 -7.64 -36.98 -7.16
CA GLY D 201 -7.04 -37.28 -8.43
C GLY D 201 -5.77 -36.48 -8.65
N GLY D 202 -5.33 -36.36 -9.90
CA GLY D 202 -4.09 -35.65 -10.18
C GLY D 202 -4.04 -34.24 -9.59
N VAL D 203 -5.14 -33.49 -9.74
CA VAL D 203 -5.15 -32.12 -9.23
C VAL D 203 -5.17 -32.08 -7.68
N GLY D 204 -6.01 -32.91 -7.07
CA GLY D 204 -6.13 -32.99 -5.62
C GLY D 204 -4.82 -33.40 -4.98
N LEU D 205 -4.12 -34.35 -5.60
CA LEU D 205 -2.81 -34.76 -5.07
C LEU D 205 -1.82 -33.61 -5.14
N SER D 206 -1.94 -32.79 -6.18
CA SER D 206 -1.07 -31.62 -6.33
C SER D 206 -1.41 -30.54 -5.27
N VAL D 207 -2.69 -30.41 -4.95
CA VAL D 207 -3.12 -29.56 -3.83
C VAL D 207 -2.48 -30.06 -2.53
N ILE D 208 -2.55 -31.38 -2.28
CA ILE D 208 -1.91 -31.92 -1.07
C ILE D 208 -0.40 -31.62 -1.07
N MET D 209 0.29 -31.83 -2.20
CA MET D 209 1.71 -31.45 -2.28
C MET D 209 1.95 -29.98 -1.89
N GLY D 210 1.07 -29.10 -2.36
CA GLY D 210 1.18 -27.68 -2.04
C GLY D 210 0.93 -27.42 -0.55
N CYS D 211 -0.05 -28.09 0.03
CA CYS D 211 -0.37 -27.89 1.45
C CYS D 211 0.82 -28.33 2.30
N LYS D 212 1.40 -29.47 1.93
CA LYS D 212 2.59 -29.98 2.65
C LYS D 212 3.78 -29.03 2.49
N ALA D 213 3.99 -28.55 1.26
CA ALA D 213 5.08 -27.60 1.01
C ALA D 213 4.91 -26.32 1.82
N ALA D 214 3.65 -25.93 2.07
CA ALA D 214 3.35 -24.72 2.83
C ALA D 214 3.45 -24.92 4.35
N GLY D 215 3.65 -26.17 4.77
CA GLY D 215 3.85 -26.45 6.19
C GLY D 215 2.59 -26.79 6.96
N ALA D 216 1.53 -27.19 6.28
CA ALA D 216 0.31 -27.61 6.96
C ALA D 216 0.59 -28.73 7.95
N ALA D 217 -0.02 -28.64 9.13
CA ALA D 217 0.15 -29.70 10.13
C ALA D 217 -0.71 -30.95 9.90
N ARG D 218 -1.91 -30.74 9.36
CA ARG D 218 -2.89 -31.80 9.08
C ARG D 218 -3.45 -31.54 7.69
N ILE D 219 -3.58 -32.62 6.92
CA ILE D 219 -4.12 -32.59 5.57
C ILE D 219 -5.05 -33.77 5.44
N ILE D 220 -6.35 -33.48 5.44
CA ILE D 220 -7.37 -34.53 5.40
C ILE D 220 -7.86 -34.68 3.98
N GLY D 221 -7.57 -35.81 3.35
CA GLY D 221 -8.11 -36.06 2.01
C GLY D 221 -9.50 -36.65 2.07
N VAL D 222 -10.37 -36.28 1.13
CA VAL D 222 -11.76 -36.78 1.09
C VAL D 222 -12.01 -37.33 -0.30
N ASP D 223 -12.40 -38.60 -0.40
CA ASP D 223 -12.74 -39.18 -1.71
C ASP D 223 -13.70 -40.33 -1.46
N ILE D 224 -14.64 -40.53 -2.37
CA ILE D 224 -15.54 -41.70 -2.33
C ILE D 224 -14.90 -42.96 -2.91
N ASN D 225 -13.71 -42.81 -3.45
CA ASN D 225 -12.95 -43.98 -3.91
C ASN D 225 -11.77 -44.23 -2.97
N LYS D 226 -11.94 -45.20 -2.08
CA LYS D 226 -10.91 -45.49 -1.09
C LYS D 226 -9.55 -45.91 -1.68
N ASP D 227 -9.56 -46.37 -2.93
CA ASP D 227 -8.31 -46.76 -3.58
C ASP D 227 -7.37 -45.58 -3.78
N LYS D 228 -7.91 -44.36 -3.66
CA LYS D 228 -7.12 -43.14 -3.83
C LYS D 228 -6.35 -42.73 -2.57
N PHE D 229 -6.65 -43.39 -1.45
CA PHE D 229 -6.10 -42.96 -0.18
C PHE D 229 -4.60 -43.20 0.00
N ALA D 230 -4.11 -44.35 -0.48
CA ALA D 230 -2.72 -44.68 -0.22
C ALA D 230 -1.78 -43.67 -0.84
N LYS D 231 -2.04 -43.27 -2.09
CA LYS D 231 -1.16 -42.29 -2.75
C LYS D 231 -1.32 -40.89 -2.09
N ALA D 232 -2.54 -40.54 -1.72
CA ALA D 232 -2.80 -39.28 -1.02
C ALA D 232 -1.92 -39.17 0.23
N LYS D 233 -1.86 -40.25 1.00
CA LYS D 233 -0.99 -40.28 2.19
C LYS D 233 0.50 -40.20 1.80
N GLU D 234 0.87 -40.90 0.74
CA GLU D 234 2.25 -40.86 0.26
C GLU D 234 2.71 -39.45 0.00
N VAL D 235 1.84 -38.61 -0.56
CA VAL D 235 2.25 -37.24 -0.91
C VAL D 235 1.95 -36.19 0.16
N GLY D 236 1.37 -36.62 1.29
CA GLY D 236 1.28 -35.73 2.42
C GLY D 236 0.00 -35.76 3.25
N ALA D 237 -1.03 -36.47 2.80
CA ALA D 237 -2.25 -36.51 3.59
C ALA D 237 -1.99 -37.21 4.91
N THR D 238 -2.45 -36.58 5.99
CA THR D 238 -2.34 -37.18 7.33
C THR D 238 -3.48 -38.16 7.70
N GLU D 239 -4.66 -37.98 7.08
CA GLU D 239 -5.84 -38.84 7.27
C GLU D 239 -6.60 -38.75 5.97
N CYS D 240 -7.37 -39.80 5.66
CA CYS D 240 -8.35 -39.74 4.58
C CYS D 240 -9.68 -40.26 5.05
N VAL D 241 -10.75 -39.65 4.53
CA VAL D 241 -12.09 -40.09 4.86
C VAL D 241 -12.93 -40.27 3.63
N ASN D 242 -13.81 -41.26 3.68
CA ASN D 242 -14.74 -41.58 2.60
C ASN D 242 -16.14 -41.27 3.03
N PRO D 243 -16.76 -40.25 2.45
CA PRO D 243 -18.14 -39.87 2.81
C PRO D 243 -19.11 -41.05 2.85
N GLN D 244 -18.90 -42.03 1.99
CA GLN D 244 -19.80 -43.18 1.85
C GLN D 244 -19.76 -44.10 3.08
N ASP D 245 -18.73 -43.92 3.90
CA ASP D 245 -18.59 -44.74 5.12
C ASP D 245 -19.46 -44.29 6.27
N TYR D 246 -20.01 -43.08 6.18
CA TYR D 246 -20.70 -42.45 7.30
C TYR D 246 -22.20 -42.32 7.10
N LYS D 247 -22.91 -42.33 8.21
CA LYS D 247 -24.38 -42.15 8.19
C LYS D 247 -24.76 -40.70 8.43
N LYS D 248 -23.78 -39.80 8.44
CA LYS D 248 -24.04 -38.36 8.58
C LYS D 248 -23.19 -37.58 7.58
N PRO D 249 -23.61 -36.37 7.23
CA PRO D 249 -22.92 -35.56 6.21
C PRO D 249 -21.46 -35.34 6.57
N ILE D 250 -20.61 -35.41 5.58
CA ILE D 250 -19.17 -35.31 5.81
C ILE D 250 -18.73 -33.93 6.34
N GLN D 251 -19.50 -32.86 6.07
CA GLN D 251 -19.14 -31.55 6.63
C GLN D 251 -19.15 -31.62 8.17
N GLU D 252 -20.10 -32.38 8.73
CA GLU D 252 -20.11 -32.64 10.18
C GLU D 252 -18.93 -33.45 10.69
N VAL D 253 -18.65 -34.57 10.00
CA VAL D 253 -17.52 -35.41 10.32
C VAL D 253 -16.28 -34.53 10.33
N LEU D 254 -16.11 -33.69 9.30
CA LEU D 254 -14.88 -32.91 9.22
C LEU D 254 -14.83 -31.77 10.25
N THR D 255 -15.97 -31.15 10.50
CA THR D 255 -16.01 -30.07 11.49
C THR D 255 -15.62 -30.64 12.88
N GLU D 256 -16.15 -31.80 13.22
CA GLU D 256 -15.75 -32.49 14.44
C GLU D 256 -14.29 -32.90 14.52
N MET D 257 -13.73 -33.43 13.42
CA MET D 257 -12.35 -33.91 13.37
C MET D 257 -11.36 -32.75 13.55
N SER D 258 -11.77 -31.57 13.10
CA SER D 258 -10.91 -30.39 13.10
C SER D 258 -11.24 -29.45 14.28
N ASN D 259 -12.09 -29.93 15.18
CA ASN D 259 -12.45 -29.17 16.39
C ASN D 259 -13.07 -27.83 16.03
N GLY D 260 -14.00 -27.87 15.08
CA GLY D 260 -14.81 -26.72 14.74
C GLY D 260 -14.60 -26.14 13.35
N GLY D 261 -13.90 -26.87 12.47
CA GLY D 261 -13.70 -26.49 11.08
C GLY D 261 -12.23 -26.36 10.70
N VAL D 262 -11.93 -26.59 9.40
CA VAL D 262 -10.54 -26.55 8.94
C VAL D 262 -10.13 -25.13 8.59
N ASP D 263 -8.84 -24.86 8.56
CA ASP D 263 -8.34 -23.54 8.15
C ASP D 263 -8.52 -23.30 6.63
N PHE D 264 -8.25 -24.34 5.85
CA PHE D 264 -8.35 -24.26 4.39
C PHE D 264 -9.00 -25.48 3.80
N SER D 265 -10.00 -25.32 2.94
CA SER D 265 -10.59 -26.46 2.26
C SER D 265 -10.53 -26.24 0.75
N PHE D 266 -10.54 -27.32 0.01
CA PHE D 266 -10.40 -27.26 -1.45
C PHE D 266 -11.39 -28.21 -2.07
N GLU D 267 -12.18 -27.72 -3.04
CA GLU D 267 -13.02 -28.61 -3.81
C GLU D 267 -12.30 -28.89 -5.13
N VAL D 268 -11.94 -30.15 -5.32
CA VAL D 268 -11.13 -30.54 -6.46
C VAL D 268 -11.81 -31.71 -7.15
N ILE D 269 -13.13 -31.56 -7.35
CA ILE D 269 -13.92 -32.64 -7.96
C ILE D 269 -14.71 -32.09 -9.16
N GLY D 270 -15.57 -31.12 -8.86
CA GLY D 270 -16.48 -30.56 -9.85
C GLY D 270 -17.94 -30.91 -9.61
N ARG D 271 -18.36 -30.81 -8.36
CA ARG D 271 -19.77 -31.00 -8.05
C ARG D 271 -20.29 -29.84 -7.22
N LEU D 272 -21.51 -29.39 -7.53
CA LEU D 272 -22.11 -28.30 -6.79
C LEU D 272 -22.23 -28.63 -5.29
N ASP D 273 -22.64 -29.85 -4.96
CA ASP D 273 -22.88 -30.20 -3.56
C ASP D 273 -21.58 -30.24 -2.76
N THR D 274 -20.52 -30.77 -3.36
CA THR D 274 -19.23 -30.73 -2.66
C THR D 274 -18.62 -29.33 -2.55
N MET D 275 -18.97 -28.44 -3.49
CA MET D 275 -18.49 -27.07 -3.32
C MET D 275 -19.09 -26.47 -2.07
N VAL D 276 -20.38 -26.71 -1.87
CA VAL D 276 -21.04 -26.13 -0.69
C VAL D 276 -20.51 -26.82 0.59
N THR D 277 -20.33 -28.14 0.53
CA THR D 277 -19.76 -28.91 1.67
C THR D 277 -18.37 -28.42 2.04
N ALA D 278 -17.55 -28.21 1.02
CA ALA D 278 -16.18 -27.78 1.28
C ALA D 278 -16.19 -26.40 1.93
N LEU D 279 -17.03 -25.49 1.44
CA LEU D 279 -17.16 -24.21 2.13
C LEU D 279 -17.58 -24.38 3.60
N SER D 280 -18.61 -25.19 3.81
CA SER D 280 -19.18 -25.35 5.13
C SER D 280 -18.18 -25.95 6.13
N CYS D 281 -17.23 -26.76 5.66
CA CYS D 281 -16.34 -27.46 6.58
C CYS D 281 -15.13 -26.60 7.00
N CYS D 282 -14.92 -25.45 6.36
CA CYS D 282 -13.88 -24.53 6.85
C CYS D 282 -14.45 -23.71 8.02
N GLN D 283 -13.58 -23.26 8.92
CA GLN D 283 -14.03 -22.63 10.18
C GLN D 283 -14.85 -21.39 9.85
N GLU D 284 -15.98 -21.22 10.53
CA GLU D 284 -16.96 -20.16 10.12
C GLU D 284 -16.47 -18.72 10.23
N ALA D 285 -15.47 -18.46 11.09
CA ALA D 285 -15.02 -17.10 11.39
C ALA D 285 -13.79 -16.70 10.55
N TYR D 286 -12.95 -17.67 10.19
CA TYR D 286 -11.68 -17.34 9.49
C TYR D 286 -11.24 -18.39 8.45
N GLY D 287 -12.12 -19.34 8.14
CA GLY D 287 -11.82 -20.37 7.15
C GLY D 287 -11.76 -19.82 5.73
N VAL D 288 -10.98 -20.49 4.89
CA VAL D 288 -10.87 -20.17 3.46
C VAL D 288 -11.17 -21.44 2.69
N SER D 289 -12.02 -21.34 1.67
CA SER D 289 -12.35 -22.47 0.79
C SER D 289 -12.08 -22.07 -0.65
N VAL D 290 -11.39 -22.94 -1.39
CA VAL D 290 -11.05 -22.67 -2.77
C VAL D 290 -11.70 -23.72 -3.68
N ILE D 291 -12.48 -23.22 -4.66
CA ILE D 291 -13.06 -24.07 -5.70
C ILE D 291 -12.05 -24.24 -6.81
N VAL D 292 -11.74 -25.50 -7.09
CA VAL D 292 -10.87 -25.86 -8.21
C VAL D 292 -11.65 -26.66 -9.25
N GLY D 293 -12.55 -27.56 -8.82
CA GLY D 293 -13.29 -28.41 -9.75
C GLY D 293 -14.22 -27.67 -10.69
N VAL D 294 -14.42 -28.27 -11.87
CA VAL D 294 -15.28 -27.71 -12.91
C VAL D 294 -16.62 -28.42 -12.84
N PRO D 295 -17.68 -27.69 -12.51
CA PRO D 295 -19.02 -28.26 -12.39
C PRO D 295 -19.76 -28.28 -13.75
N PRO D 296 -20.89 -29.00 -13.81
CA PRO D 296 -21.66 -29.11 -15.04
C PRO D 296 -22.13 -27.73 -15.54
N ASP D 297 -22.01 -27.56 -16.85
CA ASP D 297 -22.29 -26.30 -17.51
C ASP D 297 -23.65 -25.71 -17.15
N SER D 298 -23.63 -24.41 -16.83
CA SER D 298 -24.84 -23.58 -16.65
C SER D 298 -25.69 -23.96 -15.42
N GLN D 299 -25.15 -24.77 -14.51
CA GLN D 299 -25.89 -25.16 -13.30
C GLN D 299 -25.46 -24.29 -12.13
N ASN D 300 -26.45 -23.83 -11.37
CA ASN D 300 -26.20 -22.98 -10.21
C ASN D 300 -26.21 -23.78 -8.95
N LEU D 301 -25.32 -23.43 -8.03
CA LEU D 301 -25.43 -23.98 -6.68
C LEU D 301 -26.38 -23.13 -5.84
N SER D 302 -26.82 -23.70 -4.73
CA SER D 302 -27.67 -23.05 -3.75
C SER D 302 -26.92 -22.99 -2.43
N MET D 303 -26.81 -21.82 -1.80
CA MET D 303 -26.13 -21.73 -0.49
C MET D 303 -26.67 -20.60 0.37
N ASN D 304 -26.47 -20.73 1.67
CA ASN D 304 -26.94 -19.75 2.62
C ASN D 304 -25.83 -18.76 2.85
N PRO D 305 -26.02 -17.47 2.51
CA PRO D 305 -24.93 -16.48 2.69
C PRO D 305 -24.49 -16.29 4.13
N MET D 306 -25.24 -16.79 5.13
CA MET D 306 -24.71 -16.79 6.50
C MET D 306 -23.37 -17.51 6.61
N LEU D 307 -23.08 -18.47 5.70
CA LEU D 307 -21.79 -19.18 5.72
C LEU D 307 -20.67 -18.17 5.48
N LEU D 308 -20.96 -17.12 4.68
CA LEU D 308 -19.94 -16.09 4.42
C LEU D 308 -19.98 -14.96 5.44
N LEU D 309 -21.16 -14.53 5.85
CA LEU D 309 -21.30 -13.42 6.80
C LEU D 309 -20.53 -13.63 8.11
N SER D 310 -20.40 -14.88 8.55
CA SER D 310 -19.68 -15.17 9.79
C SER D 310 -18.17 -14.90 9.66
N GLY D 311 -17.66 -14.80 8.43
CA GLY D 311 -16.24 -14.52 8.23
C GLY D 311 -15.51 -15.40 7.23
N ARG D 312 -16.14 -16.43 6.69
CA ARG D 312 -15.48 -17.27 5.65
C ARG D 312 -15.10 -16.49 4.41
N THR D 313 -14.04 -16.97 3.74
CA THR D 313 -13.62 -16.49 2.44
C THR D 313 -13.79 -17.63 1.44
N TRP D 314 -14.39 -17.34 0.29
CA TRP D 314 -14.65 -18.35 -0.74
C TRP D 314 -14.04 -17.81 -2.00
N LYS D 315 -13.21 -18.60 -2.66
CA LYS D 315 -12.59 -18.11 -3.87
C LYS D 315 -12.43 -19.27 -4.82
N GLY D 316 -12.21 -18.97 -6.09
CA GLY D 316 -11.83 -20.02 -7.04
C GLY D 316 -10.65 -19.55 -7.85
N ALA D 317 -10.15 -20.42 -8.72
CA ALA D 317 -9.02 -20.02 -9.58
C ALA D 317 -8.85 -20.95 -10.74
N ILE D 318 -8.27 -20.41 -11.81
CA ILE D 318 -7.83 -21.19 -12.95
C ILE D 318 -6.31 -21.36 -12.87
N PHE D 319 -5.84 -22.58 -13.13
CA PHE D 319 -4.38 -22.83 -13.26
C PHE D 319 -3.64 -22.39 -12.01
N GLY D 320 -4.22 -22.67 -10.83
CA GLY D 320 -3.54 -22.36 -9.56
C GLY D 320 -3.17 -20.90 -9.32
N GLY D 321 -3.77 -19.98 -10.08
CA GLY D 321 -3.45 -18.57 -9.93
C GLY D 321 -2.20 -18.11 -10.64
N PHE D 322 -1.49 -19.05 -11.29
CA PHE D 322 -0.23 -18.72 -11.97
C PHE D 322 -0.41 -17.93 -13.26
N LYS D 323 0.31 -16.81 -13.36
CA LYS D 323 0.46 -16.13 -14.65
C LYS D 323 1.24 -17.11 -15.53
N SER D 324 0.61 -17.54 -16.61
CA SER D 324 1.04 -18.80 -17.23
C SER D 324 2.44 -18.74 -17.86
N LYS D 325 2.69 -17.73 -18.69
CA LYS D 325 3.95 -17.67 -19.44
C LYS D 325 5.12 -17.29 -18.52
N ASP D 326 4.86 -16.45 -17.52
CA ASP D 326 5.86 -16.16 -16.48
C ASP D 326 6.19 -17.42 -15.69
N SER D 327 5.17 -18.22 -15.39
CA SER D 327 5.30 -19.21 -14.30
C SER D 327 5.78 -20.57 -14.76
N VAL D 328 5.36 -20.97 -15.96
CA VAL D 328 5.63 -22.33 -16.43
C VAL D 328 7.12 -22.61 -16.55
N PRO D 329 7.91 -21.71 -17.17
CA PRO D 329 9.36 -21.98 -17.24
C PRO D 329 10.00 -22.04 -15.86
N LYS D 330 9.55 -21.19 -14.92
CA LYS D 330 10.05 -21.22 -13.52
C LYS D 330 9.68 -22.54 -12.84
N LEU D 331 8.44 -22.99 -13.01
CA LEU D 331 8.04 -24.27 -12.44
C LEU D 331 8.85 -25.44 -13.00
N VAL D 332 9.13 -25.41 -14.31
CA VAL D 332 10.01 -26.44 -14.89
C VAL D 332 11.40 -26.36 -14.27
N ALA D 333 11.95 -25.16 -14.14
CA ALA D 333 13.29 -24.98 -13.51
C ALA D 333 13.28 -25.56 -12.11
N ASP D 334 12.21 -25.31 -11.35
CA ASP D 334 12.08 -25.79 -9.97
C ASP D 334 11.99 -27.32 -9.91
N PHE D 335 11.27 -27.92 -10.85
CA PHE D 335 11.25 -29.37 -10.99
C PHE D 335 12.66 -29.90 -11.26
N MET D 336 13.39 -29.24 -12.16
CA MET D 336 14.74 -29.69 -12.54
C MET D 336 15.69 -29.54 -11.35
N ALA D 337 15.39 -28.58 -10.48
CA ALA D 337 16.13 -28.34 -9.23
C ALA D 337 15.60 -29.18 -8.04
N LYS D 338 14.77 -30.19 -8.34
CA LYS D 338 14.12 -31.10 -7.38
C LYS D 338 13.29 -30.49 -6.25
N LYS D 339 12.59 -29.39 -6.54
CA LYS D 339 11.79 -28.69 -5.52
C LYS D 339 10.45 -29.37 -5.28
N PHE D 340 10.04 -30.22 -6.22
CA PHE D 340 8.82 -31.04 -6.12
C PHE D 340 8.96 -32.24 -7.04
N ALA D 341 8.08 -33.22 -6.83
CA ALA D 341 8.08 -34.46 -7.59
C ALA D 341 6.83 -34.56 -8.45
N LEU D 342 7.00 -35.08 -9.66
CA LEU D 342 5.87 -35.37 -10.57
C LEU D 342 5.56 -36.86 -10.71
N ASP D 343 6.56 -37.73 -10.47
CA ASP D 343 6.36 -39.16 -10.54
C ASP D 343 5.10 -39.70 -9.81
N PRO D 344 4.82 -39.21 -8.59
CA PRO D 344 3.65 -39.71 -7.86
C PRO D 344 2.30 -39.51 -8.60
N LEU D 345 2.25 -38.57 -9.52
CA LEU D 345 1.02 -38.33 -10.29
C LEU D 345 0.86 -39.27 -11.46
N ILE D 346 1.98 -39.87 -11.91
CA ILE D 346 1.95 -40.63 -13.16
C ILE D 346 1.77 -42.09 -12.81
N THR D 347 0.59 -42.64 -13.13
CA THR D 347 0.30 -44.04 -12.79
C THR D 347 0.32 -44.96 -14.03
N HIS D 348 0.15 -44.40 -15.23
CA HIS D 348 0.05 -45.17 -16.48
C HIS D 348 0.70 -44.41 -17.59
N VAL D 349 1.26 -45.16 -18.54
CA VAL D 349 1.83 -44.60 -19.75
C VAL D 349 1.27 -45.44 -20.92
N LEU D 350 0.85 -44.75 -21.99
CA LEU D 350 0.31 -45.41 -23.19
C LEU D 350 0.75 -44.65 -24.43
N PRO D 351 0.86 -45.32 -25.56
CA PRO D 351 1.10 -44.61 -26.82
C PRO D 351 -0.16 -43.82 -27.16
N PHE D 352 0.01 -42.71 -27.85
CA PHE D 352 -1.11 -41.83 -28.19
C PHE D 352 -2.32 -42.56 -28.80
N GLU D 353 -2.05 -43.54 -29.65
CA GLU D 353 -3.08 -44.26 -30.37
C GLU D 353 -4.03 -45.02 -29.42
N LYS D 354 -3.59 -45.21 -28.18
CA LYS D 354 -4.40 -45.88 -27.16
C LYS D 354 -5.10 -44.86 -26.23
N ILE D 355 -5.31 -43.65 -26.73
CA ILE D 355 -5.99 -42.61 -25.97
C ILE D 355 -7.29 -43.09 -25.30
N ASN D 356 -8.13 -43.85 -26.01
CA ASN D 356 -9.43 -44.24 -25.45
C ASN D 356 -9.26 -45.16 -24.24
N GLU D 357 -8.24 -46.01 -24.29
CA GLU D 357 -7.91 -46.83 -23.12
C GLU D 357 -7.49 -45.95 -21.94
N GLY D 358 -6.76 -44.87 -22.24
CA GLY D 358 -6.37 -43.90 -21.22
C GLY D 358 -7.57 -43.23 -20.57
N PHE D 359 -8.57 -42.91 -21.37
CA PHE D 359 -9.82 -42.36 -20.82
C PHE D 359 -10.63 -43.40 -20.02
N ASP D 360 -10.65 -44.64 -20.50
CA ASP D 360 -11.29 -45.72 -19.79
C ASP D 360 -10.66 -45.89 -18.40
N LEU D 361 -9.32 -45.79 -18.31
CA LEU D 361 -8.63 -45.87 -17.03
C LEU D 361 -9.03 -44.77 -16.07
N LEU D 362 -9.18 -43.55 -16.61
CA LEU D 362 -9.61 -42.43 -15.77
C LEU D 362 -11.03 -42.66 -15.25
N ARG D 363 -11.92 -43.02 -16.17
CA ARG D 363 -13.33 -43.18 -15.81
C ARG D 363 -13.60 -44.30 -14.83
N SER D 364 -12.80 -45.35 -14.89
CA SER D 364 -13.00 -46.50 -14.02
C SER D 364 -12.47 -46.24 -12.61
N GLY D 365 -11.72 -45.14 -12.44
CA GLY D 365 -11.15 -44.81 -11.15
C GLY D 365 -9.76 -45.38 -10.92
N GLU D 366 -9.20 -46.06 -11.93
CA GLU D 366 -7.93 -46.76 -11.75
C GLU D 366 -6.71 -45.84 -11.87
N SER D 367 -6.80 -44.79 -12.67
CA SER D 367 -5.62 -43.97 -12.88
C SER D 367 -5.63 -42.63 -12.15
N ILE D 368 -4.44 -42.07 -11.97
CA ILE D 368 -4.34 -40.64 -11.65
C ILE D 368 -4.07 -39.96 -12.99
N ARG D 369 -2.79 -39.86 -13.39
CA ARG D 369 -2.46 -39.37 -14.74
C ARG D 369 -1.88 -40.48 -15.62
N THR D 370 -2.52 -40.66 -16.76
CA THR D 370 -1.95 -41.41 -17.89
C THR D 370 -1.27 -40.39 -18.75
N ILE D 371 0.01 -40.64 -19.09
CA ILE D 371 0.71 -39.79 -20.04
C ILE D 371 0.77 -40.54 -21.36
N LEU D 372 0.33 -39.88 -22.44
CA LEU D 372 0.37 -40.45 -23.79
C LEU D 372 1.64 -39.96 -24.45
N THR D 373 2.34 -40.88 -25.12
CA THR D 373 3.55 -40.56 -25.84
C THR D 373 3.29 -40.69 -27.33
N PHE D 374 3.89 -39.79 -28.11
CA PHE D 374 3.65 -39.74 -29.54
C PHE D 374 4.70 -40.48 -30.34
#